data_8IKS
# 
_entry.id   8IKS 
# 
_audit_conform.dict_name       mmcif_pdbx.dic 
_audit_conform.dict_version    5.387 
_audit_conform.dict_location   http://mmcif.pdb.org/dictionaries/ascii/mmcif_pdbx.dic 
# 
loop_
_database_2.database_id 
_database_2.database_code 
_database_2.pdbx_database_accession 
_database_2.pdbx_DOI 
PDB   8IKS         pdb_00008iks 10.2210/pdb8iks/pdb 
WWPDB D_1300035910 ?            ?                   
EMDB  EMD-35520    ?            ?                   
# 
_pdbx_audit_revision_history.ordinal             1 
_pdbx_audit_revision_history.data_content_type   'Structure model' 
_pdbx_audit_revision_history.major_revision      1 
_pdbx_audit_revision_history.minor_revision      0 
_pdbx_audit_revision_history.revision_date       2024-03-06 
# 
_pdbx_audit_revision_details.ordinal             1 
_pdbx_audit_revision_details.revision_ordinal    1 
_pdbx_audit_revision_details.data_content_type   'Structure model' 
_pdbx_audit_revision_details.provider            repository 
_pdbx_audit_revision_details.type                'Initial release' 
_pdbx_audit_revision_details.description         ? 
_pdbx_audit_revision_details.details             ? 
# 
_pdbx_database_status.status_code                     REL 
_pdbx_database_status.status_code_sf                  ? 
_pdbx_database_status.status_code_mr                  ? 
_pdbx_database_status.entry_id                        8IKS 
_pdbx_database_status.recvd_initial_deposition_date   2023-03-01 
_pdbx_database_status.SG_entry                        N 
_pdbx_database_status.deposit_site                    PDBJ 
_pdbx_database_status.process_site                    PDBJ 
_pdbx_database_status.status_code_cs                  ? 
_pdbx_database_status.status_code_nmr_data            ? 
_pdbx_database_status.methods_development_category    ? 
_pdbx_database_status.pdb_format_compatible           Y 
# 
_pdbx_database_related.db_name        EMDB 
_pdbx_database_related.details        'Cryo-EM structure of hnRAC1-2I8I fibril.' 
_pdbx_database_related.db_id          EMD-35520 
_pdbx_database_related.content_type   'associated EM volume' 
# 
_pdbx_contact_author.id                 2 
_pdbx_contact_author.email              dannielee@sjtu.edu.cn 
_pdbx_contact_author.name_first         Cong 
_pdbx_contact_author.name_last          Liu 
_pdbx_contact_author.name_mi            ? 
_pdbx_contact_author.role               'principal investigator/group leader' 
_pdbx_contact_author.identifier_ORCID   0000-0003-3425-6672 
# 
loop_
_audit_author.name 
_audit_author.pdbx_ordinal 
_audit_author.identifier_ORCID 
'Li, D.N.' 1 ? 
'Ma, Y.Y.' 2 ? 
'Li, D.'   3 ? 
'Dai, B.'  4 ? 
'Liu, C.'  5 ? 
# 
_citation.abstract                  ? 
_citation.abstract_id_CAS           ? 
_citation.book_id_ISBN              ? 
_citation.book_publisher            ? 
_citation.book_publisher_city       ? 
_citation.book_title                ? 
_citation.coordinate_linkage        ? 
_citation.country                   ? 
_citation.database_id_Medline       ? 
_citation.details                   ? 
_citation.id                        primary 
_citation.journal_abbrev            'To Be Published' 
_citation.journal_id_ASTM           ? 
_citation.journal_id_CSD            0353 
_citation.journal_id_ISSN           ? 
_citation.journal_full              ? 
_citation.journal_issue             ? 
_citation.journal_volume            ? 
_citation.language                  ? 
_citation.page_first                ? 
_citation.page_last                 ? 
_citation.title                     'Cryo-EM structure of hnRAC1-2I8I fibril.' 
_citation.year                      ? 
_citation.database_id_CSD           ? 
_citation.pdbx_database_id_DOI      ? 
_citation.pdbx_database_id_PubMed   ? 
_citation.pdbx_database_id_patent   ? 
_citation.unpublished_flag          ? 
# 
loop_
_citation_author.citation_id 
_citation_author.name 
_citation_author.ordinal 
_citation_author.identifier_ORCID 
primary 'Li, D.N.' 1 ? 
primary 'Ma, Y.Y.' 2 ? 
primary 'Li, D.'   3 ? 
primary 'Dai, B.'  4 ? 
primary 'Liu, C.'  5 ? 
# 
_entity.id                         1 
_entity.type                       polymer 
_entity.src_method                 syn 
_entity.pdbx_description           GLY-PHI-GLY-GLY-ASN-ASP-ASN-PHI-GLY 
_entity.formula_weight             1135.657 
_entity.pdbx_number_of_molecules   16 
_entity.pdbx_ec                    ? 
_entity.pdbx_mutation              ? 
_entity.pdbx_fragment              ? 
_entity.details                    ? 
# 
_entity_poly.entity_id                      1 
_entity_poly.type                           'polypeptide(L)' 
_entity_poly.nstd_linkage                   no 
_entity_poly.nstd_monomer                   yes 
_entity_poly.pdbx_seq_one_letter_code       'G(PHI)GGNDN(PHI)G' 
_entity_poly.pdbx_seq_one_letter_code_can   GFGGNDNFG 
_entity_poly.pdbx_strand_id                 F,A,B,C,D,E,M,G,H,J,K,L,N,O,P,I 
_entity_poly.pdbx_target_identifier         ? 
# 
loop_
_entity_poly_seq.entity_id 
_entity_poly_seq.num 
_entity_poly_seq.mon_id 
_entity_poly_seq.hetero 
1 1 GLY n 
1 2 PHI n 
1 3 GLY n 
1 4 GLY n 
1 5 ASN n 
1 6 ASP n 
1 7 ASN n 
1 8 PHI n 
1 9 GLY n 
# 
_pdbx_entity_src_syn.entity_id              1 
_pdbx_entity_src_syn.pdbx_src_id            1 
_pdbx_entity_src_syn.pdbx_alt_source_flag   sample 
_pdbx_entity_src_syn.pdbx_beg_seq_num       1 
_pdbx_entity_src_syn.pdbx_end_seq_num       9 
_pdbx_entity_src_syn.organism_scientific    'Homo sapiens' 
_pdbx_entity_src_syn.organism_common_name   ? 
_pdbx_entity_src_syn.ncbi_taxonomy_id       9606 
_pdbx_entity_src_syn.details                ? 
# 
loop_
_chem_comp.id 
_chem_comp.type 
_chem_comp.mon_nstd_flag 
_chem_comp.name 
_chem_comp.pdbx_synonyms 
_chem_comp.formula 
_chem_comp.formula_weight 
ASN 'L-peptide linking' y ASPARAGINE         ? 'C4 H8 N2 O3'   132.118 
ASP 'L-peptide linking' y 'ASPARTIC ACID'    ? 'C4 H7 N O4'    133.103 
GLY 'peptide linking'   y GLYCINE            ? 'C2 H5 N O2'    75.067  
PHI 'L-peptide linking' n IODO-PHENYLALANINE ? 'C9 H10 I N O2' 291.086 
# 
loop_
_pdbx_poly_seq_scheme.asym_id 
_pdbx_poly_seq_scheme.entity_id 
_pdbx_poly_seq_scheme.seq_id 
_pdbx_poly_seq_scheme.mon_id 
_pdbx_poly_seq_scheme.ndb_seq_num 
_pdbx_poly_seq_scheme.pdb_seq_num 
_pdbx_poly_seq_scheme.auth_seq_num 
_pdbx_poly_seq_scheme.pdb_mon_id 
_pdbx_poly_seq_scheme.auth_mon_id 
_pdbx_poly_seq_scheme.pdb_strand_id 
_pdbx_poly_seq_scheme.pdb_ins_code 
_pdbx_poly_seq_scheme.hetero 
A 1 1 GLY 1 215 215 GLY GLY F . n 
A 1 2 PHI 2 216 216 PHI PHI F . n 
A 1 3 GLY 3 217 217 GLY GLY F . n 
A 1 4 GLY 4 218 218 GLY GLY F . n 
A 1 5 ASN 5 219 219 ASN ASN F . n 
A 1 6 ASP 6 220 220 ASP ASP F . n 
A 1 7 ASN 7 221 221 ASN ASN F . n 
A 1 8 PHI 8 222 222 PHI PHI F . n 
A 1 9 GLY 9 223 223 GLY GLY F . n 
B 1 1 GLY 1 215 215 GLY GLY A . n 
B 1 2 PHI 2 216 216 PHI PHI A . n 
B 1 3 GLY 3 217 217 GLY GLY A . n 
B 1 4 GLY 4 218 218 GLY GLY A . n 
B 1 5 ASN 5 219 219 ASN ASN A . n 
B 1 6 ASP 6 220 220 ASP ASP A . n 
B 1 7 ASN 7 221 221 ASN ASN A . n 
B 1 8 PHI 8 222 222 PHI PHI A . n 
B 1 9 GLY 9 223 223 GLY GLY A . n 
C 1 1 GLY 1 215 215 GLY GLY B . n 
C 1 2 PHI 2 216 216 PHI PHI B . n 
C 1 3 GLY 3 217 217 GLY GLY B . n 
C 1 4 GLY 4 218 218 GLY GLY B . n 
C 1 5 ASN 5 219 219 ASN ASN B . n 
C 1 6 ASP 6 220 220 ASP ASP B . n 
C 1 7 ASN 7 221 221 ASN ASN B . n 
C 1 8 PHI 8 222 222 PHI PHI B . n 
C 1 9 GLY 9 223 223 GLY GLY B . n 
D 1 1 GLY 1 215 215 GLY GLY C . n 
D 1 2 PHI 2 216 216 PHI PHI C . n 
D 1 3 GLY 3 217 217 GLY GLY C . n 
D 1 4 GLY 4 218 218 GLY GLY C . n 
D 1 5 ASN 5 219 219 ASN ASN C . n 
D 1 6 ASP 6 220 220 ASP ASP C . n 
D 1 7 ASN 7 221 221 ASN ASN C . n 
D 1 8 PHI 8 222 222 PHI PHI C . n 
D 1 9 GLY 9 223 223 GLY GLY C . n 
E 1 1 GLY 1 215 215 GLY GLY D . n 
E 1 2 PHI 2 216 216 PHI PHI D . n 
E 1 3 GLY 3 217 217 GLY GLY D . n 
E 1 4 GLY 4 218 218 GLY GLY D . n 
E 1 5 ASN 5 219 219 ASN ASN D . n 
E 1 6 ASP 6 220 220 ASP ASP D . n 
E 1 7 ASN 7 221 221 ASN ASN D . n 
E 1 8 PHI 8 222 222 PHI PHI D . n 
E 1 9 GLY 9 223 223 GLY GLY D . n 
F 1 1 GLY 1 215 215 GLY GLY E . n 
F 1 2 PHI 2 216 216 PHI PHI E . n 
F 1 3 GLY 3 217 217 GLY GLY E . n 
F 1 4 GLY 4 218 218 GLY GLY E . n 
F 1 5 ASN 5 219 219 ASN ASN E . n 
F 1 6 ASP 6 220 220 ASP ASP E . n 
F 1 7 ASN 7 221 221 ASN ASN E . n 
F 1 8 PHI 8 222 222 PHI PHI E . n 
F 1 9 GLY 9 223 223 GLY GLY E . n 
G 1 1 GLY 1 215 215 GLY GLY M . n 
G 1 2 PHI 2 216 216 PHI PHI M . n 
G 1 3 GLY 3 217 217 GLY GLY M . n 
G 1 4 GLY 4 218 218 GLY GLY M . n 
G 1 5 ASN 5 219 219 ASN ASN M . n 
G 1 6 ASP 6 220 220 ASP ASP M . n 
G 1 7 ASN 7 221 221 ASN ASN M . n 
G 1 8 PHI 8 222 222 PHI PHI M . n 
G 1 9 GLY 9 223 223 GLY GLY M . n 
H 1 1 GLY 1 215 215 GLY GLY G . n 
H 1 2 PHI 2 216 216 PHI PHI G . n 
H 1 3 GLY 3 217 217 GLY GLY G . n 
H 1 4 GLY 4 218 218 GLY GLY G . n 
H 1 5 ASN 5 219 219 ASN ASN G . n 
H 1 6 ASP 6 220 220 ASP ASP G . n 
H 1 7 ASN 7 221 221 ASN ASN G . n 
H 1 8 PHI 8 222 222 PHI PHI G . n 
H 1 9 GLY 9 223 223 GLY GLY G . n 
I 1 1 GLY 1 215 215 GLY GLY H . n 
I 1 2 PHI 2 216 216 PHI PHI H . n 
I 1 3 GLY 3 217 217 GLY GLY H . n 
I 1 4 GLY 4 218 218 GLY GLY H . n 
I 1 5 ASN 5 219 219 ASN ASN H . n 
I 1 6 ASP 6 220 220 ASP ASP H . n 
I 1 7 ASN 7 221 221 ASN ASN H . n 
I 1 8 PHI 8 222 222 PHI PHI H . n 
I 1 9 GLY 9 223 223 GLY GLY H . n 
J 1 1 GLY 1 215 215 GLY GLY J . n 
J 1 2 PHI 2 216 216 PHI PHI J . n 
J 1 3 GLY 3 217 217 GLY GLY J . n 
J 1 4 GLY 4 218 218 GLY GLY J . n 
J 1 5 ASN 5 219 219 ASN ASN J . n 
J 1 6 ASP 6 220 220 ASP ASP J . n 
J 1 7 ASN 7 221 221 ASN ASN J . n 
J 1 8 PHI 8 222 222 PHI PHI J . n 
J 1 9 GLY 9 223 223 GLY GLY J . n 
K 1 1 GLY 1 215 215 GLY GLY K . n 
K 1 2 PHI 2 216 216 PHI PHI K . n 
K 1 3 GLY 3 217 217 GLY GLY K . n 
K 1 4 GLY 4 218 218 GLY GLY K . n 
K 1 5 ASN 5 219 219 ASN ASN K . n 
K 1 6 ASP 6 220 220 ASP ASP K . n 
K 1 7 ASN 7 221 221 ASN ASN K . n 
K 1 8 PHI 8 222 222 PHI PHI K . n 
K 1 9 GLY 9 223 223 GLY GLY K . n 
L 1 1 GLY 1 215 215 GLY GLY L . n 
L 1 2 PHI 2 216 216 PHI PHI L . n 
L 1 3 GLY 3 217 217 GLY GLY L . n 
L 1 4 GLY 4 218 218 GLY GLY L . n 
L 1 5 ASN 5 219 219 ASN ASN L . n 
L 1 6 ASP 6 220 220 ASP ASP L . n 
L 1 7 ASN 7 221 221 ASN ASN L . n 
L 1 8 PHI 8 222 222 PHI PHI L . n 
L 1 9 GLY 9 223 223 GLY GLY L . n 
M 1 1 GLY 1 215 215 GLY GLY N . n 
M 1 2 PHI 2 216 216 PHI PHI N . n 
M 1 3 GLY 3 217 217 GLY GLY N . n 
M 1 4 GLY 4 218 218 GLY GLY N . n 
M 1 5 ASN 5 219 219 ASN ASN N . n 
M 1 6 ASP 6 220 220 ASP ASP N . n 
M 1 7 ASN 7 221 221 ASN ASN N . n 
M 1 8 PHI 8 222 222 PHI PHI N . n 
M 1 9 GLY 9 223 223 GLY GLY N . n 
N 1 1 GLY 1 215 215 GLY GLY O . n 
N 1 2 PHI 2 216 216 PHI PHI O . n 
N 1 3 GLY 3 217 217 GLY GLY O . n 
N 1 4 GLY 4 218 218 GLY GLY O . n 
N 1 5 ASN 5 219 219 ASN ASN O . n 
N 1 6 ASP 6 220 220 ASP ASP O . n 
N 1 7 ASN 7 221 221 ASN ASN O . n 
N 1 8 PHI 8 222 222 PHI PHI O . n 
N 1 9 GLY 9 223 223 GLY GLY O . n 
O 1 1 GLY 1 215 215 GLY GLY P . n 
O 1 2 PHI 2 216 216 PHI PHI P . n 
O 1 3 GLY 3 217 217 GLY GLY P . n 
O 1 4 GLY 4 218 218 GLY GLY P . n 
O 1 5 ASN 5 219 219 ASN ASN P . n 
O 1 6 ASP 6 220 220 ASP ASP P . n 
O 1 7 ASN 7 221 221 ASN ASN P . n 
O 1 8 PHI 8 222 222 PHI PHI P . n 
O 1 9 GLY 9 223 223 GLY GLY P . n 
P 1 1 GLY 1 215 215 GLY GLY I . n 
P 1 2 PHI 2 216 216 PHI PHI I . n 
P 1 3 GLY 3 217 217 GLY GLY I . n 
P 1 4 GLY 4 218 218 GLY GLY I . n 
P 1 5 ASN 5 219 219 ASN ASN I . n 
P 1 6 ASP 6 220 220 ASP ASP I . n 
P 1 7 ASN 7 221 221 ASN ASN I . n 
P 1 8 PHI 8 222 222 PHI PHI I . n 
P 1 9 GLY 9 223 223 GLY GLY I . n 
# 
_cell.angle_alpha                  90.00 
_cell.angle_alpha_esd              ? 
_cell.angle_beta                   90.00 
_cell.angle_beta_esd               ? 
_cell.angle_gamma                  90.00 
_cell.angle_gamma_esd              ? 
_cell.entry_id                     8IKS 
_cell.details                      ? 
_cell.formula_units_Z              ? 
_cell.length_a                     1.00 
_cell.length_a_esd                 ? 
_cell.length_b                     1.00 
_cell.length_b_esd                 ? 
_cell.length_c                     1.00 
_cell.length_c_esd                 ? 
_cell.volume                       ? 
_cell.volume_esd                   ? 
_cell.Z_PDB                        ? 
_cell.reciprocal_angle_alpha       ? 
_cell.reciprocal_angle_beta        ? 
_cell.reciprocal_angle_gamma       ? 
_cell.reciprocal_angle_alpha_esd   ? 
_cell.reciprocal_angle_beta_esd    ? 
_cell.reciprocal_angle_gamma_esd   ? 
_cell.reciprocal_length_a          ? 
_cell.reciprocal_length_b          ? 
_cell.reciprocal_length_c          ? 
_cell.reciprocal_length_a_esd      ? 
_cell.reciprocal_length_b_esd      ? 
_cell.reciprocal_length_c_esd      ? 
_cell.pdbx_unique_axis             ? 
_cell.pdbx_esd_method              ? 
# 
_symmetry.entry_id                         8IKS 
_symmetry.cell_setting                     ? 
_symmetry.Int_Tables_number                1 
_symmetry.space_group_name_Hall            ? 
_symmetry.space_group_name_H-M             'P 1' 
_symmetry.pdbx_full_space_group_name_H-M   ? 
# 
_exptl.absorpt_coefficient_mu     ? 
_exptl.absorpt_correction_T_max   ? 
_exptl.absorpt_correction_T_min   ? 
_exptl.absorpt_correction_type    ? 
_exptl.absorpt_process_details    ? 
_exptl.entry_id                   8IKS 
_exptl.crystals_number            ? 
_exptl.details                    ? 
_exptl.method                     'ELECTRON MICROSCOPY' 
_exptl.method_details             ? 
# 
_refine.pdbx_refine_id                           'ELECTRON MICROSCOPY' 
_refine.entry_id                                 8IKS 
_refine.pdbx_diffrn_id                           ? 
_refine.pdbx_TLS_residual_ADP_flag               ? 
_refine.ls_number_reflns_obs                     ? 
_refine.ls_number_reflns_all                     ? 
_refine.pdbx_ls_sigma_I                          ? 
_refine.pdbx_ls_sigma_F                          ? 
_refine.pdbx_data_cutoff_high_absF               ? 
_refine.pdbx_data_cutoff_low_absF                ? 
_refine.pdbx_data_cutoff_high_rms_absF           ? 
_refine.ls_d_res_low                             ? 
_refine.ls_d_res_high                            . 
_refine.ls_percent_reflns_obs                    ? 
_refine.ls_R_factor_obs                          ? 
_refine.ls_R_factor_all                          ? 
_refine.ls_R_factor_R_work                       ? 
_refine.ls_R_factor_R_free                       ? 
_refine.ls_R_factor_R_free_error                 ? 
_refine.ls_R_factor_R_free_error_details         ? 
_refine.ls_percent_reflns_R_free                 ? 
_refine.ls_number_reflns_R_free                  ? 
_refine.ls_number_parameters                     ? 
_refine.ls_number_restraints                     ? 
_refine.occupancy_min                            ? 
_refine.occupancy_max                            ? 
_refine.correlation_coeff_Fo_to_Fc               ? 
_refine.correlation_coeff_Fo_to_Fc_free          ? 
_refine.B_iso_mean                               ? 
_refine.aniso_B[1][1]                            ? 
_refine.aniso_B[2][2]                            ? 
_refine.aniso_B[3][3]                            ? 
_refine.aniso_B[1][2]                            ? 
_refine.aniso_B[1][3]                            ? 
_refine.aniso_B[2][3]                            ? 
_refine.solvent_model_details                    ? 
_refine.solvent_model_param_ksol                 ? 
_refine.solvent_model_param_bsol                 ? 
_refine.pdbx_solvent_vdw_probe_radii             ? 
_refine.pdbx_solvent_ion_probe_radii             ? 
_refine.pdbx_solvent_shrinkage_radii             ? 
_refine.pdbx_ls_cross_valid_method               ? 
_refine.details                                  ? 
_refine.pdbx_starting_model                      ? 
_refine.pdbx_method_to_determine_struct          ? 
_refine.pdbx_isotropic_thermal_model             ? 
_refine.pdbx_stereochemistry_target_values       ? 
_refine.pdbx_stereochem_target_val_spec_case     ? 
_refine.pdbx_R_Free_selection_details            ? 
_refine.pdbx_overall_ESU_R                       ? 
_refine.pdbx_overall_ESU_R_Free                  ? 
_refine.overall_SU_ML                            ? 
_refine.pdbx_overall_phase_error                 ? 
_refine.overall_SU_B                             ? 
_refine.overall_SU_R_Cruickshank_DPI             ? 
_refine.pdbx_overall_SU_R_free_Cruickshank_DPI   ? 
_refine.pdbx_overall_SU_R_Blow_DPI               ? 
_refine.pdbx_overall_SU_R_free_Blow_DPI          ? 
# 
loop_
_refine_ls_restr.pdbx_refine_id 
_refine_ls_restr.criterion 
_refine_ls_restr.dev_ideal 
_refine_ls_restr.dev_ideal_target 
_refine_ls_restr.number 
_refine_ls_restr.rejects 
_refine_ls_restr.type 
_refine_ls_restr.weight 
_refine_ls_restr.pdbx_restraint_function 
'ELECTRON MICROSCOPY' ? 0.008  ? 1040 ? f_bond_d           ? ? 
'ELECTRON MICROSCOPY' ? 1.591  ? 1376 ? f_angle_d          ? ? 
'ELECTRON MICROSCOPY' ? 13.888 ? 416  ? f_dihedral_angle_d ? ? 
'ELECTRON MICROSCOPY' ? 0.057  ? 80   ? f_chiral_restr     ? ? 
'ELECTRON MICROSCOPY' ? 0.004  ? 208  ? f_plane_restr      ? ? 
# 
_struct.entry_id                     8IKS 
_struct.title                        'Cryo-EM structure of hnRAC1-2I8I fibril.' 
_struct.pdbx_model_details           ? 
_struct.pdbx_formula_weight          ? 
_struct.pdbx_formula_weight_method   ? 
_struct.pdbx_model_type_details      ? 
_struct.pdbx_CASP_flag               N 
# 
_struct_keywords.entry_id        8IKS 
_struct_keywords.text            'irreversible fibril, PROTEIN FIBRIL' 
_struct_keywords.pdbx_keywords   'PROTEIN FIBRIL' 
# 
loop_
_struct_asym.id 
_struct_asym.pdbx_blank_PDB_chainid_flag 
_struct_asym.pdbx_modified 
_struct_asym.entity_id 
_struct_asym.details 
A N N 1 ? 
B N N 1 ? 
C N N 1 ? 
D N N 1 ? 
E N N 1 ? 
F N N 1 ? 
G N N 1 ? 
H N N 1 ? 
I N N 1 ? 
J N N 1 ? 
K N N 1 ? 
L N N 1 ? 
M N N 1 ? 
N N N 1 ? 
O N N 1 ? 
P N N 1 ? 
# 
_struct_ref.id                         1 
_struct_ref.db_name                    PDB 
_struct_ref.db_code                    8IKS 
_struct_ref.pdbx_db_accession          8IKS 
_struct_ref.pdbx_db_isoform            ? 
_struct_ref.entity_id                  1 
_struct_ref.pdbx_seq_one_letter_code   ? 
_struct_ref.pdbx_align_begin           1 
# 
loop_
_struct_ref_seq.align_id 
_struct_ref_seq.ref_id 
_struct_ref_seq.pdbx_PDB_id_code 
_struct_ref_seq.pdbx_strand_id 
_struct_ref_seq.seq_align_beg 
_struct_ref_seq.pdbx_seq_align_beg_ins_code 
_struct_ref_seq.seq_align_end 
_struct_ref_seq.pdbx_seq_align_end_ins_code 
_struct_ref_seq.pdbx_db_accession 
_struct_ref_seq.db_align_beg 
_struct_ref_seq.pdbx_db_align_beg_ins_code 
_struct_ref_seq.db_align_end 
_struct_ref_seq.pdbx_db_align_end_ins_code 
_struct_ref_seq.pdbx_auth_seq_align_beg 
_struct_ref_seq.pdbx_auth_seq_align_end 
1  1 8IKS F 1 ? 9 ? 8IKS 215 ? 223 ? 215 223 
2  1 8IKS A 1 ? 9 ? 8IKS 215 ? 223 ? 215 223 
3  1 8IKS B 1 ? 9 ? 8IKS 215 ? 223 ? 215 223 
4  1 8IKS C 1 ? 9 ? 8IKS 215 ? 223 ? 215 223 
5  1 8IKS D 1 ? 9 ? 8IKS 215 ? 223 ? 215 223 
6  1 8IKS E 1 ? 9 ? 8IKS 215 ? 223 ? 215 223 
7  1 8IKS M 1 ? 9 ? 8IKS 215 ? 223 ? 215 223 
8  1 8IKS G 1 ? 9 ? 8IKS 215 ? 223 ? 215 223 
9  1 8IKS H 1 ? 9 ? 8IKS 215 ? 223 ? 215 223 
10 1 8IKS J 1 ? 9 ? 8IKS 215 ? 223 ? 215 223 
11 1 8IKS K 1 ? 9 ? 8IKS 215 ? 223 ? 215 223 
12 1 8IKS L 1 ? 9 ? 8IKS 215 ? 223 ? 215 223 
13 1 8IKS N 1 ? 9 ? 8IKS 215 ? 223 ? 215 223 
14 1 8IKS O 1 ? 9 ? 8IKS 215 ? 223 ? 215 223 
15 1 8IKS P 1 ? 9 ? 8IKS 215 ? 223 ? 215 223 
16 1 8IKS I 1 ? 9 ? 8IKS 215 ? 223 ? 215 223 
# 
_pdbx_struct_assembly.id                   1 
_pdbx_struct_assembly.details              author_defined_assembly 
_pdbx_struct_assembly.method_details       ? 
_pdbx_struct_assembly.oligomeric_details   hexadecameric 
_pdbx_struct_assembly.oligomeric_count     16 
# 
_pdbx_struct_assembly_gen.assembly_id       1 
_pdbx_struct_assembly_gen.oper_expression   1 
_pdbx_struct_assembly_gen.asym_id_list      A,B,C,D,E,F,G,H,I,J,K,L,M,N,O,P 
# 
_pdbx_struct_assembly_auth_evidence.id                     1 
_pdbx_struct_assembly_auth_evidence.assembly_id            1 
_pdbx_struct_assembly_auth_evidence.experimental_support   'electron microscopy' 
_pdbx_struct_assembly_auth_evidence.details                ? 
# 
_pdbx_struct_oper_list.id                   1 
_pdbx_struct_oper_list.type                 'identity operation' 
_pdbx_struct_oper_list.name                 1_555 
_pdbx_struct_oper_list.symmetry_operation   ? 
_pdbx_struct_oper_list.matrix[1][1]         1.0000000000 
_pdbx_struct_oper_list.matrix[1][2]         0.0000000000 
_pdbx_struct_oper_list.matrix[1][3]         0.0000000000 
_pdbx_struct_oper_list.vector[1]            0.0000000000 
_pdbx_struct_oper_list.matrix[2][1]         0.0000000000 
_pdbx_struct_oper_list.matrix[2][2]         1.0000000000 
_pdbx_struct_oper_list.matrix[2][3]         0.0000000000 
_pdbx_struct_oper_list.vector[2]            0.0000000000 
_pdbx_struct_oper_list.matrix[3][1]         0.0000000000 
_pdbx_struct_oper_list.matrix[3][2]         0.0000000000 
_pdbx_struct_oper_list.matrix[3][3]         1.0000000000 
_pdbx_struct_oper_list.vector[3]            0.0000000000 
# 
loop_
_struct_conn.id 
_struct_conn.conn_type_id 
_struct_conn.pdbx_leaving_atom_flag 
_struct_conn.pdbx_PDB_id 
_struct_conn.ptnr1_label_asym_id 
_struct_conn.ptnr1_label_comp_id 
_struct_conn.ptnr1_label_seq_id 
_struct_conn.ptnr1_label_atom_id 
_struct_conn.pdbx_ptnr1_label_alt_id 
_struct_conn.pdbx_ptnr1_PDB_ins_code 
_struct_conn.pdbx_ptnr1_standard_comp_id 
_struct_conn.ptnr1_symmetry 
_struct_conn.ptnr2_label_asym_id 
_struct_conn.ptnr2_label_comp_id 
_struct_conn.ptnr2_label_seq_id 
_struct_conn.ptnr2_label_atom_id 
_struct_conn.pdbx_ptnr2_label_alt_id 
_struct_conn.pdbx_ptnr2_PDB_ins_code 
_struct_conn.ptnr1_auth_asym_id 
_struct_conn.ptnr1_auth_comp_id 
_struct_conn.ptnr1_auth_seq_id 
_struct_conn.ptnr2_auth_asym_id 
_struct_conn.ptnr2_auth_comp_id 
_struct_conn.ptnr2_auth_seq_id 
_struct_conn.ptnr2_symmetry 
_struct_conn.pdbx_ptnr3_label_atom_id 
_struct_conn.pdbx_ptnr3_label_seq_id 
_struct_conn.pdbx_ptnr3_label_comp_id 
_struct_conn.pdbx_ptnr3_label_asym_id 
_struct_conn.pdbx_ptnr3_label_alt_id 
_struct_conn.pdbx_ptnr3_PDB_ins_code 
_struct_conn.details 
_struct_conn.pdbx_dist_value 
_struct_conn.pdbx_value_order 
_struct_conn.pdbx_role 
covale1  covale both ? A GLY 1 C   ? ? ? 1_555 A PHI 2 N ? ? F GLY 215 F PHI 216 1_555 ? ? ? ? ? ? ? 1.332 ? ? 
covale2  covale both ? A PHI 2 C   ? ? ? 1_555 A GLY 3 N ? ? F PHI 216 F GLY 217 1_555 ? ? ? ? ? ? ? 1.344 ? ? 
covale3  covale none ? A PHI 2 CE1 ? ? ? 1_555 N PHI 8 I ? ? F PHI 216 O PHI 222 1_555 ? ? ? ? ? ? ? 2.254 ? ? 
covale4  covale both ? A ASN 7 C   ? ? ? 1_555 A PHI 8 N ? ? F ASN 221 F PHI 222 1_555 ? ? ? ? ? ? ? 1.329 ? ? 
covale5  covale both ? A PHI 8 C   ? ? ? 1_555 A GLY 9 N ? ? F PHI 222 F GLY 223 1_555 ? ? ? ? ? ? ? 1.321 ? ? 
covale6  covale both ? B GLY 1 C   ? ? ? 1_555 B PHI 2 N ? ? A GLY 215 A PHI 216 1_555 ? ? ? ? ? ? ? 1.327 ? ? 
covale7  covale both ? B PHI 2 C   ? ? ? 1_555 B GLY 3 N ? ? A PHI 216 A GLY 217 1_555 ? ? ? ? ? ? ? 1.329 ? ? 
covale8  covale both ? B ASN 7 C   ? ? ? 1_555 B PHI 8 N ? ? A ASN 221 A PHI 222 1_555 ? ? ? ? ? ? ? 1.324 ? ? 
covale9  covale both ? B PHI 8 C   ? ? ? 1_555 B GLY 9 N ? ? A PHI 222 A GLY 223 1_555 ? ? ? ? ? ? ? 1.327 ? ? 
covale10 covale both ? C GLY 1 C   ? ? ? 1_555 C PHI 2 N ? ? B GLY 215 B PHI 216 1_555 ? ? ? ? ? ? ? 1.328 ? ? 
covale11 covale both ? C PHI 2 C   ? ? ? 1_555 C GLY 3 N ? ? B PHI 216 B GLY 217 1_555 ? ? ? ? ? ? ? 1.328 ? ? 
covale12 covale both ? C ASN 7 C   ? ? ? 1_555 C PHI 8 N ? ? B ASN 221 B PHI 222 1_555 ? ? ? ? ? ? ? 1.323 ? ? 
covale13 covale both ? C PHI 8 C   ? ? ? 1_555 C GLY 9 N ? ? B PHI 222 B GLY 223 1_555 ? ? ? ? ? ? ? 1.321 ? ? 
covale14 covale both ? D GLY 1 C   ? ? ? 1_555 D PHI 2 N ? ? C GLY 215 C PHI 216 1_555 ? ? ? ? ? ? ? 1.330 ? ? 
covale15 covale both ? D PHI 2 C   ? ? ? 1_555 D GLY 3 N ? ? C PHI 216 C GLY 217 1_555 ? ? ? ? ? ? ? 1.321 ? ? 
covale16 covale both ? D ASN 7 C   ? ? ? 1_555 D PHI 8 N ? ? C ASN 221 C PHI 222 1_555 ? ? ? ? ? ? ? 1.327 ? ? 
covale17 covale both ? D PHI 8 C   ? ? ? 1_555 D GLY 9 N ? ? C PHI 222 C GLY 223 1_555 ? ? ? ? ? ? ? 1.324 ? ? 
covale18 covale both ? E GLY 1 C   ? ? ? 1_555 E PHI 2 N ? ? D GLY 215 D PHI 216 1_555 ? ? ? ? ? ? ? 1.327 ? ? 
covale19 covale both ? E PHI 2 C   ? ? ? 1_555 E GLY 3 N ? ? D PHI 216 D GLY 217 1_555 ? ? ? ? ? ? ? 1.327 ? ? 
covale20 covale both ? E ASN 7 C   ? ? ? 1_555 E PHI 8 N ? ? D ASN 221 D PHI 222 1_555 ? ? ? ? ? ? ? 1.322 ? ? 
covale21 covale both ? E PHI 8 C   ? ? ? 1_555 E GLY 9 N ? ? D PHI 222 D GLY 223 1_555 ? ? ? ? ? ? ? 1.326 ? ? 
covale22 covale both ? F GLY 1 C   ? ? ? 1_555 F PHI 2 N ? ? E GLY 215 E PHI 216 1_555 ? ? ? ? ? ? ? 1.327 ? ? 
covale23 covale both ? F PHI 2 C   ? ? ? 1_555 F GLY 3 N ? ? E PHI 216 E GLY 217 1_555 ? ? ? ? ? ? ? 1.323 ? ? 
covale24 covale both ? F ASN 7 C   ? ? ? 1_555 F PHI 8 N ? ? E ASN 221 E PHI 222 1_555 ? ? ? ? ? ? ? 1.322 ? ? 
covale25 covale both ? F PHI 8 C   ? ? ? 1_555 F GLY 9 N ? ? E PHI 222 E GLY 223 1_555 ? ? ? ? ? ? ? 1.324 ? ? 
covale26 covale both ? G GLY 1 C   ? ? ? 1_555 G PHI 2 N ? ? M GLY 215 M PHI 216 1_555 ? ? ? ? ? ? ? 1.332 ? ? 
covale27 covale both ? G PHI 2 C   ? ? ? 1_555 G GLY 3 N ? ? M PHI 216 M GLY 217 1_555 ? ? ? ? ? ? ? 1.329 ? ? 
covale28 covale both ? G ASN 7 C   ? ? ? 1_555 G PHI 8 N ? ? M ASN 221 M PHI 222 1_555 ? ? ? ? ? ? ? 1.324 ? ? 
covale29 covale both ? G PHI 8 C   ? ? ? 1_555 G GLY 9 N ? ? M PHI 222 M GLY 223 1_555 ? ? ? ? ? ? ? 1.321 ? ? 
covale30 covale both ? H GLY 1 C   ? ? ? 1_555 H PHI 2 N ? ? G GLY 215 G PHI 216 1_555 ? ? ? ? ? ? ? 1.328 ? ? 
covale31 covale both ? H PHI 2 C   ? ? ? 1_555 H GLY 3 N ? ? G PHI 216 G GLY 217 1_555 ? ? ? ? ? ? ? 1.328 ? ? 
covale32 covale both ? H ASN 7 C   ? ? ? 1_555 H PHI 8 N ? ? G ASN 221 G PHI 222 1_555 ? ? ? ? ? ? ? 1.325 ? ? 
covale33 covale both ? H PHI 8 C   ? ? ? 1_555 H GLY 9 N ? ? G PHI 222 G GLY 223 1_555 ? ? ? ? ? ? ? 1.324 ? ? 
covale34 covale both ? I GLY 1 C   ? ? ? 1_555 I PHI 2 N ? ? H GLY 215 H PHI 216 1_555 ? ? ? ? ? ? ? 1.327 ? ? 
covale35 covale both ? I PHI 2 C   ? ? ? 1_555 I GLY 3 N ? ? H PHI 216 H GLY 217 1_555 ? ? ? ? ? ? ? 1.330 ? ? 
covale36 covale both ? I ASN 7 C   ? ? ? 1_555 I PHI 8 N ? ? H ASN 221 H PHI 222 1_555 ? ? ? ? ? ? ? 1.328 ? ? 
covale37 covale both ? I PHI 8 C   ? ? ? 1_555 I GLY 9 N ? ? H PHI 222 H GLY 223 1_555 ? ? ? ? ? ? ? 1.327 ? ? 
covale38 covale both ? J GLY 1 C   ? ? ? 1_555 J PHI 2 N ? ? J GLY 215 J PHI 216 1_555 ? ? ? ? ? ? ? 1.322 ? ? 
covale39 covale both ? J PHI 2 C   ? ? ? 1_555 J GLY 3 N ? ? J PHI 216 J GLY 217 1_555 ? ? ? ? ? ? ? 1.325 ? ? 
covale40 covale both ? J ASN 7 C   ? ? ? 1_555 J PHI 8 N ? ? J ASN 221 J PHI 222 1_555 ? ? ? ? ? ? ? 1.323 ? ? 
covale41 covale both ? J PHI 8 C   ? ? ? 1_555 J GLY 9 N ? ? J PHI 222 J GLY 223 1_555 ? ? ? ? ? ? ? 1.327 ? ? 
covale42 covale both ? K GLY 1 C   ? ? ? 1_555 K PHI 2 N ? ? K GLY 215 K PHI 216 1_555 ? ? ? ? ? ? ? 1.329 ? ? 
covale43 covale both ? K PHI 2 C   ? ? ? 1_555 K GLY 3 N ? ? K PHI 216 K GLY 217 1_555 ? ? ? ? ? ? ? 1.328 ? ? 
covale44 covale both ? K ASN 7 C   ? ? ? 1_555 K PHI 8 N ? ? K ASN 221 K PHI 222 1_555 ? ? ? ? ? ? ? 1.324 ? ? 
covale45 covale both ? K PHI 8 C   ? ? ? 1_555 K GLY 9 N ? ? K PHI 222 K GLY 223 1_555 ? ? ? ? ? ? ? 1.325 ? ? 
covale46 covale both ? L GLY 1 C   ? ? ? 1_555 L PHI 2 N ? ? L GLY 215 L PHI 216 1_555 ? ? ? ? ? ? ? 1.322 ? ? 
covale47 covale both ? L PHI 2 C   ? ? ? 1_555 L GLY 3 N ? ? L PHI 216 L GLY 217 1_555 ? ? ? ? ? ? ? 1.323 ? ? 
covale48 covale both ? L ASN 7 C   ? ? ? 1_555 L PHI 8 N ? ? L ASN 221 L PHI 222 1_555 ? ? ? ? ? ? ? 1.325 ? ? 
covale49 covale both ? L PHI 8 C   ? ? ? 1_555 L GLY 9 N ? ? L PHI 222 L GLY 223 1_555 ? ? ? ? ? ? ? 1.314 ? ? 
covale50 covale both ? M GLY 1 C   ? ? ? 1_555 M PHI 2 N ? ? N GLY 215 N PHI 216 1_555 ? ? ? ? ? ? ? 1.329 ? ? 
covale51 covale both ? M PHI 2 C   ? ? ? 1_555 M GLY 3 N ? ? N PHI 216 N GLY 217 1_555 ? ? ? ? ? ? ? 1.324 ? ? 
covale52 covale both ? M ASN 7 C   ? ? ? 1_555 M PHI 8 N ? ? N ASN 221 N PHI 222 1_555 ? ? ? ? ? ? ? 1.320 ? ? 
covale53 covale both ? M PHI 8 C   ? ? ? 1_555 M GLY 9 N ? ? N PHI 222 N GLY 223 1_555 ? ? ? ? ? ? ? 1.322 ? ? 
covale54 covale both ? N GLY 1 C   ? ? ? 1_555 N PHI 2 N ? ? O GLY 215 O PHI 216 1_555 ? ? ? ? ? ? ? 1.330 ? ? 
covale55 covale both ? N PHI 2 C   ? ? ? 1_555 N GLY 3 N ? ? O PHI 216 O GLY 217 1_555 ? ? ? ? ? ? ? 1.330 ? ? 
covale56 covale both ? N ASN 7 C   ? ? ? 1_555 N PHI 8 N ? ? O ASN 221 O PHI 222 1_555 ? ? ? ? ? ? ? 1.322 ? ? 
covale57 covale both ? N PHI 8 C   ? ? ? 1_555 N GLY 9 N ? ? O PHI 222 O GLY 223 1_555 ? ? ? ? ? ? ? 1.330 ? ? 
covale58 covale both ? O GLY 1 C   ? ? ? 1_555 O PHI 2 N ? ? P GLY 215 P PHI 216 1_555 ? ? ? ? ? ? ? 1.322 ? ? 
covale59 covale both ? O PHI 2 C   ? ? ? 1_555 O GLY 3 N ? ? P PHI 216 P GLY 217 1_555 ? ? ? ? ? ? ? 1.326 ? ? 
covale60 covale both ? O ASN 7 C   ? ? ? 1_555 O PHI 8 N ? ? P ASN 221 P PHI 222 1_555 ? ? ? ? ? ? ? 1.327 ? ? 
covale61 covale both ? O PHI 8 C   ? ? ? 1_555 O GLY 9 N ? ? P PHI 222 P GLY 223 1_555 ? ? ? ? ? ? ? 1.330 ? ? 
covale62 covale both ? P GLY 1 C   ? ? ? 1_555 P PHI 2 N ? ? I GLY 215 I PHI 216 1_555 ? ? ? ? ? ? ? 1.322 ? ? 
covale63 covale both ? P PHI 2 C   ? ? ? 1_555 P GLY 3 N ? ? I PHI 216 I GLY 217 1_555 ? ? ? ? ? ? ? 1.329 ? ? 
covale64 covale both ? P ASN 7 C   ? ? ? 1_555 P PHI 8 N ? ? I ASN 221 I PHI 222 1_555 ? ? ? ? ? ? ? 1.324 ? ? 
covale65 covale both ? P PHI 8 C   ? ? ? 1_555 P GLY 9 N ? ? I PHI 222 I GLY 223 1_555 ? ? ? ? ? ? ? 1.323 ? ? 
# 
_struct_conn_type.id          covale 
_struct_conn_type.criteria    ? 
_struct_conn_type.reference   ? 
# 
loop_
_pdbx_validate_rmsd_angle.id 
_pdbx_validate_rmsd_angle.PDB_model_num 
_pdbx_validate_rmsd_angle.auth_atom_id_1 
_pdbx_validate_rmsd_angle.auth_asym_id_1 
_pdbx_validate_rmsd_angle.auth_comp_id_1 
_pdbx_validate_rmsd_angle.auth_seq_id_1 
_pdbx_validate_rmsd_angle.PDB_ins_code_1 
_pdbx_validate_rmsd_angle.label_alt_id_1 
_pdbx_validate_rmsd_angle.auth_atom_id_2 
_pdbx_validate_rmsd_angle.auth_asym_id_2 
_pdbx_validate_rmsd_angle.auth_comp_id_2 
_pdbx_validate_rmsd_angle.auth_seq_id_2 
_pdbx_validate_rmsd_angle.PDB_ins_code_2 
_pdbx_validate_rmsd_angle.label_alt_id_2 
_pdbx_validate_rmsd_angle.auth_atom_id_3 
_pdbx_validate_rmsd_angle.auth_asym_id_3 
_pdbx_validate_rmsd_angle.auth_comp_id_3 
_pdbx_validate_rmsd_angle.auth_seq_id_3 
_pdbx_validate_rmsd_angle.PDB_ins_code_3 
_pdbx_validate_rmsd_angle.label_alt_id_3 
_pdbx_validate_rmsd_angle.angle_value 
_pdbx_validate_rmsd_angle.angle_target_value 
_pdbx_validate_rmsd_angle.angle_deviation 
_pdbx_validate_rmsd_angle.angle_standard_deviation 
_pdbx_validate_rmsd_angle.linker_flag 
1  1 CB F ASN 219 ? ? CA F ASN 219 ? ? C  F ASN 219 ? ? 125.89 110.40 15.49  2.00 N 
2  1 N  F ASP 220 ? ? CA F ASP 220 ? ? CB F ASP 220 ? ? 94.15  110.60 -16.45 1.80 N 
3  1 N  B GLY 217 ? ? CA B GLY 217 ? ? C  B GLY 217 ? ? 129.81 113.10 16.71  2.50 N 
4  1 N  E GLY 218 ? ? CA E GLY 218 ? ? C  E GLY 218 ? ? 129.83 113.10 16.73  2.50 N 
5  1 N  M GLY 217 ? ? CA M GLY 217 ? ? C  M GLY 217 ? ? 72.51  113.10 -40.59 2.50 N 
6  1 N  M GLY 223 ? ? CA M GLY 223 ? ? C  M GLY 223 ? ? 96.47  113.10 -16.63 2.50 N 
7  1 N  G GLY 218 ? ? CA G GLY 218 ? ? C  G GLY 218 ? ? 86.19  113.10 -26.91 2.50 N 
8  1 N  H GLY 217 ? ? CA H GLY 217 ? ? C  H GLY 217 ? ? 88.52  113.10 -24.58 2.50 N 
9  1 N  H GLY 218 ? ? CA H GLY 218 ? ? C  H GLY 218 ? ? 143.82 113.10 30.72  2.50 N 
10 1 CB H ASP 220 ? ? CA H ASP 220 ? ? C  H ASP 220 ? ? 124.22 110.40 13.82  2.00 N 
11 1 N  H ASP 220 ? ? CA H ASP 220 ? ? C  H ASP 220 ? ? 85.83  111.00 -25.17 2.70 N 
12 1 N  H ASN 221 ? ? CA H ASN 221 ? ? C  H ASN 221 ? ? 89.62  111.00 -21.38 2.70 N 
13 1 N  L GLY 218 ? ? CA L GLY 218 ? ? C  L GLY 218 ? ? 143.55 113.10 30.45  2.50 N 
14 1 N  L ASN 219 ? ? CA L ASN 219 ? ? CB L ASN 219 ? ? 121.72 110.60 11.12  1.80 N 
15 1 N  L ASN 219 ? ? CA L ASN 219 ? ? C  L ASN 219 ? ? 89.03  111.00 -21.97 2.70 N 
16 1 N  L GLY 223 ? ? CA L GLY 223 ? ? C  L GLY 223 ? ? 128.88 113.10 15.78  2.50 N 
17 1 N  P ASP 220 ? ? CA P ASP 220 ? ? C  P ASP 220 ? ? 82.51  111.00 -28.49 2.70 N 
18 1 N  P ASN 221 ? ? CA P ASN 221 ? ? C  P ASN 221 ? ? 71.68  111.00 -39.32 2.70 N 
# 
loop_
_pdbx_validate_torsion.id 
_pdbx_validate_torsion.PDB_model_num 
_pdbx_validate_torsion.auth_comp_id 
_pdbx_validate_torsion.auth_asym_id 
_pdbx_validate_torsion.auth_seq_id 
_pdbx_validate_torsion.PDB_ins_code 
_pdbx_validate_torsion.label_alt_id 
_pdbx_validate_torsion.phi 
_pdbx_validate_torsion.psi 
1  1 PHI F 216 ? ? 49.56   -121.85 
2  1 PHI B 222 ? ? -107.91 -63.32  
3  1 ASN C 221 ? ? -150.31 83.73   
4  1 PHI D 216 ? ? 61.06   -130.39 
5  1 PHI E 222 ? ? -104.05 -162.38 
6  1 PHI M 216 ? ? 39.31   40.71   
7  1 PHI G 216 ? ? -116.46 -167.77 
8  1 ASN G 219 ? ? -111.43 53.42   
9  1 PHI J 222 ? ? -86.78  35.81   
10 1 PHI K 216 ? ? 58.13   -124.74 
11 1 ASN K 221 ? ? -111.45 -161.25 
12 1 ASN P 219 ? ? -39.59  128.64  
# 
_pdbx_entry_details.entry_id                 8IKS 
_pdbx_entry_details.has_ligand_of_interest   Y 
_pdbx_entry_details.compound_details         ? 
_pdbx_entry_details.source_details           ? 
_pdbx_entry_details.nonpolymer_details       ? 
_pdbx_entry_details.sequence_details         ? 
# 
_em_3d_fitting.id                1 
_em_3d_fitting.entry_id          8IKS 
_em_3d_fitting.method            ? 
_em_3d_fitting.target_criteria   ? 
_em_3d_fitting.details           ? 
_em_3d_fitting.overall_b_value   ? 
_em_3d_fitting.ref_space         ? 
_em_3d_fitting.ref_protocol      ? 
# 
_em_3d_reconstruction.entry_id                    8IKS 
_em_3d_reconstruction.id                          1 
_em_3d_reconstruction.method                      ? 
_em_3d_reconstruction.algorithm                   ? 
_em_3d_reconstruction.citation_id                 ? 
_em_3d_reconstruction.details                     ? 
_em_3d_reconstruction.resolution                  3.75 
_em_3d_reconstruction.resolution_method           'FSC 0.143 CUT-OFF' 
_em_3d_reconstruction.magnification_calibration   ? 
_em_3d_reconstruction.nominal_pixel_size          ? 
_em_3d_reconstruction.actual_pixel_size           ? 
_em_3d_reconstruction.num_particles               6738 
_em_3d_reconstruction.euler_angles_details        ? 
_em_3d_reconstruction.num_class_averages          ? 
_em_3d_reconstruction.refinement_type             ? 
_em_3d_reconstruction.image_processing_id         1 
_em_3d_reconstruction.symmetry_type               HELICAL 
# 
_em_buffer.id            1 
_em_buffer.specimen_id   1 
_em_buffer.name          ? 
_em_buffer.details       ? 
_em_buffer.pH            7.0 
# 
_em_entity_assembly.id                   1 
_em_entity_assembly.parent_id            0 
_em_entity_assembly.source               RECOMBINANT 
_em_entity_assembly.type                 COMPLEX 
_em_entity_assembly.name                 'Cryo-EM structure of hnRAC1-2I8I fibril.' 
_em_entity_assembly.details              ? 
_em_entity_assembly.synonym              ? 
_em_entity_assembly.oligomeric_details   ? 
_em_entity_assembly.entity_id_list       1 
# 
_em_imaging.entry_id                        8IKS 
_em_imaging.id                              1 
_em_imaging.astigmatism                     ? 
_em_imaging.electron_beam_tilt_params       ? 
_em_imaging.residual_tilt                   ? 
_em_imaging.microscope_model                'FEI TITAN KRIOS' 
_em_imaging.specimen_holder_type            ? 
_em_imaging.specimen_holder_model           ? 
_em_imaging.details                         ? 
_em_imaging.date                            ? 
_em_imaging.accelerating_voltage            300 
_em_imaging.illumination_mode               'FLOOD BEAM' 
_em_imaging.mode                            'BRIGHT FIELD' 
_em_imaging.nominal_cs                      ? 
_em_imaging.nominal_defocus_min             1000 
_em_imaging.nominal_defocus_max             2000 
_em_imaging.calibrated_defocus_min          ? 
_em_imaging.calibrated_defocus_max          ? 
_em_imaging.tilt_angle_min                  ? 
_em_imaging.tilt_angle_max                  ? 
_em_imaging.nominal_magnification           ? 
_em_imaging.calibrated_magnification        ? 
_em_imaging.electron_source                 'FIELD EMISSION GUN' 
_em_imaging.citation_id                     ? 
_em_imaging.temperature                     ? 
_em_imaging.detector_distance               ? 
_em_imaging.recording_temperature_minimum   ? 
_em_imaging.recording_temperature_maximum   ? 
_em_imaging.alignment_procedure             ? 
_em_imaging.c2_aperture_diameter            ? 
_em_imaging.specimen_id                     1 
_em_imaging.cryogen                         ? 
# 
_em_vitrification.entry_id              8IKS 
_em_vitrification.id                    1 
_em_vitrification.specimen_id           1 
_em_vitrification.cryogen_name          ETHANE 
_em_vitrification.humidity              ? 
_em_vitrification.temp                  ? 
_em_vitrification.chamber_temperature   ? 
_em_vitrification.instrument            ? 
_em_vitrification.method                ? 
_em_vitrification.time_resolved_state   ? 
_em_vitrification.citation_id           ? 
_em_vitrification.details               ? 
# 
_em_experiment.entry_id                8IKS 
_em_experiment.id                      1 
_em_experiment.reconstruction_method   HELICAL 
_em_experiment.aggregation_state       FILAMENT 
_em_experiment.entity_assembly_id      1 
# 
loop_
_chem_comp_atom.comp_id 
_chem_comp_atom.atom_id 
_chem_comp_atom.type_symbol 
_chem_comp_atom.pdbx_aromatic_flag 
_chem_comp_atom.pdbx_stereo_config 
_chem_comp_atom.pdbx_ordinal 
ASN N    N N N 1  
ASN CA   C N S 2  
ASN C    C N N 3  
ASN O    O N N 4  
ASN CB   C N N 5  
ASN CG   C N N 6  
ASN OD1  O N N 7  
ASN ND2  N N N 8  
ASN OXT  O N N 9  
ASN H    H N N 10 
ASN H2   H N N 11 
ASN HA   H N N 12 
ASN HB2  H N N 13 
ASN HB3  H N N 14 
ASN HD21 H N N 15 
ASN HD22 H N N 16 
ASN HXT  H N N 17 
ASP N    N N N 18 
ASP CA   C N S 19 
ASP C    C N N 20 
ASP O    O N N 21 
ASP CB   C N N 22 
ASP CG   C N N 23 
ASP OD1  O N N 24 
ASP OD2  O N N 25 
ASP OXT  O N N 26 
ASP H    H N N 27 
ASP H2   H N N 28 
ASP HA   H N N 29 
ASP HB2  H N N 30 
ASP HB3  H N N 31 
ASP HD2  H N N 32 
ASP HXT  H N N 33 
GLY N    N N N 34 
GLY CA   C N N 35 
GLY C    C N N 36 
GLY O    O N N 37 
GLY OXT  O N N 38 
GLY H    H N N 39 
GLY H2   H N N 40 
GLY HA2  H N N 41 
GLY HA3  H N N 42 
GLY HXT  H N N 43 
PHI N    N N N 44 
PHI CA   C N S 45 
PHI CB   C N N 46 
PHI CG   C Y N 47 
PHI CD1  C Y N 48 
PHI CD2  C Y N 49 
PHI CE1  C Y N 50 
PHI CE2  C Y N 51 
PHI CZ   C Y N 52 
PHI I    I N N 53 
PHI C    C N N 54 
PHI O    O N N 55 
PHI OXT  O N N 56 
PHI H    H N N 57 
PHI H2   H N N 58 
PHI HA   H N N 59 
PHI HB2  H N N 60 
PHI HB3  H N N 61 
PHI HD1  H N N 62 
PHI HD2  H N N 63 
PHI HE1  H N N 64 
PHI HE2  H N N 65 
PHI HXT  H N N 66 
# 
loop_
_chem_comp_bond.comp_id 
_chem_comp_bond.atom_id_1 
_chem_comp_bond.atom_id_2 
_chem_comp_bond.value_order 
_chem_comp_bond.pdbx_aromatic_flag 
_chem_comp_bond.pdbx_stereo_config 
_chem_comp_bond.pdbx_ordinal 
ASN N   CA   sing N N 1  
ASN N   H    sing N N 2  
ASN N   H2   sing N N 3  
ASN CA  C    sing N N 4  
ASN CA  CB   sing N N 5  
ASN CA  HA   sing N N 6  
ASN C   O    doub N N 7  
ASN C   OXT  sing N N 8  
ASN CB  CG   sing N N 9  
ASN CB  HB2  sing N N 10 
ASN CB  HB3  sing N N 11 
ASN CG  OD1  doub N N 12 
ASN CG  ND2  sing N N 13 
ASN ND2 HD21 sing N N 14 
ASN ND2 HD22 sing N N 15 
ASN OXT HXT  sing N N 16 
ASP N   CA   sing N N 17 
ASP N   H    sing N N 18 
ASP N   H2   sing N N 19 
ASP CA  C    sing N N 20 
ASP CA  CB   sing N N 21 
ASP CA  HA   sing N N 22 
ASP C   O    doub N N 23 
ASP C   OXT  sing N N 24 
ASP CB  CG   sing N N 25 
ASP CB  HB2  sing N N 26 
ASP CB  HB3  sing N N 27 
ASP CG  OD1  doub N N 28 
ASP CG  OD2  sing N N 29 
ASP OD2 HD2  sing N N 30 
ASP OXT HXT  sing N N 31 
GLY N   CA   sing N N 32 
GLY N   H    sing N N 33 
GLY N   H2   sing N N 34 
GLY CA  C    sing N N 35 
GLY CA  HA2  sing N N 36 
GLY CA  HA3  sing N N 37 
GLY C   O    doub N N 38 
GLY C   OXT  sing N N 39 
GLY OXT HXT  sing N N 40 
PHI N   CA   sing N N 41 
PHI N   H    sing N N 42 
PHI N   H2   sing N N 43 
PHI CA  CB   sing N N 44 
PHI CA  C    sing N N 45 
PHI CA  HA   sing N N 46 
PHI CB  CG   sing N N 47 
PHI CB  HB2  sing N N 48 
PHI CB  HB3  sing N N 49 
PHI CG  CD1  doub Y N 50 
PHI CG  CD2  sing Y N 51 
PHI CD1 CE1  sing Y N 52 
PHI CD1 HD1  sing N N 53 
PHI CD2 CE2  doub Y N 54 
PHI CD2 HD2  sing N N 55 
PHI CE1 CZ   doub Y N 56 
PHI CE1 HE1  sing N N 57 
PHI CE2 CZ   sing Y N 58 
PHI CE2 HE2  sing N N 59 
PHI CZ  I    sing N N 60 
PHI C   O    doub N N 61 
PHI C   OXT  sing N N 62 
PHI OXT HXT  sing N N 63 
# 
_em_ctf_correction.details                  ? 
_em_ctf_correction.em_image_processing_id   1 
_em_ctf_correction.id                       1 
_em_ctf_correction.type                     NONE 
# 
_em_entity_assembly_naturalsource.cell                 ? 
_em_entity_assembly_naturalsource.cellular_location    ? 
_em_entity_assembly_naturalsource.entity_assembly_id   1 
_em_entity_assembly_naturalsource.id                   2 
_em_entity_assembly_naturalsource.ncbi_tax_id          9606 
_em_entity_assembly_naturalsource.organism             'Homo sapiens' 
_em_entity_assembly_naturalsource.organelle            ? 
_em_entity_assembly_naturalsource.organ                ? 
_em_entity_assembly_naturalsource.strain               ? 
_em_entity_assembly_naturalsource.tissue               ? 
# 
_em_entity_assembly_recombinant.cell                 ? 
_em_entity_assembly_recombinant.entity_assembly_id   1 
_em_entity_assembly_recombinant.id                   2 
_em_entity_assembly_recombinant.ncbi_tax_id          9606 
_em_entity_assembly_recombinant.organism             'Homo sapiens' 
_em_entity_assembly_recombinant.plasmid              ? 
_em_entity_assembly_recombinant.strain               ? 
# 
_em_helical_entity.id                             1 
_em_helical_entity.image_processing_id            1 
_em_helical_entity.details                        ? 
_em_helical_entity.axial_symmetry                 C1 
_em_helical_entity.angular_rotation_per_subunit   -1.09 
_em_helical_entity.axial_rise_per_subunit         4.79 
# 
_em_image_processing.details              ? 
_em_image_processing.id                   1 
_em_image_processing.image_recording_id   1 
# 
_em_image_recording.average_exposure_time               ? 
_em_image_recording.avg_electron_dose_per_subtomogram   ? 
_em_image_recording.avg_electron_dose_per_image         55 
_em_image_recording.details                             ? 
_em_image_recording.detector_mode                       ? 
_em_image_recording.film_or_detector_model              'GATAN K3 BIOQUANTUM (6k x 4k)' 
_em_image_recording.id                                  1 
_em_image_recording.imaging_id                          1 
_em_image_recording.num_diffraction_images              ? 
_em_image_recording.num_grids_imaged                    ? 
_em_image_recording.num_real_images                     ? 
# 
loop_
_em_software.category 
_em_software.details 
_em_software.id 
_em_software.image_processing_id 
_em_software.fitting_id 
_em_software.imaging_id 
_em_software.name 
_em_software.version 
'PARTICLE SELECTION'       ? 1  1 ? ? ? ? 
'IMAGE ACQUISITION'        ? 2  ? ? 1 ? ? 
MASKING                    ? 3  ? ? ? ? ? 
'CTF CORRECTION'           ? 4  1 ? ? ? ? 
'LAYERLINE INDEXING'       ? 5  ? ? ? ? ? 
'DIFFRACTION INDEXING'     ? 6  ? ? ? ? ? 
'MODEL FITTING'            ? 7  ? ? ? ? ? 
'MODEL REFINEMENT'         ? 8  ? ? ? ? ? 
OTHER                      ? 9  ? ? ? ? ? 
'INITIAL EULER ASSIGNMENT' ? 10 1 ? ? ? ? 
'FINAL EULER ASSIGNMENT'   ? 11 1 ? ? ? ? 
CLASSIFICATION             ? 12 1 ? ? ? ? 
RECONSTRUCTION             ? 13 1 ? ? ? ? 
# 
_em_specimen.concentration           ? 
_em_specimen.details                 ? 
_em_specimen.embedding_applied       NO 
_em_specimen.experiment_id           1 
_em_specimen.id                      1 
_em_specimen.shadowing_applied       NO 
_em_specimen.staining_applied        NO 
_em_specimen.vitrification_applied   YES 
# 
_pdbx_audit_support.funding_organization   'Not funded' 
_pdbx_audit_support.country                ? 
_pdbx_audit_support.grant_number           ? 
_pdbx_audit_support.ordinal                1 
# 
_pdbx_entity_instance_feature.ordinal        1 
_pdbx_entity_instance_feature.comp_id        PHI 
_pdbx_entity_instance_feature.asym_id        ? 
_pdbx_entity_instance_feature.seq_num        ? 
_pdbx_entity_instance_feature.auth_comp_id   PHI 
_pdbx_entity_instance_feature.auth_asym_id   ? 
_pdbx_entity_instance_feature.auth_seq_num   ? 
_pdbx_entity_instance_feature.feature_type   'SUBJECT OF INVESTIGATION' 
_pdbx_entity_instance_feature.details        ? 
# 
_atom_sites.entry_id                    8IKS 
_atom_sites.Cartn_transf_matrix[1][1]   ? 
_atom_sites.Cartn_transf_matrix[1][2]   ? 
_atom_sites.Cartn_transf_matrix[1][3]   ? 
_atom_sites.Cartn_transf_matrix[2][1]   ? 
_atom_sites.Cartn_transf_matrix[2][2]   ? 
_atom_sites.Cartn_transf_matrix[2][3]   ? 
_atom_sites.Cartn_transf_matrix[3][1]   ? 
_atom_sites.Cartn_transf_matrix[3][2]   ? 
_atom_sites.Cartn_transf_matrix[3][3]   ? 
_atom_sites.Cartn_transf_vector[1]      ? 
_atom_sites.Cartn_transf_vector[2]      ? 
_atom_sites.Cartn_transf_vector[3]      ? 
_atom_sites.fract_transf_matrix[1][1]   1.000000 
_atom_sites.fract_transf_matrix[1][2]   0.000000 
_atom_sites.fract_transf_matrix[1][3]   0.000000 
_atom_sites.fract_transf_matrix[2][1]   0.000000 
_atom_sites.fract_transf_matrix[2][2]   1.000000 
_atom_sites.fract_transf_matrix[2][3]   0.000000 
_atom_sites.fract_transf_matrix[3][1]   0.000000 
_atom_sites.fract_transf_matrix[3][2]   0.000000 
_atom_sites.fract_transf_matrix[3][3]   1.000000 
_atom_sites.fract_transf_vector[1]      0.00000 
_atom_sites.fract_transf_vector[2]      0.00000 
_atom_sites.fract_transf_vector[3]      0.00000 
_atom_sites.solution_primary            ? 
_atom_sites.solution_secondary          ? 
_atom_sites.solution_hydrogens          ? 
_atom_sites.special_details             ? 
# 
loop_
_atom_type.symbol 
C 
I 
N 
O 
# 
loop_
_atom_site.group_PDB 
_atom_site.id 
_atom_site.type_symbol 
_atom_site.label_atom_id 
_atom_site.label_alt_id 
_atom_site.label_comp_id 
_atom_site.label_asym_id 
_atom_site.label_entity_id 
_atom_site.label_seq_id 
_atom_site.pdbx_PDB_ins_code 
_atom_site.Cartn_x 
_atom_site.Cartn_y 
_atom_site.Cartn_z 
_atom_site.occupancy 
_atom_site.B_iso_or_equiv 
_atom_site.pdbx_formal_charge 
_atom_site.auth_seq_id 
_atom_site.auth_comp_id 
_atom_site.auth_asym_id 
_atom_site.auth_atom_id 
_atom_site.pdbx_PDB_model_num 
ATOM   1    N N   . GLY A 1 1 ? 6.659   32.402  -22.224 1.00 112.30 ? 215 GLY F N   1 
ATOM   2    C CA  . GLY A 1 1 ? 5.700   31.315  -22.167 1.00 112.30 ? 215 GLY F CA  1 
ATOM   3    C C   . GLY A 1 1 ? 4.786   31.327  -23.367 1.00 112.30 ? 215 GLY F C   1 
ATOM   4    O O   . GLY A 1 1 ? 4.821   30.390  -24.166 1.00 112.30 ? 215 GLY F O   1 
HETATM 5    N N   . PHI A 1 2 ? 3.968   32.370  -23.503 1.00 116.76 ? 216 PHI F N   1 
HETATM 6    C CA  . PHI A 1 2 ? 3.082   32.511  -24.655 1.00 116.76 ? 216 PHI F CA  1 
HETATM 7    C CB  . PHI A 1 2 ? 3.891   32.765  -25.929 1.00 116.76 ? 216 PHI F CB  1 
HETATM 8    C CG  . PHI A 1 2 ? 5.250   33.330  -25.583 1.00 116.76 ? 216 PHI F CG  1 
HETATM 9    C CD1 . PHI A 1 2 ? 5.367   34.628  -25.098 1.00 116.76 ? 216 PHI F CD1 1 
HETATM 10   C CD2 . PHI A 1 2 ? 6.385   32.545  -25.747 1.00 116.76 ? 216 PHI F CD2 1 
HETATM 11   C CE1 . PHI A 1 2 ? 6.618   35.139  -24.777 1.00 116.76 ? 216 PHI F CE1 1 
HETATM 12   C CE2 . PHI A 1 2 ? 7.635   33.057  -25.424 1.00 116.76 ? 216 PHI F CE2 1 
HETATM 13   C CZ  . PHI A 1 2 ? 7.753   34.354  -24.942 1.00 116.76 ? 216 PHI F CZ  1 
HETATM 14   I I   . PHI A 1 2 ? 9.637   35.119  -24.461 1.00 116.76 ? 216 PHI F I   1 
HETATM 15   C C   . PHI A 1 2 ? 2.450   31.149  -24.664 1.00 116.76 ? 216 PHI F C   1 
HETATM 16   O O   . PHI A 1 2 ? 1.864   30.737  -23.643 1.00 116.76 ? 216 PHI F O   1 
ATOM   17   N N   . GLY A 1 3 ? 2.602   30.436  -25.793 1.00 111.36 ? 217 GLY F N   1 
ATOM   18   C CA  . GLY A 1 3 ? 2.023   29.106  -25.974 1.00 111.36 ? 217 GLY F CA  1 
ATOM   19   C C   . GLY A 1 3 ? 0.759   29.236  -26.789 1.00 111.36 ? 217 GLY F C   1 
ATOM   20   O O   . GLY A 1 3 ? 0.084   28.248  -27.061 1.00 111.36 ? 217 GLY F O   1 
ATOM   21   N N   . GLY A 1 4 ? 0.489   30.420  -27.298 1.00 107.93 ? 218 GLY F N   1 
ATOM   22   C CA  . GLY A 1 4 ? -0.772  30.716  -27.954 1.00 107.93 ? 218 GLY F CA  1 
ATOM   23   C C   . GLY A 1 4 ? -1.815  30.524  -26.878 1.00 107.93 ? 218 GLY F C   1 
ATOM   24   O O   . GLY A 1 4 ? -1.656  31.009  -25.759 1.00 107.93 ? 218 GLY F O   1 
ATOM   25   N N   . ASN A 1 5 ? -2.884  29.811  -27.209 1.00 101.79 ? 219 ASN F N   1 
ATOM   26   C CA  . ASN A 1 5 ? -3.951  29.583  -26.245 1.00 101.79 ? 219 ASN F CA  1 
ATOM   27   C C   . ASN A 1 5 ? -3.717  28.524  -25.178 1.00 101.79 ? 219 ASN F C   1 
ATOM   28   O O   . ASN A 1 5 ? -4.176  28.669  -24.044 1.00 101.79 ? 219 ASN F O   1 
ATOM   29   C CB  . ASN A 1 5 ? -5.253  29.808  -27.014 1.00 101.79 ? 219 ASN F CB  1 
ATOM   30   C CG  . ASN A 1 5 ? -5.451  28.801  -28.128 1.00 101.79 ? 219 ASN F CG  1 
ATOM   31   O OD1 . ASN A 1 5 ? -5.056  27.642  -28.010 1.00 101.79 ? 219 ASN F OD1 1 
ATOM   32   N ND2 . ASN A 1 5 ? -6.062  29.243  -29.221 1.00 101.79 ? 219 ASN F ND2 1 
ATOM   33   N N   . ASP A 1 6 ? -3.001  27.463  -25.534 1.00 102.02 ? 220 ASP F N   1 
ATOM   34   C CA  . ASP A 1 6 ? -2.730  26.398  -24.575 1.00 102.02 ? 220 ASP F CA  1 
ATOM   35   C C   . ASP A 1 6 ? -1.236  26.411  -24.291 1.00 102.02 ? 220 ASP F C   1 
ATOM   36   O O   . ASP A 1 6 ? -0.469  25.781  -25.019 1.00 102.02 ? 220 ASP F O   1 
ATOM   37   C CB  . ASP A 1 6 ? -2.906  25.277  -25.600 1.00 102.02 ? 220 ASP F CB  1 
ATOM   38   C CG  . ASP A 1 6 ? -4.350  25.098  -26.018 1.00 102.02 ? 220 ASP F CG  1 
ATOM   39   O OD1 . ASP A 1 6 ? -5.238  25.631  -25.322 1.00 102.02 ? 220 ASP F OD1 1 
ATOM   40   O OD2 . ASP A 1 6 ? -4.596  24.431  -27.044 1.00 102.02 ? 220 ASP F OD2 1 
ATOM   41   N N   . ASN A 1 7 ? -0.815  27.123  -23.250 1.00 104.75 ? 221 ASN F N   1 
ATOM   42   C CA  . ASN A 1 7 ? 0.593   27.114  -22.877 1.00 104.75 ? 221 ASN F CA  1 
ATOM   43   C C   . ASN A 1 7 ? 0.392   26.381  -21.572 1.00 104.75 ? 221 ASN F C   1 
ATOM   44   O O   . ASN A 1 7 ? -0.184  26.935  -20.636 1.00 104.75 ? 221 ASN F O   1 
ATOM   45   C CB  . ASN A 1 7 ? 1.116   28.491  -22.498 1.00 104.75 ? 221 ASN F CB  1 
ATOM   46   C CG  . ASN A 1 7 ? 2.623   28.582  -22.580 1.00 104.75 ? 221 ASN F CG  1 
ATOM   47   O OD1 . ASN A 1 7 ? 3.253   27.913  -23.397 1.00 104.75 ? 221 ASN F OD1 1 
ATOM   48   N ND2 . ASN A 1 7 ? 3.211   29.412  -21.730 1.00 104.75 ? 221 ASN F ND2 1 
HETATM 49   N N   . PHI A 1 8 ? 0.854   25.139  -21.483 1.00 106.00 ? 222 PHI F N   1 
HETATM 50   C CA  . PHI A 1 8 ? 0.568   24.374  -20.282 1.00 106.00 ? 222 PHI F CA  1 
HETATM 51   C CB  . PHI A 1 8 ? 0.030   22.971  -20.624 1.00 106.00 ? 222 PHI F CB  1 
HETATM 52   C CG  . PHI A 1 8 ? -1.415  23.061  -20.885 1.00 106.00 ? 222 PHI F CG  1 
HETATM 53   C CD1 . PHI A 1 8 ? -2.007  22.350  -21.919 1.00 106.00 ? 222 PHI F CD1 1 
HETATM 54   C CD2 . PHI A 1 8 ? -2.201  23.886  -20.093 1.00 106.00 ? 222 PHI F CD2 1 
HETATM 55   C CE1 . PHI A 1 8 ? -3.370  22.466  -22.151 1.00 106.00 ? 222 PHI F CE1 1 
HETATM 56   C CE2 . PHI A 1 8 ? -3.566  24.000  -20.323 1.00 106.00 ? 222 PHI F CE2 1 
HETATM 57   C CZ  . PHI A 1 8 ? -4.153  23.285  -21.362 1.00 106.00 ? 222 PHI F CZ  1 
HETATM 58   I I   . PHI A 1 8 ? -6.126  23.402  -21.754 1.00 106.00 ? 222 PHI F I   1 
HETATM 59   C C   . PHI A 1 8 ? 1.717   24.318  -19.319 1.00 106.00 ? 222 PHI F C   1 
HETATM 60   O O   . PHI A 1 8 ? 1.599   24.070  -18.127 1.00 106.00 ? 222 PHI F O   1 
ATOM   61   N N   . GLY A 1 9 ? 2.896   24.541  -19.872 1.00 103.82 ? 223 GLY F N   1 
ATOM   62   C CA  . GLY A 1 9 ? 4.115   24.393  -19.113 1.00 103.82 ? 223 GLY F CA  1 
ATOM   63   C C   . GLY A 1 9 ? 4.142   24.894  -17.691 1.00 103.82 ? 223 GLY F C   1 
ATOM   64   O O   . GLY A 1 9 ? 4.503   26.040  -17.455 1.00 103.82 ? 223 GLY F O   1 
ATOM   65   N N   . GLY B 1 1 ? 6.295   -24.771 32.221  1.00 113.06 ? 215 GLY A N   1 
ATOM   66   C CA  . GLY B 1 1 ? 6.935   -25.263 33.426  1.00 113.06 ? 215 GLY A CA  1 
ATOM   67   C C   . GLY B 1 1 ? 6.222   -26.433 34.079  1.00 113.06 ? 215 GLY A C   1 
ATOM   68   O O   . GLY B 1 1 ? 6.140   -26.521 35.303  1.00 113.06 ? 215 GLY A O   1 
HETATM 69   N N   . PHI B 1 2 ? 5.709   -27.337 33.254  1.00 116.04 ? 216 PHI A N   1 
HETATM 70   C CA  . PHI B 1 2 ? 4.980   -28.490 33.722  1.00 116.04 ? 216 PHI A CA  1 
HETATM 71   C CB  . PHI B 1 2 ? 4.438   -29.346 32.559  1.00 116.04 ? 216 PHI A CB  1 
HETATM 72   C CG  . PHI B 1 2 ? 3.148   -30.019 32.846  1.00 116.04 ? 216 PHI A CG  1 
HETATM 73   C CD1 . PHI B 1 2 ? 2.913   -31.301 32.342  1.00 116.04 ? 216 PHI A CD1 1 
HETATM 74   C CD2 . PHI B 1 2 ? 2.153   -29.403 33.610  1.00 116.04 ? 216 PHI A CD2 1 
HETATM 75   C CE1 . PHI B 1 2 ? 1.712   -31.962 32.592  1.00 116.04 ? 216 PHI A CE1 1 
HETATM 76   C CE2 . PHI B 1 2 ? 0.949   -30.066 33.860  1.00 116.04 ? 216 PHI A CE2 1 
HETATM 77   C CZ  . PHI B 1 2 ? 0.726   -31.347 33.352  1.00 116.04 ? 216 PHI A CZ  1 
HETATM 78   I I   . PHI B 1 2 ? -1.007  -32.323 33.703  1.00 116.04 ? 216 PHI A I   1 
HETATM 79   C C   . PHI B 1 2 ? 5.849   -29.378 34.605  1.00 116.04 ? 216 PHI A C   1 
HETATM 80   O O   . PHI B 1 2 ? 7.081   -29.376 34.595  1.00 116.04 ? 216 PHI A O   1 
ATOM   81   N N   . GLY B 1 3 ? 5.163   -30.166 35.427  1.00 118.97 ? 217 GLY A N   1 
ATOM   82   C CA  . GLY B 1 3 ? 5.808   -31.188 36.236  1.00 118.97 ? 217 GLY A CA  1 
ATOM   83   C C   . GLY B 1 3 ? 5.680   -32.554 35.583  1.00 118.97 ? 217 GLY A C   1 
ATOM   84   O O   . GLY B 1 3 ? 4.575   -33.018 35.311  1.00 118.97 ? 217 GLY A O   1 
ATOM   85   N N   . GLY B 1 4 ? 6.808   -33.222 35.363  1.00 121.79 ? 218 GLY A N   1 
ATOM   86   C CA  . GLY B 1 4 ? 6.856   -34.383 34.499  1.00 121.79 ? 218 GLY A CA  1 
ATOM   87   C C   . GLY B 1 4 ? 6.448   -35.698 35.119  1.00 121.79 ? 218 GLY A C   1 
ATOM   88   O O   . GLY B 1 4 ? 6.729   -36.750 34.533  1.00 121.79 ? 218 GLY A O   1 
ATOM   89   N N   . ASN B 1 5 ? 5.806   -35.687 36.280  1.00 124.75 ? 219 ASN A N   1 
ATOM   90   C CA  . ASN B 1 5 ? 5.464   -36.937 36.941  1.00 124.75 ? 219 ASN A CA  1 
ATOM   91   C C   . ASN B 1 5 ? 4.004   -37.335 36.779  1.00 124.75 ? 219 ASN A C   1 
ATOM   92   O O   . ASN B 1 5 ? 3.700   -38.529 36.850  1.00 124.75 ? 219 ASN A O   1 
ATOM   93   C CB  . ASN B 1 5 ? 5.795   -36.835 38.427  1.00 124.75 ? 219 ASN A CB  1 
ATOM   94   C CG  . ASN B 1 5 ? 7.273   -36.688 38.675  1.00 124.75 ? 219 ASN A CG  1 
ATOM   95   O OD1 . ASN B 1 5 ? 8.094   -37.061 37.841  1.00 124.75 ? 219 ASN A OD1 1 
ATOM   96   N ND2 . ASN B 1 5 ? 7.624   -36.125 39.821  1.00 124.75 ? 219 ASN A ND2 1 
ATOM   97   N N   . ASP B 1 6 ? 3.100   -36.380 36.575  1.00 127.25 ? 220 ASP A N   1 
ATOM   98   C CA  . ASP B 1 6 ? 1.675   -36.690 36.523  1.00 127.25 ? 220 ASP A CA  1 
ATOM   99   C C   . ASP B 1 6 ? 1.356   -37.516 35.287  1.00 127.25 ? 220 ASP A C   1 
ATOM   100  O O   . ASP B 1 6 ? 1.878   -37.263 34.199  1.00 127.25 ? 220 ASP A O   1 
ATOM   101  C CB  . ASP B 1 6 ? 0.839   -35.406 36.551  1.00 127.25 ? 220 ASP A CB  1 
ATOM   102  C CG  . ASP B 1 6 ? 1.117   -34.482 35.362  1.00 127.25 ? 220 ASP A CG  1 
ATOM   103  O OD1 . ASP B 1 6 ? 2.011   -34.791 34.548  1.00 127.25 ? 220 ASP A OD1 1 
ATOM   104  O OD2 . ASP B 1 6 ? 0.436   -33.442 35.239  1.00 127.25 ? 220 ASP A OD2 1 
ATOM   105  N N   . ASN B 1 7 ? 0.522   -38.524 35.476  1.00 130.62 ? 221 ASN A N   1 
ATOM   106  C CA  . ASN B 1 7 ? 0.104   -39.411 34.409  1.00 130.62 ? 221 ASN A CA  1 
ATOM   107  C C   . ASN B 1 7 ? -0.829  -38.708 33.438  1.00 130.62 ? 221 ASN A C   1 
ATOM   108  O O   . ASN B 1 7 ? -1.982  -38.450 33.768  1.00 130.62 ? 221 ASN A O   1 
ATOM   109  C CB  . ASN B 1 7 ? -0.616  -40.620 34.997  1.00 130.62 ? 221 ASN A CB  1 
ATOM   110  C CG  . ASN B 1 7 ? 0.265   -41.429 35.905  1.00 130.62 ? 221 ASN A CG  1 
ATOM   111  O OD1 . ASN B 1 7 ? 1.489   -41.347 35.832  1.00 130.62 ? 221 ASN A OD1 1 
ATOM   112  N ND2 . ASN B 1 7 ? -0.351  -42.219 36.777  1.00 130.62 ? 221 ASN A ND2 1 
HETATM 113  N N   . PHI B 1 8 ? -0.350  -38.402 32.242  1.00 138.30 ? 222 PHI A N   1 
HETATM 114  C CA  . PHI B 1 8 ? -1.234  -37.889 31.224  1.00 138.30 ? 222 PHI A CA  1 
HETATM 115  C CB  . PHI B 1 8 ? -0.541  -37.453 29.917  1.00 138.30 ? 222 PHI A CB  1 
HETATM 116  C CG  . PHI B 1 8 ? -1.221  -36.314 29.258  1.00 138.30 ? 222 PHI A CG  1 
HETATM 117  C CD1 . PHI B 1 8 ? -1.391  -36.304 27.872  1.00 138.30 ? 222 PHI A CD1 1 
HETATM 118  C CD2 . PHI B 1 8 ? -1.696  -35.243 30.010  1.00 138.30 ? 222 PHI A CD2 1 
HETATM 119  C CE1 . PHI B 1 8 ? -2.029  -35.242 27.236  1.00 138.30 ? 222 PHI A CE1 1 
HETATM 120  C CE2 . PHI B 1 8 ? -2.335  -34.182 29.375  1.00 138.30 ? 222 PHI A CE2 1 
HETATM 121  C CZ  . PHI B 1 8 ? -2.502  -34.178 27.989  1.00 138.30 ? 222 PHI A CZ  1 
HETATM 122  I I   . PHI B 1 8 ? -3.426  -32.636 27.076  1.00 138.30 ? 222 PHI A I   1 
HETATM 123  C C   . PHI B 1 8 ? -2.190  -39.026 30.951  1.00 138.30 ? 222 PHI A C   1 
HETATM 124  O O   . PHI B 1 8 ? -1.836  -40.199 30.956  1.00 138.30 ? 222 PHI A O   1 
ATOM   125  N N   . GLY B 1 9 ? -3.451  -38.680 30.727  1.00 138.19 ? 223 GLY A N   1 
ATOM   126  C CA  . GLY B 1 9 ? -4.480  -39.690 30.567  1.00 138.19 ? 223 GLY A CA  1 
ATOM   127  C C   . GLY B 1 9 ? -5.279  -39.574 29.288  1.00 138.19 ? 223 GLY A C   1 
ATOM   128  O O   . GLY B 1 9 ? -4.927  -38.804 28.398  1.00 138.19 ? 223 GLY A O   1 
ATOM   129  N N   . GLY C 1 1 ? 11.810  -6.435  16.782  1.00 110.15 ? 215 GLY B N   1 
ATOM   130  C CA  . GLY C 1 1 ? 12.952  -6.699  17.634  1.00 110.15 ? 215 GLY B CA  1 
ATOM   131  C C   . GLY C 1 1 ? 12.590  -6.983  19.077  1.00 110.15 ? 215 GLY B C   1 
ATOM   132  O O   . GLY C 1 1 ? 12.940  -6.218  19.967  1.00 110.15 ? 215 GLY B O   1 
HETATM 133  N N   . PHI C 1 2 ? 11.884  -8.083  19.318  1.00 112.01 ? 216 PHI B N   1 
HETATM 134  C CA  . PHI C 1 2 ? 11.578  -8.459  20.686  1.00 112.01 ? 216 PHI B CA  1 
HETATM 135  C CB  . PHI C 1 2 ? 10.422  -9.451  20.791  1.00 112.01 ? 216 PHI B CB  1 
HETATM 136  C CG  . PHI C 1 2 ? 10.162  -10.193 19.501  1.00 112.01 ? 216 PHI B CG  1 
HETATM 137  C CD1 . PHI C 1 2 ? 8.933   -10.042 18.872  1.00 112.01 ? 216 PHI B CD1 1 
HETATM 138  C CD2 . PHI C 1 2 ? 11.125  -11.034 18.955  1.00 112.01 ? 216 PHI B CD2 1 
HETATM 139  C CE1 . PHI C 1 2 ? 8.667   -10.723 17.691  1.00 112.01 ? 216 PHI B CE1 1 
HETATM 140  C CE2 . PHI C 1 2 ? 10.861  -11.710 17.771  1.00 112.01 ? 216 PHI B CE2 1 
HETATM 141  C CZ  . PHI C 1 2 ? 9.633   -11.556 17.140  1.00 112.01 ? 216 PHI B CZ  1 
HETATM 142  I I   . PHI C 1 2 ? 9.236   -12.577 15.361  1.00 112.01 ? 216 PHI B I   1 
HETATM 143  C C   . PHI C 1 2 ? 13.002  -8.915  20.735  1.00 112.01 ? 216 PHI B C   1 
HETATM 144  O O   . PHI C 1 2 ? 13.431  -9.704  19.865  1.00 112.01 ? 216 PHI B O   1 
ATOM   145  N N   . GLY C 1 3 ? 13.753  -8.440  21.722  1.00 108.90 ? 217 GLY B N   1 
ATOM   146  C CA  . GLY C 1 3 ? 15.158  -8.788  21.831  1.00 108.90 ? 217 GLY B CA  1 
ATOM   147  C C   . GLY C 1 3 ? 15.847  -9.748  22.774  1.00 108.90 ? 217 GLY B C   1 
ATOM   148  O O   . GLY C 1 3 ? 16.505  -10.695 22.342  1.00 108.90 ? 217 GLY B O   1 
ATOM   149  N N   . GLY C 1 4 ? 15.692  -9.518  24.073  1.00 105.02 ? 218 GLY B N   1 
ATOM   150  C CA  . GLY C 1 4 ? 16.343  -10.364 25.053  1.00 105.02 ? 218 GLY B CA  1 
ATOM   151  C C   . GLY C 1 4 ? 16.001  -11.830 24.933  1.00 105.02 ? 218 GLY B C   1 
ATOM   152  O O   . GLY C 1 4 ? 14.940  -12.180 24.416  1.00 105.02 ? 218 GLY B O   1 
ATOM   153  N N   . ASN C 1 5 ? 16.898  -12.693 25.399  1.00 102.37 ? 219 ASN B N   1 
ATOM   154  C CA  . ASN C 1 5 ? 16.669  -14.127 25.303  1.00 102.37 ? 219 ASN B CA  1 
ATOM   155  C C   . ASN C 1 5 ? 15.238  -14.315 25.762  1.00 102.37 ? 219 ASN B C   1 
ATOM   156  O O   . ASN C 1 5 ? 14.868  -13.889 26.855  1.00 102.37 ? 219 ASN B O   1 
ATOM   157  C CB  . ASN C 1 5 ? 17.701  -14.892 26.128  1.00 102.37 ? 219 ASN B CB  1 
ATOM   158  C CG  . ASN C 1 5 ? 17.656  -16.383 25.868  1.00 102.37 ? 219 ASN B CG  1 
ATOM   159  O OD1 . ASN C 1 5 ? 17.327  -16.824 24.767  1.00 102.37 ? 219 ASN B OD1 1 
ATOM   160  N ND2 . ASN C 1 5 ? 17.973  -17.171 26.889  1.00 102.37 ? 219 ASN B ND2 1 
ATOM   161  N N   . ASP C 1 6 ? 14.426  -14.948 24.927  1.00 101.41 ? 220 ASP B N   1 
ATOM   162  C CA  . ASP C 1 6 ? 13.049  -15.203 25.298  1.00 101.41 ? 220 ASP B CA  1 
ATOM   163  C C   . ASP C 1 6 ? 12.764  -16.666 25.012  1.00 101.41 ? 220 ASP B C   1 
ATOM   164  O O   . ASP C 1 6 ? 12.560  -17.050 23.862  1.00 101.41 ? 220 ASP B O   1 
ATOM   165  C CB  . ASP C 1 6 ? 12.055  -14.334 24.544  1.00 101.41 ? 220 ASP B CB  1 
ATOM   166  C CG  . ASP C 1 6 ? 12.152  -14.522 23.053  1.00 101.41 ? 220 ASP B CG  1 
ATOM   167  O OD1 . ASP C 1 6 ? 13.041  -15.269 22.612  1.00 101.41 ? 220 ASP B OD1 1 
ATOM   168  O OD2 . ASP C 1 6 ? 11.339  -13.935 22.321  1.00 101.41 ? 220 ASP B OD2 1 
ATOM   169  N N   . ASN C 1 7 ? 12.687  -17.458 26.064  1.00 100.61 ? 221 ASN B N   1 
ATOM   170  C CA  . ASN C 1 7 ? 12.265  -18.836 25.946  1.00 100.61 ? 221 ASN B CA  1 
ATOM   171  C C   . ASN C 1 7 ? 10.821  -18.736 25.509  1.00 100.61 ? 221 ASN B C   1 
ATOM   172  O O   . ASN C 1 7 ? 10.085  -17.908 26.015  1.00 100.61 ? 221 ASN B O   1 
ATOM   173  C CB  . ASN C 1 7 ? 12.528  -19.571 27.252  1.00 100.61 ? 221 ASN B CB  1 
ATOM   174  C CG  . ASN C 1 7 ? 11.964  -20.962 27.266  1.00 100.61 ? 221 ASN B CG  1 
ATOM   175  O OD1 . ASN C 1 7 ? 11.481  -21.467 26.259  1.00 100.61 ? 221 ASN B OD1 1 
ATOM   176  N ND2 . ASN C 1 7 ? 12.027  -21.601 28.419  1.00 100.61 ? 221 ASN B ND2 1 
HETATM 177  N N   . PHI C 1 8 ? 10.409  -19.579 24.577  1.00 103.50 ? 222 PHI B N   1 
HETATM 178  C CA  . PHI C 1 8 ? 9.069   -19.493 24.055  1.00 103.50 ? 222 PHI B CA  1 
HETATM 179  C CB  . PHI C 1 8 ? 8.880   -19.533 22.538  1.00 103.50 ? 222 PHI B CB  1 
HETATM 180  C CG  . PHI C 1 8 ? 8.918   -18.155 22.014  1.00 103.50 ? 222 PHI B CG  1 
HETATM 181  C CD1 . PHI C 1 8 ? 10.016  -17.345 22.279  1.00 103.50 ? 222 PHI B CD1 1 
HETATM 182  C CD2 . PHI C 1 8 ? 7.874   -17.638 21.261  1.00 103.50 ? 222 PHI B CD2 1 
HETATM 183  C CE1 . PHI C 1 8 ? 10.083  -16.041 21.798  1.00 103.50 ? 222 PHI B CE1 1 
HETATM 184  C CE2 . PHI C 1 8 ? 7.939   -16.332 20.780  1.00 103.50 ? 222 PHI B CE2 1 
HETATM 185  C CZ  . PHI C 1 8 ? 9.040   -15.529 21.041  1.00 103.50 ? 222 PHI B CZ  1 
HETATM 186  I I   . PHI C 1 8 ? 9.109   -13.646 20.335  1.00 103.50 ? 222 PHI B I   1 
HETATM 187  C C   . PHI C 1 8 ? 8.304   -20.672 24.600  1.00 103.50 ? 222 PHI B C   1 
HETATM 188  O O   . PHI C 1 8 ? 7.333   -20.574 25.336  1.00 103.50 ? 222 PHI B O   1 
ATOM   189  N N   . GLY C 1 9 ? 8.758   -21.852 24.214  1.00 102.89 ? 223 GLY B N   1 
ATOM   190  C CA  . GLY C 1 9 ? 8.159   -23.081 24.692  1.00 102.89 ? 223 GLY B CA  1 
ATOM   191  C C   . GLY C 1 9 ? 8.359   -23.317 26.172  1.00 102.89 ? 223 GLY B C   1 
ATOM   192  O O   . GLY C 1 9 ? 9.115   -22.614 26.831  1.00 102.89 ? 223 GLY B O   1 
ATOM   193  N N   . GLY D 1 1 ? -19.723 -8.993  4.422   1.00 98.61  ? 215 GLY C N   1 
ATOM   194  C CA  . GLY D 1 1 ? -19.448 -10.171 3.616   1.00 98.61  ? 215 GLY C CA  1 
ATOM   195  C C   . GLY D 1 1 ? -18.180 -10.033 2.803   1.00 98.61  ? 215 GLY C C   1 
ATOM   196  O O   . GLY D 1 1 ? -17.647 -11.017 2.289   1.00 98.61  ? 215 GLY C O   1 
HETATM 197  N N   . PHI D 1 2 ? -17.711 -8.794  2.688   1.00 100.15 ? 216 PHI C N   1 
HETATM 198  C CA  . PHI D 1 2 ? -16.477 -8.486  2.009   1.00 100.15 ? 216 PHI C CA  1 
HETATM 199  C CB  . PHI D 1 2 ? -15.233 -9.019  2.737   1.00 100.15 ? 216 PHI C CB  1 
HETATM 200  C CG  . PHI D 1 2 ? -13.971 -8.325  2.391   1.00 100.15 ? 216 PHI C CG  1 
HETATM 201  C CD1 . PHI D 1 2 ? -13.029 -8.987  1.598   1.00 100.15 ? 216 PHI C CD1 1 
HETATM 202  C CD2 . PHI D 1 2 ? -13.698 -7.035  2.859   1.00 100.15 ? 216 PHI C CD2 1 
HETATM 203  C CE1 . PHI D 1 2 ? -11.830 -8.372  1.260   1.00 100.15 ? 216 PHI C CE1 1 
HETATM 204  C CE2 . PHI D 1 2 ? -12.493 -6.417  2.524   1.00 100.15 ? 216 PHI C CE2 1 
HETATM 205  C CZ  . PHI D 1 2 ? -11.563 -7.090  1.725   1.00 100.15 ? 216 PHI C CZ  1 
HETATM 206  I I   . PHI D 1 2 ? -9.814  -6.235  1.223   1.00 100.15 ? 216 PHI C I   1 
HETATM 207  C C   . PHI D 1 2 ? -16.502 -9.063  0.615   1.00 100.15 ? 216 PHI C C   1 
HETATM 208  O O   . PHI D 1 2 ? -15.578 -9.679  0.095   1.00 100.15 ? 216 PHI C O   1 
ATOM   209  N N   . GLY D 1 3 ? -17.640 -8.862  -0.025  1.00 95.38  ? 217 GLY C N   1 
ATOM   210  C CA  . GLY D 1 3 ? -17.824 -9.380  -1.358  1.00 95.38  ? 217 GLY C CA  1 
ATOM   211  C C   . GLY D 1 3 ? -17.218 -8.507  -2.433  1.00 95.38  ? 217 GLY C C   1 
ATOM   212  O O   . GLY D 1 3 ? -16.499 -8.984  -3.304  1.00 95.38  ? 217 GLY C O   1 
ATOM   213  N N   . GLY D 1 4 ? -17.471 -7.218  -2.355  1.00 90.52  ? 218 GLY C N   1 
ATOM   214  C CA  . GLY D 1 4 ? -17.265 -6.361  -3.500  1.00 90.52  ? 218 GLY C CA  1 
ATOM   215  C C   . GLY D 1 4 ? -15.827 -5.968  -3.725  1.00 90.52  ? 218 GLY C C   1 
ATOM   216  O O   . GLY D 1 4 ? -14.945 -6.241  -2.921  1.00 90.52  ? 218 GLY C O   1 
ATOM   217  N N   . ASN D 1 5 ? -15.610 -5.318  -4.863  1.00 89.89  ? 219 ASN C N   1 
ATOM   218  C CA  . ASN D 1 5 ? -14.295 -4.819  -5.231  1.00 89.89  ? 219 ASN C CA  1 
ATOM   219  C C   . ASN D 1 5 ? -13.764 -3.861  -4.180  1.00 89.89  ? 219 ASN C C   1 
ATOM   220  O O   . ASN D 1 5 ? -14.447 -2.919  -3.774  1.00 89.89  ? 219 ASN C O   1 
ATOM   221  C CB  . ASN D 1 5 ? -14.378 -4.148  -6.591  1.00 89.89  ? 219 ASN C CB  1 
ATOM   222  C CG  . ASN D 1 5 ? -15.582 -3.257  -6.709  1.00 89.89  ? 219 ASN C CG  1 
ATOM   223  O OD1 . ASN D 1 5 ? -16.027 -2.668  -5.734  1.00 89.89  ? 219 ASN C OD1 1 
ATOM   224  N ND2 . ASN D 1 5 ? -16.143 -3.179  -7.905  1.00 89.89  ? 219 ASN C ND2 1 
ATOM   225  N N   . ASP D 1 6 ? -12.546 -4.115  -3.730  1.00 93.44  ? 220 ASP C N   1 
ATOM   226  C CA  . ASP D 1 6 ? -12.020 -3.477  -2.543  1.00 93.44  ? 220 ASP C CA  1 
ATOM   227  C C   . ASP D 1 6 ? -10.590 -3.041  -2.770  1.00 93.44  ? 220 ASP C C   1 
ATOM   228  O O   . ASP D 1 6 ? -10.037 -3.187  -3.857  1.00 93.44  ? 220 ASP C O   1 
ATOM   229  C CB  . ASP D 1 6 ? -12.091 -4.420  -1.357  1.00 93.44  ? 220 ASP C CB  1 
ATOM   230  C CG  . ASP D 1 6 ? -13.487 -4.587  -0.865  1.00 93.44  ? 220 ASP C CG  1 
ATOM   231  O OD1 . ASP D 1 6 ? -14.329 -3.729  -1.202  1.00 93.44  ? 220 ASP C OD1 1 
ATOM   232  O OD2 . ASP D 1 6 ? -13.751 -5.576  -0.157  1.00 93.44  ? 220 ASP C OD2 1 
ATOM   233  N N   . ASN D 1 7 ? -9.993  -2.495  -1.722  1.00 95.49  ? 221 ASN C N   1 
ATOM   234  C CA  . ASN D 1 7 ? -8.601  -2.117  -1.783  1.00 95.49  ? 221 ASN C CA  1 
ATOM   235  C C   . ASN D 1 7 ? -7.961  -2.217  -0.409  1.00 95.49  ? 221 ASN C C   1 
ATOM   236  O O   . ASN D 1 7 ? -7.875  -1.234  0.312   1.00 95.49  ? 221 ASN C O   1 
ATOM   237  C CB  . ASN D 1 7 ? -8.458  -0.712  -2.333  1.00 95.49  ? 221 ASN C CB  1 
ATOM   238  C CG  . ASN D 1 7 ? -7.086  -0.458  -2.863  1.00 95.49  ? 221 ASN C CG  1 
ATOM   239  O OD1 . ASN D 1 7 ? -6.441  -1.375  -3.360  1.00 95.49  ? 221 ASN C OD1 1 
ATOM   240  N ND2 . ASN D 1 7 ? -6.618  0.777   -2.763  1.00 95.49  ? 221 ASN C ND2 1 
HETATM 241  N N   . PHI D 1 8 ? -7.534  -3.421  -0.053  1.00 104.62 ? 222 PHI C N   1 
HETATM 242  C CA  . PHI D 1 8 ? -6.897  -3.663  1.215   1.00 104.62 ? 222 PHI C CA  1 
HETATM 243  C CB  . PHI D 1 8 ? -6.488  -5.138  1.453   1.00 104.62 ? 222 PHI C CB  1 
HETATM 244  C CG  . PHI D 1 8 ? -6.369  -5.582  2.873   1.00 104.62 ? 222 PHI C CG  1 
HETATM 245  C CD1 . PHI D 1 8 ? -7.272  -5.178  3.856   1.00 104.62 ? 222 PHI C CD1 1 
HETATM 246  C CD2 . PHI D 1 8 ? -5.333  -6.445  3.249   1.00 104.62 ? 222 PHI C CD2 1 
HETATM 247  C CE1 . PHI D 1 8 ? -7.126  -5.614  5.173   1.00 104.62 ? 222 PHI C CE1 1 
HETATM 248  C CE2 . PHI D 1 8 ? -5.186  -6.883  4.565   1.00 104.62 ? 222 PHI C CE2 1 
HETATM 249  C CZ  . PHI D 1 8 ? -6.088  -6.465  5.531   1.00 104.62 ? 222 PHI C CZ  1 
HETATM 250  I I   . PHI D 1 8 ? -5.895  -7.084  7.435   1.00 104.62 ? 222 PHI C I   1 
HETATM 251  C C   . PHI D 1 8 ? -5.669  -2.794  1.257   1.00 104.62 ? 222 PHI C C   1 
HETATM 252  O O   . PHI D 1 8 ? -4.694  -2.936  0.531   1.00 104.62 ? 222 PHI C O   1 
ATOM   253  N N   . GLY D 1 9 ? -5.739  -1.817  2.148   1.00 96.81  ? 223 GLY C N   1 
ATOM   254  C CA  . GLY D 1 9 ? -4.645  -0.891  2.335   1.00 96.81  ? 223 GLY C CA  1 
ATOM   255  C C   . GLY D 1 9 ? -3.376  -1.575  2.790   1.00 96.81  ? 223 GLY C C   1 
ATOM   256  O O   . GLY D 1 9 ? -2.474  -0.936  3.326   1.00 96.81  ? 223 GLY C O   1 
ATOM   257  N N   . GLY E 1 1 ? -20.305 -34.566 14.318  1.00 120.26 ? 215 GLY D N   1 
ATOM   258  C CA  . GLY E 1 1 ? -20.306 -35.478 13.189  1.00 120.26 ? 215 GLY D CA  1 
ATOM   259  C C   . GLY E 1 1 ? -19.827 -34.850 11.900  1.00 120.26 ? 215 GLY D C   1 
ATOM   260  O O   . GLY E 1 1 ? -19.349 -35.544 11.010  1.00 120.26 ? 215 GLY D O   1 
HETATM 261  N N   . PHI E 1 2 ? -19.964 -33.533 11.805  1.00 119.35 ? 216 PHI D N   1 
HETATM 262  C CA  . PHI E 1 2 ? -19.570 -32.804 10.631  1.00 119.35 ? 216 PHI D CA  1 
HETATM 263  C CB  . PHI E 1 2 ? -18.074 -32.925 10.279  1.00 119.35 ? 216 PHI D CB  1 
HETATM 264  C CG  . PHI E 1 2 ? -17.147 -32.489 11.362  1.00 119.35 ? 216 PHI D CG  1 
HETATM 265  C CD1 . PHI E 1 2 ? -17.568 -31.679 12.420  1.00 119.35 ? 216 PHI D CD1 1 
HETATM 266  C CD2 . PHI E 1 2 ? -15.805 -32.884 11.318  1.00 119.35 ? 216 PHI D CD2 1 
HETATM 267  C CE1 . PHI E 1 2 ? -16.669 -31.283 13.411  1.00 119.35 ? 216 PHI D CE1 1 
HETATM 268  C CE2 . PHI E 1 2 ? -14.904 -32.489 12.304  1.00 119.35 ? 216 PHI D CE2 1 
HETATM 269  C CZ  . PHI E 1 2 ? -15.337 -31.686 13.353  1.00 119.35 ? 216 PHI D CZ  1 
HETATM 270  I I   . PHI E 1 2 ? -14.034 -31.118 14.779  1.00 119.35 ? 216 PHI D I   1 
HETATM 271  C C   . PHI E 1 2 ? -20.382 -33.304 9.453   1.00 119.35 ? 216 PHI D C   1 
HETATM 272  O O   . PHI E 1 2 ? -21.602 -33.421 9.471   1.00 119.35 ? 216 PHI D O   1 
ATOM   273  N N   . GLY E 1 3 ? -19.666 -33.613 8.379   1.00 115.16 ? 217 GLY D N   1 
ATOM   274  C CA  . GLY E 1 3 ? -20.254 -34.222 7.199   1.00 115.16 ? 217 GLY D CA  1 
ATOM   275  C C   . GLY E 1 3 ? -21.410 -33.477 6.567   1.00 115.16 ? 217 GLY D C   1 
ATOM   276  O O   . GLY E 1 3 ? -22.428 -34.072 6.223   1.00 115.16 ? 217 GLY D O   1 
ATOM   277  N N   . GLY E 1 4 ? -21.261 -32.168 6.421   1.00 110.02 ? 218 GLY D N   1 
ATOM   278  C CA  . GLY E 1 4 ? -22.308 -31.364 5.824   1.00 110.02 ? 218 GLY D CA  1 
ATOM   279  C C   . GLY E 1 4 ? -21.944 -30.677 4.524   1.00 110.02 ? 218 GLY D C   1 
ATOM   280  O O   . GLY E 1 4 ? -22.378 -29.547 4.301   1.00 110.02 ? 218 GLY D O   1 
ATOM   281  N N   . ASN E 1 5 ? -21.132 -31.322 3.686   1.00 107.24 ? 219 ASN D N   1 
ATOM   282  C CA  . ASN E 1 5 ? -20.546 -30.722 2.481   1.00 107.24 ? 219 ASN D CA  1 
ATOM   283  C C   . ASN E 1 5 ? -20.088 -29.292 2.771   1.00 107.24 ? 219 ASN D C   1 
ATOM   284  O O   . ASN E 1 5 ? -20.471 -28.318 2.126   1.00 107.24 ? 219 ASN D O   1 
ATOM   285  C CB  . ASN E 1 5 ? -21.472 -30.830 1.256   1.00 107.24 ? 219 ASN D CB  1 
ATOM   286  C CG  . ASN E 1 5 ? -22.790 -30.101 1.407   1.00 107.24 ? 219 ASN D CG  1 
ATOM   287  O OD1 . ASN E 1 5 ? -22.860 -28.977 1.884   1.00 107.24 ? 219 ASN D OD1 1 
ATOM   288  N ND2 . ASN E 1 5 ? -23.860 -30.760 0.986   1.00 107.24 ? 219 ASN D ND2 1 
ATOM   289  N N   . ASP E 1 6 ? -19.189 -29.210 3.735   1.00 106.51 ? 220 ASP D N   1 
ATOM   290  C CA  . ASP E 1 6 ? -18.786 -27.965 4.353   1.00 106.51 ? 220 ASP D CA  1 
ATOM   291  C C   . ASP E 1 6 ? -17.674 -27.334 3.542   1.00 106.51 ? 220 ASP D C   1 
ATOM   292  O O   . ASP E 1 6 ? -16.907 -28.019 2.868   1.00 106.51 ? 220 ASP D O   1 
ATOM   293  C CB  . ASP E 1 6 ? -18.282 -28.226 5.766   1.00 106.51 ? 220 ASP D CB  1 
ATOM   294  C CG  . ASP E 1 6 ? -19.396 -28.603 6.705   1.00 106.51 ? 220 ASP D CG  1 
ATOM   295  O OD1 . ASP E 1 6 ? -20.570 -28.393 6.355   1.00 106.51 ? 220 ASP D OD1 1 
ATOM   296  O OD2 . ASP E 1 6 ? -19.094 -29.052 7.823   1.00 106.51 ? 220 ASP D OD2 1 
ATOM   297  N N   . ASN E 1 7 ? -17.590 -26.023 3.613   1.00 104.67 ? 221 ASN D N   1 
ATOM   298  C CA  . ASN E 1 7 ? -16.458 -25.357 3.026   1.00 104.67 ? 221 ASN D CA  1 
ATOM   299  C C   . ASN E 1 7 ? -15.663 -24.662 4.089   1.00 104.67 ? 221 ASN D C   1 
ATOM   300  O O   . ASN E 1 7 ? -15.920 -23.506 4.384   1.00 104.67 ? 221 ASN D O   1 
ATOM   301  C CB  . ASN E 1 7 ? -16.921 -24.356 1.992   1.00 104.67 ? 221 ASN D CB  1 
ATOM   302  C CG  . ASN E 1 7 ? -15.783 -23.753 1.237   1.00 104.67 ? 221 ASN D CG  1 
ATOM   303  O OD1 . ASN E 1 7 ? -14.729 -24.362 1.104   1.00 104.67 ? 221 ASN D OD1 1 
ATOM   304  N ND2 . ASN E 1 7 ? -15.981 -22.547 0.730   1.00 104.67 ? 221 ASN D ND2 1 
HETATM 305  N N   . PHI E 1 8 ? -14.680 -25.340 4.657   1.00 107.71 ? 222 PHI D N   1 
HETATM 306  C CA  . PHI E 1 8 ? -13.927 -24.756 5.735   1.00 107.71 ? 222 PHI D CA  1 
HETATM 307  C CB  . PHI E 1 8 ? -12.887 -25.686 6.378   1.00 107.71 ? 222 PHI D CB  1 
HETATM 308  C CG  . PHI E 1 8 ? -13.564 -26.599 7.324   1.00 107.71 ? 222 PHI D CG  1 
HETATM 309  C CD1 . PHI E 1 8 ? -12.951 -26.989 8.509   1.00 107.71 ? 222 PHI D CD1 1 
HETATM 310  C CD2 . PHI E 1 8 ? -14.837 -27.083 7.038   1.00 107.71 ? 222 PHI D CD2 1 
HETATM 311  C CE1 . PHI E 1 8 ? -13.598 -27.852 9.384   1.00 107.71 ? 222 PHI D CE1 1 
HETATM 312  C CE2 . PHI E 1 8 ? -15.492 -27.942 7.904   1.00 107.71 ? 222 PHI D CE2 1 
HETATM 313  C CZ  . PHI E 1 8 ? -14.867 -28.322 9.078   1.00 107.71 ? 222 PHI D CZ  1 
HETATM 314  I I   . PHI E 1 8 ? -15.815 -29.562 10.333  1.00 107.71 ? 222 PHI D I   1 
HETATM 315  C C   . PHI E 1 8 ? -13.196 -23.534 5.236   1.00 107.71 ? 222 PHI D C   1 
HETATM 316  O O   . PHI E 1 8 ? -12.811 -22.633 5.963   1.00 107.71 ? 222 PHI D O   1 
ATOM   317  N N   . GLY E 1 9 ? -13.026 -23.489 3.921   1.00 98.15  ? 223 GLY D N   1 
ATOM   318  C CA  . GLY E 1 9 ? -12.260 -22.437 3.285   1.00 98.15  ? 223 GLY D CA  1 
ATOM   319  C C   . GLY E 1 9 ? -13.035 -21.159 3.084   1.00 98.15  ? 223 GLY D C   1 
ATOM   320  O O   . GLY E 1 9 ? -13.645 -20.653 4.017   1.00 98.15  ? 223 GLY D O   1 
ATOM   321  N N   . GLY F 1 1 ? 0.526   -15.213 9.726   1.00 77.64  ? 215 GLY E N   1 
ATOM   322  C CA  . GLY F 1 1 ? 1.047   -13.865 9.709   1.00 77.64  ? 215 GLY E CA  1 
ATOM   323  C C   . GLY F 1 1 ? 0.108   -12.968 8.950   1.00 77.64  ? 215 GLY E C   1 
ATOM   324  O O   . GLY F 1 1 ? -0.946  -12.597 9.458   1.00 77.64  ? 215 GLY E O   1 
HETATM 325  N N   . PHI F 1 2 ? 0.489   -12.615 7.730   1.00 80.78  ? 216 PHI E N   1 
HETATM 326  C CA  . PHI F 1 2 ? -0.383  -11.879 6.853   1.00 80.78  ? 216 PHI E CA  1 
HETATM 327  C CB  . PHI F 1 2 ? 0.245   -10.696 6.099   1.00 80.78  ? 216 PHI E CB  1 
HETATM 328  C CG  . PHI F 1 2 ? 1.312   -9.982  6.835   1.00 80.78  ? 216 PHI E CG  1 
HETATM 329  C CD1 . PHI F 1 2 ? 0.978   -9.045  7.814   1.00 80.78  ? 216 PHI E CD1 1 
HETATM 330  C CD2 . PHI F 1 2 ? 2.654   -10.225 6.535   1.00 80.78  ? 216 PHI E CD2 1 
HETATM 331  C CE1 . PHI F 1 2 ? 1.978   -8.368  8.500   1.00 80.78  ? 216 PHI E CE1 1 
HETATM 332  C CE2 . PHI F 1 2 ? 3.658   -9.547  7.218   1.00 80.78  ? 216 PHI E CE2 1 
HETATM 333  C CZ  . PHI F 1 2 ? 3.311   -8.618  8.192   1.00 80.78  ? 216 PHI E CZ  1 
HETATM 334  I I   . PHI F 1 2 ? 4.738   -7.623  9.192   1.00 80.78  ? 216 PHI E I   1 
HETATM 335  C C   . PHI F 1 2 ? -0.926  -13.049 6.076   1.00 80.78  ? 216 PHI E C   1 
HETATM 336  O O   . PHI F 1 2 ? -0.314  -14.099 5.894   1.00 80.78  ? 216 PHI E O   1 
ATOM   337  N N   . GLY F 1 3 ? -2.140  -12.859 5.585   1.00 73.22  ? 217 GLY E N   1 
ATOM   338  C CA  . GLY F 1 3 ? -2.815  -13.922 4.881   1.00 73.22  ? 217 GLY E CA  1 
ATOM   339  C C   . GLY F 1 3 ? -3.467  -13.359 3.642   1.00 73.22  ? 217 GLY E C   1 
ATOM   340  O O   . GLY F 1 3 ? -3.421  -12.160 3.363   1.00 73.22  ? 217 GLY E O   1 
ATOM   341  N N   . GLY F 1 4 ? -4.093  -14.264 2.905   1.00 68.74  ? 218 GLY E N   1 
ATOM   342  C CA  . GLY F 1 4 ? -4.939  -13.900 1.793   1.00 68.74  ? 218 GLY E CA  1 
ATOM   343  C C   . GLY F 1 4 ? -6.437  -13.697 1.742   1.00 68.74  ? 218 GLY E C   1 
ATOM   344  O O   . GLY F 1 4 ? -6.907  -12.600 1.500   1.00 68.74  ? 218 GLY E O   1 
ATOM   345  N N   . ASN F 1 5 ? -7.173  -14.790 1.928   1.00 68.39  ? 219 ASN E N   1 
ATOM   346  C CA  . ASN F 1 5 ? -8.638  -14.810 1.901   1.00 68.39  ? 219 ASN E CA  1 
ATOM   347  C C   . ASN F 1 5 ? -8.811  -15.363 3.311   1.00 68.39  ? 219 ASN E C   1 
ATOM   348  O O   . ASN F 1 5 ? -9.635  -14.830 4.064   1.00 68.39  ? 219 ASN E O   1 
ATOM   349  C CB  . ASN F 1 5 ? -9.249  -15.740 0.877   1.00 68.39  ? 219 ASN E CB  1 
ATOM   350  C CG  . ASN F 1 5 ? -10.733 -15.596 0.816   1.00 68.39  ? 219 ASN E CG  1 
ATOM   351  O OD1 . ASN F 1 5 ? -11.342 -15.099 1.750   1.00 68.39  ? 219 ASN E OD1 1 
ATOM   352  N ND2 . ASN F 1 5 ? -11.337 -16.058 -0.265  1.00 68.39  ? 219 ASN E ND2 1 
ATOM   353  N N   . ASP F 1 6 ? -8.126  -16.435 3.690   1.00 70.26  ? 220 ASP E N   1 
ATOM   354  C CA  . ASP F 1 6 ? -8.240  -16.979 5.034   1.00 70.26  ? 220 ASP E CA  1 
ATOM   355  C C   . ASP F 1 6 ? -6.837  -17.106 5.587   1.00 70.26  ? 220 ASP E C   1 
ATOM   356  O O   . ASP F 1 6 ? -5.965  -17.684 4.932   1.00 70.26  ? 220 ASP E O   1 
ATOM   357  C CB  . ASP F 1 6 ? -8.928  -18.327 5.064   1.00 70.26  ? 220 ASP E CB  1 
ATOM   358  C CG  . ASP F 1 6 ? -10.256 -18.303 4.377   1.00 70.26  ? 220 ASP E CG  1 
ATOM   359  O OD1 . ASP F 1 6 ? -10.765 -17.197 4.131   1.00 70.26  ? 220 ASP E OD1 1 
ATOM   360  O OD2 . ASP F 1 6 ? -10.790 -19.385 4.068   1.00 70.26  ? 220 ASP E OD2 1 
ATOM   361  N N   . ASN F 1 7 ? -6.614  -16.600 6.786   1.00 73.63  ? 221 ASN E N   1 
ATOM   362  C CA  . ASN F 1 7 ? -5.354  -16.856 7.469   1.00 73.63  ? 221 ASN E CA  1 
ATOM   363  C C   . ASN F 1 7 ? -5.523  -17.331 8.878   1.00 73.63  ? 221 ASN E C   1 
ATOM   364  O O   . ASN F 1 7 ? -6.106  -16.634 9.690   1.00 73.63  ? 221 ASN E O   1 
ATOM   365  C CB  . ASN F 1 7 ? -4.485  -15.620 7.526   1.00 73.63  ? 221 ASN E CB  1 
ATOM   366  C CG  . ASN F 1 7 ? -3.173  -15.892 8.195   1.00 73.63  ? 221 ASN E CG  1 
ATOM   367  O OD1 . ASN F 1 7 ? -2.648  -16.989 8.099   1.00 73.63  ? 221 ASN E OD1 1 
ATOM   368  N ND2 . ASN F 1 7 ? -2.647  -14.910 8.905   1.00 73.63  ? 221 ASN E ND2 1 
HETATM 369  N N   . PHI F 1 8 ? -4.984  -18.497 9.189   1.00 78.70  ? 222 PHI E N   1 
HETATM 370  C CA  . PHI F 1 8 ? -4.986  -18.958 10.548  1.00 78.70  ? 222 PHI E CA  1 
HETATM 371  C CB  . PHI F 1 8 ? -5.362  -20.427 10.725  1.00 78.70  ? 222 PHI E CB  1 
HETATM 372  C CG  . PHI F 1 8 ? -6.503  -20.681 9.840   1.00 78.70  ? 222 PHI E CG  1 
HETATM 373  C CD1 . PHI F 1 8 ? -7.751  -20.206 10.203  1.00 78.70  ? 222 PHI E CD1 1 
HETATM 374  C CD2 . PHI F 1 8 ? -6.333  -21.372 8.650   1.00 78.70  ? 222 PHI E CD2 1 
HETATM 375  C CE1 . PHI F 1 8 ? -8.836  -20.434 9.379   1.00 78.70  ? 222 PHI E CE1 1 
HETATM 376  C CE2 . PHI F 1 8 ? -7.422  -21.599 7.829   1.00 78.70  ? 222 PHI E CE2 1 
HETATM 377  C CZ  . PHI F 1 8 ? -8.668  -21.128 8.199   1.00 78.70  ? 222 PHI E CZ  1 
HETATM 378  I I   . PHI F 1 8 ? -10.262 -21.439 7.028   1.00 78.70  ? 222 PHI E I   1 
HETATM 379  C C   . PHI F 1 8 ? -3.614  -18.782 11.112  1.00 78.70  ? 222 PHI E C   1 
HETATM 380  O O   . PHI F 1 8 ? -2.757  -18.065 10.618  1.00 78.70  ? 222 PHI E O   1 
ATOM   381  N N   . GLY F 1 9 ? -3.403  -19.498 12.206  1.00 75.74  ? 223 GLY E N   1 
ATOM   382  C CA  . GLY F 1 9 ? -2.118  -19.550 12.864  1.00 75.74  ? 223 GLY E CA  1 
ATOM   383  C C   . GLY F 1 9 ? -1.597  -18.202 13.295  1.00 75.74  ? 223 GLY E C   1 
ATOM   384  O O   . GLY F 1 9 ? -1.018  -17.480 12.500  1.00 75.74  ? 223 GLY E O   1 
ATOM   385  N N   . GLY G 1 1 ? -5.778  -29.672 20.310  1.00 126.51 ? 215 GLY M N   1 
ATOM   386  C CA  . GLY G 1 1 ? -5.610  -30.050 21.700  1.00 126.51 ? 215 GLY M CA  1 
ATOM   387  C C   . GLY G 1 1 ? -4.558  -31.127 21.871  1.00 126.51 ? 215 GLY M C   1 
ATOM   388  O O   . GLY G 1 1 ? -3.891  -31.512 20.908  1.00 126.51 ? 215 GLY M O   1 
HETATM 389  N N   . PHI G 1 2 ? -4.414  -31.634 23.095  1.00 133.16 ? 216 PHI M N   1 
HETATM 390  C CA  . PHI G 1 2 ? -3.431  -32.685 23.387  1.00 133.16 ? 216 PHI M CA  1 
HETATM 391  C CB  . PHI G 1 2 ? -3.605  -33.927 22.506  1.00 133.16 ? 216 PHI M CB  1 
HETATM 392  C CG  . PHI G 1 2 ? -5.068  -34.216 22.268  1.00 133.16 ? 216 PHI M CG  1 
HETATM 393  C CD1 . PHI G 1 2 ? -5.938  -34.361 23.341  1.00 133.16 ? 216 PHI M CD1 1 
HETATM 394  C CD2 . PHI G 1 2 ? -5.539  -34.335 20.967  1.00 133.16 ? 216 PHI M CD2 1 
HETATM 395  C CE1 . PHI G 1 2 ? -7.281  -34.622 23.107  1.00 133.16 ? 216 PHI M CE1 1 
HETATM 396  C CE2 . PHI G 1 2 ? -6.882  -34.599 20.735  1.00 133.16 ? 216 PHI M CE2 1 
HETATM 397  C CZ  . PHI G 1 2 ? -7.754  -34.745 21.806  1.00 133.16 ? 216 PHI M CZ  1 
HETATM 398  I I   . PHI G 1 2 ? -9.776  -35.142 21.455  1.00 133.16 ? 216 PHI M I   1 
HETATM 399  C C   . PHI G 1 2 ? -2.032  -33.145 23.078  1.00 133.16 ? 216 PHI M C   1 
HETATM 400  O O   . PHI G 1 2 ? -1.815  -34.362 22.901  1.00 133.16 ? 216 PHI M O   1 
ATOM   401  N N   . GLY G 1 3 ? -1.083  -32.218 23.001  1.00 125.53 ? 217 GLY M N   1 
ATOM   402  C CA  . GLY G 1 3 ? 0.277   -32.573 22.632  1.00 125.53 ? 217 GLY M CA  1 
ATOM   403  C C   . GLY G 1 3 ? 0.280   -32.235 24.105  1.00 125.53 ? 217 GLY M C   1 
ATOM   404  O O   . GLY G 1 3 ? -0.330  -31.250 24.519  1.00 125.53 ? 217 GLY M O   1 
ATOM   405  N N   . GLY G 1 4 ? 0.964   -33.044 24.905  1.00 120.60 ? 218 GLY M N   1 
ATOM   406  C CA  . GLY G 1 4 ? 1.075   -32.776 26.327  1.00 120.60 ? 218 GLY M CA  1 
ATOM   407  C C   . GLY G 1 4 ? 1.535   -31.498 26.997  1.00 120.60 ? 218 GLY M C   1 
ATOM   408  O O   . GLY G 1 4 ? 0.875   -31.040 27.929  1.00 120.60 ? 218 GLY M O   1 
ATOM   409  N N   . ASN G 1 5 ? 2.643   -30.909 26.561  1.00 114.84 ? 219 ASN M N   1 
ATOM   410  C CA  . ASN G 1 5 ? 3.136   -29.744 27.287  1.00 114.84 ? 219 ASN M CA  1 
ATOM   411  C C   . ASN G 1 5 ? 2.832   -28.381 26.679  1.00 114.84 ? 219 ASN M C   1 
ATOM   412  O O   . ASN G 1 5 ? 2.602   -27.407 27.403  1.00 114.84 ? 219 ASN M O   1 
ATOM   413  C CB  . ASN G 1 5 ? 4.657   -29.804 27.242  1.00 114.84 ? 219 ASN M CB  1 
ATOM   414  C CG  . ASN G 1 5 ? 5.285   -28.487 27.624  1.00 114.84 ? 219 ASN M CG  1 
ATOM   415  O OD1 . ASN G 1 5 ? 4.762   -27.768 28.469  1.00 114.84 ? 219 ASN M OD1 1 
ATOM   416  N ND2 . ASN G 1 5 ? 6.411   -28.165 27.015  1.00 114.84 ? 219 ASN M ND2 1 
ATOM   417  N N   . ASP G 1 6 ? 2.822   -28.298 25.354  1.00 112.00 ? 220 ASP M N   1 
ATOM   418  C CA  . ASP G 1 6 ? 2.677   -27.032 24.639  1.00 112.00 ? 220 ASP M CA  1 
ATOM   419  C C   . ASP G 1 6 ? 1.879   -27.431 23.408  1.00 112.00 ? 220 ASP M C   1 
ATOM   420  O O   . ASP G 1 6 ? 2.398   -28.124 22.531  1.00 112.00 ? 220 ASP M O   1 
ATOM   421  C CB  . ASP G 1 6 ? 3.962   -26.301 24.285  1.00 112.00 ? 220 ASP M CB  1 
ATOM   422  C CG  . ASP G 1 6 ? 4.705   -25.811 25.499  1.00 112.00 ? 220 ASP M CG  1 
ATOM   423  O OD1 . ASP G 1 6 ? 4.123   -25.846 26.594  1.00 112.00 ? 220 ASP M OD1 1 
ATOM   424  O OD2 . ASP G 1 6 ? 5.869   -25.381 25.366  1.00 112.00 ? 220 ASP M OD2 1 
ATOM   425  N N   . ASN G 1 7 ? 0.621   -27.020 23.344  1.00 111.68 ? 221 ASN M N   1 
ATOM   426  C CA  . ASN G 1 7 ? -0.134  -27.213 22.116  1.00 111.68 ? 221 ASN M CA  1 
ATOM   427  C C   . ASN G 1 7 ? -0.412  -25.884 21.467  1.00 111.68 ? 221 ASN M C   1 
ATOM   428  O O   . ASN G 1 7 ? -1.205  -25.102 21.977  1.00 111.68 ? 221 ASN M O   1 
ATOM   429  C CB  . ASN G 1 7 ? -1.461  -27.898 22.331  1.00 111.68 ? 221 ASN M CB  1 
ATOM   430  C CG  . ASN G 1 7 ? -2.156  -28.175 21.033  1.00 111.68 ? 221 ASN M CG  1 
ATOM   431  O OD1 . ASN G 1 7 ? -1.522  -28.558 20.058  1.00 111.68 ? 221 ASN M OD1 1 
ATOM   432  N ND2 . ASN G 1 7 ? -3.448  -27.892 20.978  1.00 111.68 ? 221 ASN M ND2 1 
HETATM 433  N N   . PHI G 1 8 ? 0.200   -25.639 20.319  1.00 106.60 ? 222 PHI M N   1 
HETATM 434  C CA  . PHI G 1 8 ? 0.037   -24.374 19.662  1.00 106.60 ? 222 PHI M CA  1 
HETATM 435  C CB  . PHI G 1 8 ? 1.306   -23.849 19.011  1.00 106.60 ? 222 PHI M CB  1 
HETATM 436  C CG  . PHI G 1 8 ? 2.200   -23.323 20.057  1.00 106.60 ? 222 PHI M CG  1 
HETATM 437  C CD1 . PHI G 1 8 ? 3.525   -23.733 20.077  1.00 106.60 ? 222 PHI M CD1 1 
HETATM 438  C CD2 . PHI G 1 8 ? 1.742   -22.427 21.011  1.00 106.60 ? 222 PHI M CD2 1 
HETATM 439  C CE1 . PHI G 1 8 ? 4.401   -23.259 21.035  1.00 106.60 ? 222 PHI M CE1 1 
HETATM 440  C CE2 . PHI G 1 8 ? 2.619   -21.950 21.971  1.00 106.60 ? 222 PHI M CE2 1 
HETATM 441  C CZ  . PHI G 1 8 ? 3.942   -22.369 21.985  1.00 106.60 ? 222 PHI M CZ  1 
HETATM 442  I I   . PHI G 1 8 ? 5.221   -21.678 23.370  1.00 106.60 ? 222 PHI M I   1 
HETATM 443  C C   . PHI G 1 8 ? -1.336  -24.076 19.139  1.00 106.60 ? 222 PHI M C   1 
HETATM 444  O O   . PHI G 1 8 ? -1.905  -23.003 19.267  1.00 106.60 ? 222 PHI M O   1 
ATOM   445  N N   . GLY G 1 9 ? -1.898  -25.092 18.510  1.00 105.48 ? 223 GLY M N   1 
ATOM   446  C CA  . GLY G 1 9 ? -3.280  -25.043 18.081  1.00 105.48 ? 223 GLY M CA  1 
ATOM   447  C C   . GLY G 1 9 ? -3.099  -25.863 16.830  1.00 105.48 ? 223 GLY M C   1 
ATOM   448  O O   . GLY G 1 9 ? -3.758  -26.885 16.666  1.00 105.48 ? 223 GLY M O   1 
ATOM   449  N N   . GLY H 1 1 ? 1.445   -16.305 12.444  1.00 89.33  ? 215 GLY G N   1 
ATOM   450  C CA  . GLY H 1 1 ? 1.853   -17.012 13.644  1.00 89.33  ? 215 GLY G CA  1 
ATOM   451  C C   . GLY H 1 1 ? 2.256   -16.070 14.754  1.00 89.33  ? 215 GLY G C   1 
ATOM   452  O O   . GLY H 1 1 ? 1.483   -15.837 15.683  1.00 89.33  ? 215 GLY G O   1 
HETATM 453  N N   . PHI H 1 2 ? 3.462   -15.523 14.667  1.00 104.96 ? 216 PHI G N   1 
HETATM 454  C CA  . PHI H 1 2 ? 3.929   -14.623 15.675  1.00 104.96 ? 216 PHI G CA  1 
HETATM 455  C CB  . PHI H 1 2 ? 5.276   -14.973 16.320  1.00 104.96 ? 216 PHI G CB  1 
HETATM 456  C CG  . PHI H 1 2 ? 5.171   -16.173 17.174  1.00 104.96 ? 216 PHI G CG  1 
HETATM 457  C CD1 . PHI H 1 2 ? 3.947   -16.794 17.431  1.00 104.96 ? 216 PHI G CD1 1 
HETATM 458  C CD2 . PHI H 1 2 ? 6.327   -16.696 17.727  1.00 104.96 ? 216 PHI G CD2 1 
HETATM 459  C CE1 . PHI H 1 2 ? 3.878   -17.928 18.231  1.00 104.96 ? 216 PHI G CE1 1 
HETATM 460  C CE2 . PHI H 1 2 ? 6.254   -17.826 18.516  1.00 104.96 ? 216 PHI G CE2 1 
HETATM 461  C CZ  . PHI H 1 2 ? 5.044   -18.436 18.776  1.00 104.96 ? 216 PHI G CZ  1 
HETATM 462  I I   . PHI H 1 2 ? 5.022   -20.068 19.941  1.00 104.96 ? 216 PHI G I   1 
HETATM 463  C C   . PHI H 1 2 ? 4.150   -13.266 15.084  1.00 104.96 ? 216 PHI G C   1 
HETATM 464  O O   . PHI H 1 2 ? 3.771   -12.906 13.966  1.00 104.96 ? 216 PHI G O   1 
ATOM   465  N N   . GLY H 1 3 ? 4.823   -12.474 15.910  1.00 102.60 ? 217 GLY G N   1 
ATOM   466  C CA  . GLY H 1 3 ? 5.071   -11.080 15.630  1.00 102.60 ? 217 GLY G CA  1 
ATOM   467  C C   . GLY H 1 3 ? 5.610   -11.052 14.227  1.00 102.60 ? 217 GLY G C   1 
ATOM   468  O O   . GLY H 1 3 ? 6.518   -11.801 13.898  1.00 102.60 ? 217 GLY G O   1 
ATOM   469  N N   . GLY H 1 4 ? 5.023   -10.217 13.386  1.00 97.46  ? 218 GLY G N   1 
ATOM   470  C CA  . GLY H 1 4 ? 5.540   -10.107 12.049  1.00 97.46  ? 218 GLY G CA  1 
ATOM   471  C C   . GLY H 1 4 ? 5.675   -8.629  12.331  1.00 97.46  ? 218 GLY G C   1 
ATOM   472  O O   . GLY H 1 4 ? 4.702   -7.881  12.236  1.00 97.46  ? 218 GLY G O   1 
ATOM   473  N N   . ASN H 1 5 ? 6.894   -8.214  12.677  1.00 98.55  ? 219 ASN G N   1 
ATOM   474  C CA  . ASN H 1 5 ? 7.250   -6.831  13.021  1.00 98.55  ? 219 ASN G CA  1 
ATOM   475  C C   . ASN H 1 5 ? 8.119   -6.526  11.805  1.00 98.55  ? 219 ASN G C   1 
ATOM   476  O O   . ASN H 1 5 ? 9.250   -6.060  11.929  1.00 98.55  ? 219 ASN G O   1 
ATOM   477  C CB  . ASN H 1 5 ? 8.097   -7.047  14.279  1.00 98.55  ? 219 ASN G CB  1 
ATOM   478  C CG  . ASN H 1 5 ? 9.083   -8.187  14.160  1.00 98.55  ? 219 ASN G CG  1 
ATOM   479  O OD1 . ASN H 1 5 ? 9.757   -8.356  13.149  1.00 98.55  ? 219 ASN G OD1 1 
ATOM   480  N ND2 . ASN H 1 5 ? 9.166   -8.984  15.208  1.00 98.55  ? 219 ASN G ND2 1 
ATOM   481  N N   . ASP H 1 6 ? 7.573   -6.746  10.619  1.00 92.99  ? 220 ASP G N   1 
ATOM   482  C CA  . ASP H 1 6 ? 8.212   -6.344  9.382   1.00 92.99  ? 220 ASP G CA  1 
ATOM   483  C C   . ASP H 1 6 ? 7.540   -5.043  8.980   1.00 92.99  ? 220 ASP G C   1 
ATOM   484  O O   . ASP H 1 6 ? 6.567   -4.610  9.604   1.00 92.99  ? 220 ASP G O   1 
ATOM   485  C CB  . ASP H 1 6 ? 8.126   -7.453  8.319   1.00 92.99  ? 220 ASP G CB  1 
ATOM   486  C CG  . ASP H 1 6 ? 9.071   -7.239  7.139   1.00 92.99  ? 220 ASP G CG  1 
ATOM   487  O OD1 . ASP H 1 6 ? 9.840   -6.256  7.123   1.00 92.99  ? 220 ASP G OD1 1 
ATOM   488  O OD2 . ASP H 1 6 ? 9.042   -8.079  6.221   1.00 92.99  ? 220 ASP G OD2 1 
ATOM   489  N N   . ASN H 1 7 ? 8.080   -4.412  7.953   1.00 92.74  ? 221 ASN G N   1 
ATOM   490  C CA  . ASN H 1 7 ? 7.778   -3.021  7.702   1.00 92.74  ? 221 ASN G CA  1 
ATOM   491  C C   . ASN H 1 7 ? 7.098   -2.873  6.351   1.00 92.74  ? 221 ASN G C   1 
ATOM   492  O O   . ASN H 1 7 ? 7.410   -1.972  5.581   1.00 92.74  ? 221 ASN G O   1 
ATOM   493  C CB  . ASN H 1 7 ? 9.038   -2.184  7.774   1.00 92.74  ? 221 ASN G CB  1 
ATOM   494  C CG  . ASN H 1 7 ? 9.800   -2.429  9.052   1.00 92.74  ? 221 ASN G CG  1 
ATOM   495  O OD1 . ASN H 1 7 ? 9.258   -2.967  10.013  1.00 92.74  ? 221 ASN G OD1 1 
ATOM   496  N ND2 . ASN H 1 7 ? 11.063  -2.043  9.071   1.00 92.74  ? 221 ASN G ND2 1 
HETATM 497  N N   . PHI H 1 8 ? 6.160   -3.768  6.082   1.00 98.86  ? 222 PHI G N   1 
HETATM 498  C CA  . PHI H 1 8 ? 5.559   -3.868  4.784   1.00 98.86  ? 222 PHI G CA  1 
HETATM 499  C CB  . PHI H 1 8 ? 4.776   -5.194  4.596   1.00 98.86  ? 222 PHI G CB  1 
HETATM 500  C CG  . PHI H 1 8 ? 3.292   -5.278  4.697   1.00 98.86  ? 222 PHI G CG  1 
HETATM 501  C CD1 . PHI H 1 8 ? 2.604   -6.041  3.751   1.00 98.86  ? 222 PHI G CD1 1 
HETATM 502  C CD2 . PHI H 1 8 ? 2.559   -4.674  5.715   1.00 98.86  ? 222 PHI G CD2 1 
HETATM 503  C CE1 . PHI H 1 8 ? 1.222   -6.175  3.793   1.00 98.86  ? 222 PHI G CE1 1 
HETATM 504  C CE2 . PHI H 1 8 ? 1.174   -4.799  5.757   1.00 98.86  ? 222 PHI G CE2 1 
HETATM 505  C CZ  . PHI H 1 8 ? 0.507   -5.551  4.801   1.00 98.86  ? 222 PHI G CZ  1 
HETATM 506  I I   . PHI H 1 8 ? -1.499  -5.723  4.901   1.00 98.86  ? 222 PHI G I   1 
HETATM 507  C C   . PHI H 1 8 ? 4.678   -2.668  4.574   1.00 98.86  ? 222 PHI G C   1 
HETATM 508  O O   . PHI H 1 8 ? 4.168   -2.030  5.486   1.00 98.86  ? 222 PHI G O   1 
ATOM   509  N N   . GLY H 1 9 ? 4.510   -2.331  3.305   1.00 92.48  ? 223 GLY G N   1 
ATOM   510  C CA  . GLY H 1 9 ? 3.724   -1.174  2.935   1.00 92.48  ? 223 GLY G CA  1 
ATOM   511  C C   . GLY H 1 9 ? 2.725   -1.463  1.837   1.00 92.48  ? 223 GLY G C   1 
ATOM   512  O O   . GLY H 1 9 ? 2.320   -0.562  1.106   1.00 92.48  ? 223 GLY G O   1 
ATOM   513  N N   . GLY I 1 1 ? -5.894  -27.510 16.731  1.00 110.80 ? 215 GLY H N   1 
ATOM   514  C CA  . GLY I 1 1 ? -6.733  -27.561 15.550  1.00 110.80 ? 215 GLY H CA  1 
ATOM   515  C C   . GLY I 1 1 ? -8.108  -28.096 15.870  1.00 110.80 ? 215 GLY H C   1 
ATOM   516  O O   . GLY I 1 1 ? -8.406  -28.368 17.025  1.00 110.80 ? 215 GLY H O   1 
HETATM 517  N N   . PHI I 1 2 ? -8.948  -28.246 14.854  1.00 115.98 ? 216 PHI H N   1 
HETATM 518  C CA  . PHI I 1 2 ? -10.289 -28.718 15.072  1.00 115.98 ? 216 PHI H CA  1 
HETATM 519  C CB  . PHI I 1 2 ? -11.203 -28.766 13.832  1.00 115.98 ? 216 PHI H CB  1 
HETATM 520  C CG  . PHI I 1 2 ? -10.890 -27.813 12.741  1.00 115.98 ? 216 PHI H CG  1 
HETATM 521  C CD1 . PHI I 1 2 ? -10.602 -28.288 11.466  1.00 115.98 ? 216 PHI H CD1 1 
HETATM 522  C CD2 . PHI I 1 2 ? -10.904 -26.440 12.949  1.00 115.98 ? 216 PHI H CD2 1 
HETATM 523  C CE1 . PHI I 1 2 ? -10.315 -27.421 10.421  1.00 115.98 ? 216 PHI H CE1 1 
HETATM 524  C CE2 . PHI I 1 2 ? -10.619 -25.570 11.903  1.00 115.98 ? 216 PHI H CE2 1 
HETATM 525  C CZ  . PHI I 1 2 ? -10.325 -26.053 10.635  1.00 115.98 ? 216 PHI H CZ  1 
HETATM 526  I I   . PHI I 1 2 ? -9.917  -24.777 9.128   1.00 115.98 ? 216 PHI H I   1 
HETATM 527  C C   . PHI I 1 2 ? -9.808  -29.981 15.750  1.00 115.98 ? 216 PHI H C   1 
HETATM 528  O O   . PHI I 1 2 ? -8.916  -30.693 15.289  1.00 115.98 ? 216 PHI H O   1 
ATOM   529  N N   . GLY I 1 3 ? -10.425 -30.264 16.894  1.00 117.24 ? 217 GLY H N   1 
ATOM   530  C CA  . GLY I 1 3 ? -10.175 -31.490 17.634  1.00 117.24 ? 217 GLY H CA  1 
ATOM   531  C C   . GLY I 1 3 ? -11.303 -32.139 16.863  1.00 117.24 ? 217 GLY H C   1 
ATOM   532  O O   . GLY I 1 3 ? -12.253 -31.482 16.456  1.00 117.24 ? 217 GLY H O   1 
ATOM   533  N N   . GLY I 1 4 ? -11.172 -33.443 16.658  1.00 124.68 ? 218 GLY H N   1 
ATOM   534  C CA  . GLY I 1 4 ? -12.091 -34.165 15.807  1.00 124.68 ? 218 GLY H CA  1 
ATOM   535  C C   . GLY I 1 4 ? -13.130 -35.269 15.786  1.00 124.68 ? 218 GLY H C   1 
ATOM   536  O O   . GLY I 1 4 ? -13.230 -36.067 14.857  1.00 124.68 ? 218 GLY H O   1 
ATOM   537  N N   . ASN I 1 5 ? -13.957 -35.294 16.829  1.00 128.31 ? 219 ASN H N   1 
ATOM   538  C CA  . ASN I 1 5 ? -14.947 -36.361 16.948  1.00 128.31 ? 219 ASN H CA  1 
ATOM   539  C C   . ASN I 1 5 ? -14.125 -37.585 17.294  1.00 128.31 ? 219 ASN H C   1 
ATOM   540  O O   . ASN I 1 5 ? -14.575 -38.716 17.123  1.00 128.31 ? 219 ASN H O   1 
ATOM   541  C CB  . ASN I 1 5 ? -15.822 -36.570 15.706  1.00 128.31 ? 219 ASN H CB  1 
ATOM   542  C CG  . ASN I 1 5 ? -16.844 -35.461 15.512  1.00 128.31 ? 219 ASN H CG  1 
ATOM   543  O OD1 . ASN I 1 5 ? -17.214 -34.768 16.459  1.00 128.31 ? 219 ASN H OD1 1 
ATOM   544  N ND2 . ASN I 1 5 ? -17.303 -35.288 14.278  1.00 128.31 ? 219 ASN H ND2 1 
ATOM   545  N N   . ASP I 1 6 ? -12.913 -37.358 17.794  1.00 133.27 ? 220 ASP H N   1 
ATOM   546  C CA  . ASP I 1 6 ? -12.020 -38.460 18.134  1.00 133.27 ? 220 ASP H CA  1 
ATOM   547  C C   . ASP I 1 6 ? -12.731 -38.477 19.475  1.00 133.27 ? 220 ASP H C   1 
ATOM   548  O O   . ASP I 1 6 ? -12.969 -37.425 20.070  1.00 133.27 ? 220 ASP H O   1 
ATOM   549  C CB  . ASP I 1 6 ? -10.572 -38.016 17.935  1.00 133.27 ? 220 ASP H CB  1 
ATOM   550  C CG  . ASP I 1 6 ? -10.199 -36.845 18.823  1.00 133.27 ? 220 ASP H CG  1 
ATOM   551  O OD1 . ASP I 1 6 ? -11.085 -36.330 19.536  1.00 133.27 ? 220 ASP H OD1 1 
ATOM   552  O OD2 . ASP I 1 6 ? -9.016  -36.445 18.813  1.00 133.27 ? 220 ASP H OD2 1 
ATOM   553  N N   . ASN I 1 7 ? -13.072 -39.666 19.957  1.00 137.46 ? 221 ASN H N   1 
ATOM   554  C CA  . ASN I 1 7 ? -13.729 -39.788 21.253  1.00 137.46 ? 221 ASN H CA  1 
ATOM   555  C C   . ASN I 1 7 ? -12.609 -40.698 21.724  1.00 137.46 ? 221 ASN H C   1 
ATOM   556  O O   . ASN I 1 7 ? -12.322 -41.709 21.086  1.00 137.46 ? 221 ASN H O   1 
ATOM   557  C CB  . ASN I 1 7 ? -15.057 -40.534 21.247  1.00 137.46 ? 221 ASN H CB  1 
ATOM   558  C CG  . ASN I 1 7 ? -15.022 -41.764 20.364  1.00 137.46 ? 221 ASN H CG  1 
ATOM   559  O OD1 . ASN I 1 7 ? -13.992 -42.428 20.249  1.00 137.46 ? 221 ASN H OD1 1 
ATOM   560  N ND2 . ASN I 1 7 ? -16.143 -42.065 19.721  1.00 137.46 ? 221 ASN H ND2 1 
HETATM 561  N N   . PHI I 1 8 ? -11.973 -40.347 22.836  1.00 146.40 ? 222 PHI H N   1 
HETATM 562  C CA  . PHI I 1 8 ? -10.893 -41.141 23.347  1.00 146.40 ? 222 PHI H CA  1 
HETATM 563  C CB  . PHI I 1 8 ? -9.520  -40.742 22.790  1.00 146.40 ? 222 PHI H CB  1 
HETATM 564  C CG  . PHI I 1 8 ? -8.911  -39.609 23.533  1.00 146.40 ? 222 PHI H CG  1 
HETATM 565  C CD1 . PHI I 1 8 ? -7.711  -39.805 24.215  1.00 146.40 ? 222 PHI H CD1 1 
HETATM 566  C CD2 . PHI I 1 8 ? -9.493  -38.339 23.556  1.00 146.40 ? 222 PHI H CD2 1 
HETATM 567  C CE1 . PHI I 1 8 ? -7.099  -38.770 24.910  1.00 146.40 ? 222 PHI H CE1 1 
HETATM 568  C CE2 . PHI I 1 8 ? -8.879  -37.301 24.260  1.00 146.40 ? 222 PHI H CE2 1 
HETATM 569  C CZ  . PHI I 1 8 ? -7.679  -37.511 24.939  1.00 146.40 ? 222 PHI H CZ  1 
HETATM 570  I I   . PHI I 1 8 ? -6.770  -36.029 25.968  1.00 146.40 ? 222 PHI H I   1 
HETATM 571  C C   . PHI I 1 8 ? -10.700 -40.984 24.835  1.00 146.40 ? 222 PHI H C   1 
HETATM 572  O O   . PHI I 1 8 ? -11.024 -39.990 25.477  1.00 146.40 ? 222 PHI H O   1 
ATOM   573  N N   . GLY I 1 9 ? -10.110 -42.011 25.433  1.00 145.68 ? 223 GLY H N   1 
ATOM   574  C CA  . GLY I 1 9 ? -9.850  -41.955 26.860  1.00 145.68 ? 223 GLY H CA  1 
ATOM   575  C C   . GLY I 1 9 ? -8.801  -40.945 27.280  1.00 145.68 ? 223 GLY H C   1 
ATOM   576  O O   . GLY I 1 9 ? -9.022  -39.736 27.203  1.00 145.68 ? 223 GLY H O   1 
ATOM   577  N N   . GLY J 1 1 ? 19.242  34.845  -14.388 1.00 119.35 ? 215 GLY J N   1 
ATOM   578  C CA  . GLY J 1 1 ? 20.392  34.939  -13.510 1.00 119.35 ? 215 GLY J CA  1 
ATOM   579  C C   . GLY J 1 1 ? 20.305  33.989  -12.336 1.00 119.35 ? 215 GLY J C   1 
ATOM   580  O O   . GLY J 1 1 ? 19.638  34.267  -11.344 1.00 119.35 ? 215 GLY J O   1 
HETATM 581  N N   . PHI J 1 2 ? 20.986  32.861  -12.448 1.00 119.15 ? 216 PHI J N   1 
HETATM 582  C CA  . PHI J 1 2 ? 20.917  31.840  -11.442 1.00 119.15 ? 216 PHI J CA  1 
HETATM 583  C CB  . PHI J 1 2 ? 20.254  30.554  -11.955 1.00 119.15 ? 216 PHI J CB  1 
HETATM 584  C CG  . PHI J 1 2 ? 18.876  30.836  -12.435 1.00 119.15 ? 216 PHI J CG  1 
HETATM 585  C CD1 . PHI J 1 2 ? 18.020  31.628  -11.673 1.00 119.15 ? 216 PHI J CD1 1 
HETATM 586  C CD2 . PHI J 1 2 ? 18.405  30.307  -13.640 1.00 119.15 ? 216 PHI J CD2 1 
HETATM 587  C CE1 . PHI J 1 2 ? 16.726  31.890  -12.105 1.00 119.15 ? 216 PHI J CE1 1 
HETATM 588  C CE2 . PHI J 1 2 ? 17.107  30.568  -14.079 1.00 119.15 ? 216 PHI J CE2 1 
HETATM 589  C CZ  . PHI J 1 2 ? 16.268  31.364  -13.304 1.00 119.15 ? 216 PHI J CZ  1 
HETATM 590  I I   . PHI J 1 2 ? 14.385  31.779  -13.882 1.00 119.15 ? 216 PHI J I   1 
HETATM 591  C C   . PHI J 1 2 ? 22.314  31.528  -10.962 1.00 119.15 ? 216 PHI J C   1 
HETATM 592  O O   . PHI J 1 2 ? 22.882  30.445  -11.087 1.00 119.15 ? 216 PHI J O   1 
ATOM   593  N N   . GLY J 1 3 ? 22.892  32.559  -10.363 1.00 116.66 ? 217 GLY J N   1 
ATOM   594  C CA  . GLY J 1 3 ? 24.309  32.594  -10.069 1.00 116.66 ? 217 GLY J CA  1 
ATOM   595  C C   . GLY J 1 3 ? 24.913  31.439  -9.301  1.00 116.66 ? 217 GLY J C   1 
ATOM   596  O O   . GLY J 1 3 ? 26.053  31.053  -9.544  1.00 116.66 ? 217 GLY J O   1 
ATOM   597  N N   . GLY J 1 4 ? 24.161  30.877  -8.377  1.00 113.33 ? 218 GLY J N   1 
ATOM   598  C CA  . GLY J 1 4 ? 24.698  29.895  -7.467  1.00 113.33 ? 218 GLY J CA  1 
ATOM   599  C C   . GLY J 1 4 ? 24.441  28.487  -7.944  1.00 113.33 ? 218 GLY J C   1 
ATOM   600  O O   . GLY J 1 4 ? 23.666  28.260  -8.867  1.00 113.33 ? 218 GLY J O   1 
ATOM   601  N N   . ASN J 1 5 ? 25.123  27.539  -7.314  1.00 110.24 ? 219 ASN J N   1 
ATOM   602  C CA  . ASN J 1 5 ? 24.819  26.145  -7.573  1.00 110.24 ? 219 ASN J CA  1 
ATOM   603  C C   . ASN J 1 5 ? 23.402  25.849  -7.116  1.00 110.24 ? 219 ASN J C   1 
ATOM   604  O O   . ASN J 1 5 ? 23.107  25.823  -5.919  1.00 110.24 ? 219 ASN J O   1 
ATOM   605  C CB  . ASN J 1 5 ? 25.833  25.234  -6.889  1.00 110.24 ? 219 ASN J CB  1 
ATOM   606  C CG  . ASN J 1 5 ? 26.159  25.664  -5.479  1.00 110.24 ? 219 ASN J CG  1 
ATOM   607  O OD1 . ASN J 1 5 ? 25.328  26.210  -4.764  1.00 110.24 ? 219 ASN J OD1 1 
ATOM   608  N ND2 . ASN J 1 5 ? 27.392  25.420  -5.074  1.00 110.24 ? 219 ASN J ND2 1 
ATOM   609  N N   . ASP J 1 6 ? 22.531  25.605  -8.073  1.00 109.28 ? 220 ASP J N   1 
ATOM   610  C CA  . ASP J 1 6 ? 21.123  25.403  -7.807  1.00 109.28 ? 220 ASP J CA  1 
ATOM   611  C C   . ASP J 1 6 ? 20.890  23.934  -7.515  1.00 109.28 ? 220 ASP J C   1 
ATOM   612  O O   . ASP J 1 6 ? 21.633  23.072  -7.987  1.00 109.28 ? 220 ASP J O   1 
ATOM   613  C CB  . ASP J 1 6 ? 20.278  25.824  -9.003  1.00 109.28 ? 220 ASP J CB  1 
ATOM   614  C CG  . ASP J 1 6 ? 20.289  27.304  -9.220  1.00 109.28 ? 220 ASP J CG  1 
ATOM   615  O OD1 . ASP J 1 6 ? 20.729  28.032  -8.316  1.00 109.28 ? 220 ASP J OD1 1 
ATOM   616  O OD2 . ASP J 1 6 ? 19.861  27.741  -10.302 1.00 109.28 ? 220 ASP J OD2 1 
ATOM   617  N N   . ASN J 1 7 ? 19.877  23.652  -6.725  1.00 106.17 ? 221 ASN J N   1 
ATOM   618  C CA  . ASN J 1 7 ? 19.462  22.285  -6.566  1.00 106.17 ? 221 ASN J CA  1 
ATOM   619  C C   . ASN J 1 7 ? 17.962  22.255  -6.636  1.00 106.17 ? 221 ASN J C   1 
ATOM   620  O O   . ASN J 1 7 ? 17.277  22.524  -5.660  1.00 106.17 ? 221 ASN J O   1 
ATOM   621  C CB  . ASN J 1 7 ? 19.992  21.707  -5.257  1.00 106.17 ? 221 ASN J CB  1 
ATOM   622  C CG  . ASN J 1 7 ? 19.475  20.313  -4.981  1.00 106.17 ? 221 ASN J CG  1 
ATOM   623  O OD1 . ASN J 1 7 ? 18.950  19.645  -5.863  1.00 106.17 ? 221 ASN J OD1 1 
ATOM   624  N ND2 . ASN J 1 7 ? 19.671  19.847  -3.757  1.00 106.17 ? 221 ASN J ND2 1 
HETATM 625  N N   . PHI J 1 8 ? 17.450  21.940  -7.814  1.00 110.11 ? 222 PHI J N   1 
HETATM 626  C CA  . PHI J 1 8 ? 16.031  21.852  -8.012  1.00 110.11 ? 222 PHI J CA  1 
HETATM 627  C CB  . PHI J 1 8 ? 15.541  22.113  -9.450  1.00 110.11 ? 222 PHI J CB  1 
HETATM 628  C CG  . PHI J 1 8 ? 15.744  23.492  -9.956  1.00 110.11 ? 222 PHI J CG  1 
HETATM 629  C CD1 . PHI J 1 8 ? 16.824  24.274  -9.548  1.00 110.11 ? 222 PHI J CD1 1 
HETATM 630  C CD2 . PHI J 1 8 ? 14.844  24.023  -10.882 1.00 110.11 ? 222 PHI J CD2 1 
HETATM 631  C CE1 . PHI J 1 8 ? 16.995  25.563  -10.041 1.00 110.11 ? 222 PHI J CE1 1 
HETATM 632  C CE2 . PHI J 1 8 ? 15.020  25.312  -11.381 1.00 110.11 ? 222 PHI J CE2 1 
HETATM 633  C CZ  . PHI J 1 8 ? 16.094  26.082  -10.957 1.00 110.11 ? 222 PHI J CZ  1 
HETATM 634  I I   . PHI J 1 8 ? 16.352  27.944  -11.660 1.00 110.11 ? 222 PHI J I   1 
HETATM 635  C C   . PHI J 1 8 ? 15.588  20.456  -7.646  1.00 110.11 ? 222 PHI J C   1 
HETATM 636  O O   . PHI J 1 8 ? 14.714  19.844  -8.240  1.00 110.11 ? 222 PHI J O   1 
ATOM   637  N N   . GLY J 1 9 ? 16.242  19.915  -6.626  1.00 99.35  ? 223 GLY J N   1 
ATOM   638  C CA  . GLY J 1 9 ? 15.943  18.577  -6.155  1.00 99.35  ? 223 GLY J CA  1 
ATOM   639  C C   . GLY J 1 9 ? 14.951  18.549  -5.012  1.00 99.35  ? 223 GLY J C   1 
ATOM   640  O O   . GLY J 1 9 ? 13.888  17.940  -5.120  1.00 99.35  ? 223 GLY J O   1 
ATOM   641  N N   . GLY K 1 1 ? -10.811 30.164  -26.649 1.00 114.60 ? 215 GLY K N   1 
ATOM   642  C CA  . GLY K 1 1 ? -11.578 31.070  -27.480 1.00 114.60 ? 215 GLY K CA  1 
ATOM   643  C C   . GLY K 1 1 ? -10.768 31.619  -28.630 1.00 114.60 ? 215 GLY K C   1 
ATOM   644  O O   . GLY K 1 1 ? -10.501 30.907  -29.593 1.00 114.60 ? 215 GLY K O   1 
HETATM 645  N N   . PHI K 1 2 ? -10.377 32.885  -28.524 1.00 118.30 ? 216 PHI K N   1 
HETATM 646  C CA  . PHI K 1 2 ? -9.573  33.530  -29.538 1.00 118.30 ? 216 PHI K CA  1 
HETATM 647  C CB  . PHI K 1 2 ? -8.175  32.893  -29.698 1.00 118.30 ? 216 PHI K CB  1 
HETATM 648  C CG  . PHI K 1 2 ? -7.123  33.744  -29.092 1.00 118.30 ? 216 PHI K CG  1 
HETATM 649  C CD1 . PHI K 1 2 ? -5.880  33.860  -29.716 1.00 118.30 ? 216 PHI K CD1 1 
HETATM 650  C CD2 . PHI K 1 2 ? -7.358  34.442  -27.907 1.00 118.30 ? 216 PHI K CD2 1 
HETATM 651  C CE1 . PHI K 1 2 ? -4.887  34.660  -29.166 1.00 118.30 ? 216 PHI K CE1 1 
HETATM 652  C CE2 . PHI K 1 2 ? -6.362  35.244  -27.357 1.00 118.30 ? 216 PHI K CE2 1 
HETATM 653  C CZ  . PHI K 1 2 ? -5.123  35.355  -27.986 1.00 118.30 ? 216 PHI K CZ  1 
HETATM 654  I I   . PHI K 1 2 ? -3.661  36.508  -27.210 1.00 118.30 ? 216 PHI K I   1 
HETATM 655  C C   . PHI K 1 2 ? -10.304 33.476  -30.871 1.00 118.30 ? 216 PHI K C   1 
HETATM 656  O O   . PHI K 1 2 ? -11.445 33.902  -31.046 1.00 118.30 ? 216 PHI K O   1 
ATOM   657  N N   . GLY K 1 3 ? -9.612  32.923  -31.860 1.00 118.49 ? 217 GLY K N   1 
ATOM   658  C CA  . GLY K 1 3 ? -10.249 32.522  -33.101 1.00 118.49 ? 217 GLY K CA  1 
ATOM   659  C C   . GLY K 1 3 ? -10.547 33.563  -34.163 1.00 118.49 ? 217 GLY K C   1 
ATOM   660  O O   . GLY K 1 3 ? -11.470 33.393  -34.955 1.00 118.49 ? 217 GLY K O   1 
ATOM   661  N N   . GLY K 1 4 ? -9.776  34.647  -34.202 1.00 120.32 ? 218 GLY K N   1 
ATOM   662  C CA  . GLY K 1 4 ? -9.851  35.604  -35.280 1.00 120.32 ? 218 GLY K CA  1 
ATOM   663  C C   . GLY K 1 4 ? -8.479  35.872  -35.870 1.00 120.32 ? 218 GLY K C   1 
ATOM   664  O O   . GLY K 1 4 ? -7.460  35.363  -35.397 1.00 120.32 ? 218 GLY K O   1 
ATOM   665  N N   . ASN K 1 5 ? -8.474  36.662  -36.932 1.00 122.22 ? 219 ASN K N   1 
ATOM   666  C CA  . ASN K 1 5 ? -7.221  37.222  -37.409 1.00 122.22 ? 219 ASN K CA  1 
ATOM   667  C C   . ASN K 1 5 ? -6.606  38.084  -36.324 1.00 122.22 ? 219 ASN K C   1 
ATOM   668  O O   . ASN K 1 5 ? -7.214  39.054  -35.866 1.00 122.22 ? 219 ASN K O   1 
ATOM   669  C CB  . ASN K 1 5 ? -7.463  38.041  -38.668 1.00 122.22 ? 219 ASN K CB  1 
ATOM   670  C CG  . ASN K 1 5 ? -8.656  38.945  -38.536 1.00 122.22 ? 219 ASN K CG  1 
ATOM   671  O OD1 . ASN K 1 5 ? -9.392  38.870  -37.552 1.00 122.22 ? 219 ASN K OD1 1 
ATOM   672  N ND2 . ASN K 1 5 ? -8.855  39.818  -39.516 1.00 122.22 ? 219 ASN K ND2 1 
ATOM   673  N N   . ASP K 1 6 ? -5.408  37.718  -35.895 1.00 124.32 ? 220 ASP K N   1 
ATOM   674  C CA  . ASP K 1 6 ? -4.776  38.380  -34.770 1.00 124.32 ? 220 ASP K CA  1 
ATOM   675  C C   . ASP K 1 6 ? -3.349  38.759  -35.122 1.00 124.32 ? 220 ASP K C   1 
ATOM   676  O O   . ASP K 1 6 ? -2.815  38.377  -36.163 1.00 124.32 ? 220 ASP K O   1 
ATOM   677  C CB  . ASP K 1 6 ? -4.801  37.480  -33.533 1.00 124.32 ? 220 ASP K CB  1 
ATOM   678  C CG  . ASP K 1 6 ? -6.163  36.867  -33.296 1.00 124.32 ? 220 ASP K CG  1 
ATOM   679  O OD1 . ASP K 1 6 ? -7.175  37.584  -33.447 1.00 124.32 ? 220 ASP K OD1 1 
ATOM   680  O OD2 . ASP K 1 6 ? -6.229  35.668  -32.968 1.00 124.32 ? 220 ASP K OD2 1 
ATOM   681  N N   . ASN K 1 7 ? -2.738  39.527  -34.233 1.00 128.33 ? 221 ASN K N   1 
ATOM   682  C CA  . ASN K 1 7 ? -1.330  39.850  -34.344 1.00 128.33 ? 221 ASN K CA  1 
ATOM   683  C C   . ASN K 1 7 ? -0.575  39.172  -33.228 1.00 128.33 ? 221 ASN K C   1 
ATOM   684  O O   . ASN K 1 7 ? -1.071  38.238  -32.611 1.00 128.33 ? 221 ASN K O   1 
ATOM   685  C CB  . ASN K 1 7 ? -1.100  41.355  -34.282 1.00 128.33 ? 221 ASN K CB  1 
ATOM   686  C CG  . ASN K 1 7 ? -1.082  42.003  -35.650 1.00 128.33 ? 221 ASN K CG  1 
ATOM   687  O OD1 . ASN K 1 7 ? -0.594  41.423  -36.618 1.00 128.33 ? 221 ASN K OD1 1 
ATOM   688  N ND2 . ASN K 1 7 ? -1.600  43.220  -35.734 1.00 128.33 ? 221 ASN K ND2 1 
HETATM 689  N N   . PHI K 1 8 ? 0.625   39.664  -32.963 1.00 136.59 ? 222 PHI K N   1 
HETATM 690  C CA  . PHI K 1 8 ? 1.448   39.148  -31.903 1.00 136.59 ? 222 PHI K CA  1 
HETATM 691  C CB  . PHI K 1 8 ? 1.869   37.679  -32.074 1.00 136.59 ? 222 PHI K CB  1 
HETATM 692  C CG  . PHI K 1 8 ? 1.848   36.912  -30.801 1.00 136.59 ? 222 PHI K CG  1 
HETATM 693  C CD1 . PHI K 1 8 ? 0.682   36.293  -30.343 1.00 136.59 ? 222 PHI K CD1 1 
HETATM 694  C CD2 . PHI K 1 8 ? 3.020   36.782  -30.055 1.00 136.59 ? 222 PHI K CD2 1 
HETATM 695  C CE1 . PHI K 1 8 ? 0.697   35.570  -29.154 1.00 136.59 ? 222 PHI K CE1 1 
HETATM 696  C CE2 . PHI K 1 8 ? 3.035   36.063  -28.868 1.00 136.59 ? 222 PHI K CE2 1 
HETATM 697  C CZ  . PHI K 1 8 ? 1.872   35.454  -28.416 1.00 136.59 ? 222 PHI K CZ  1 
HETATM 698  I I   . PHI K 1 8 ? 1.915   34.414  -26.686 1.00 136.59 ? 222 PHI K I   1 
HETATM 699  C C   . PHI K 1 8 ? 2.701   39.989  -31.837 1.00 136.59 ? 222 PHI K C   1 
HETATM 700  O O   . PHI K 1 8 ? 2.942   40.920  -32.603 1.00 136.59 ? 222 PHI K O   1 
ATOM   701  N N   . GLY K 1 9 ? 3.547   39.644  -30.877 1.00 135.36 ? 223 GLY K N   1 
ATOM   702  C CA  . GLY K 1 9 ? 4.799   40.348  -30.692 1.00 135.36 ? 223 GLY K CA  1 
ATOM   703  C C   . GLY K 1 9 ? 5.761   39.632  -29.772 1.00 135.36 ? 223 GLY K C   1 
ATOM   704  O O   . GLY K 1 9 ? 5.627   38.434  -29.536 1.00 135.36 ? 223 GLY K O   1 
ATOM   705  N N   . GLY L 1 1 ? -16.274 8.688   -15.618 1.00 88.46  ? 215 GLY L N   1 
ATOM   706  C CA  . GLY L 1 1 ? -15.717 9.633   -14.672 1.00 88.46  ? 215 GLY L CA  1 
ATOM   707  C C   . GLY L 1 1 ? -15.234 10.898  -15.342 1.00 88.46  ? 215 GLY L C   1 
ATOM   708  O O   . GLY L 1 1 ? -14.984 11.903  -14.689 1.00 88.46  ? 215 GLY L O   1 
HETATM 709  N N   . PHI L 1 2 ? -15.108 10.855  -16.657 1.00 90.91  ? 216 PHI L N   1 
HETATM 710  C CA  . PHI L 1 2 ? -14.652 12.013  -17.374 1.00 90.91  ? 216 PHI L CA  1 
HETATM 711  C CB  . PHI L 1 2 ? -13.438 11.763  -18.283 1.00 90.91  ? 216 PHI L CB  1 
HETATM 712  C CG  . PHI L 1 2 ? -12.190 12.034  -17.544 1.00 90.91  ? 216 PHI L CG  1 
HETATM 713  C CD1 . PHI L 1 2 ? -10.992 11.483  -18.016 1.00 90.91  ? 216 PHI L CD1 1 
HETATM 714  C CD2 . PHI L 1 2 ? -12.222 12.826  -16.391 1.00 90.91  ? 216 PHI L CD2 1 
HETATM 715  C CE1 . PHI L 1 2 ? -9.810  11.727  -17.331 1.00 90.91  ? 216 PHI L CE1 1 
HETATM 716  C CE2 . PHI L 1 2 ? -11.039 13.072  -15.710 1.00 90.91  ? 216 PHI L CE2 1 
HETATM 717  C CZ  . PHI L 1 2 ? -9.851  12.520  -16.185 1.00 90.91  ? 216 PHI L CZ  1 
HETATM 718  I I   . PHI L 1 2 ? -8.163  12.887  -15.172 1.00 90.91  ? 216 PHI L I   1 
HETATM 719  C C   . PHI L 1 2 ? -15.706 12.584  -18.285 1.00 90.91  ? 216 PHI L C   1 
HETATM 720  O O   . PHI L 1 2 ? -15.601 13.673  -18.837 1.00 90.91  ? 216 PHI L O   1 
ATOM   721  N N   . GLY L 1 3 ? -16.761 11.811  -18.480 1.00 87.95  ? 217 GLY L N   1 
ATOM   722  C CA  . GLY L 1 3 ? -17.876 12.284  -19.271 1.00 87.95  ? 217 GLY L CA  1 
ATOM   723  C C   . GLY L 1 3 ? -17.656 12.307  -20.770 1.00 87.95  ? 217 GLY L C   1 
ATOM   724  O O   . GLY L 1 3 ? -16.717 11.708  -21.284 1.00 87.95  ? 217 GLY L O   1 
ATOM   725  N N   . GLY L 1 4 ? -18.523 13.039  -21.462 1.00 84.86  ? 218 GLY L N   1 
ATOM   726  C CA  . GLY L 1 4 ? -18.611 12.992  -22.904 1.00 84.86  ? 218 GLY L CA  1 
ATOM   727  C C   . GLY L 1 4 ? -18.014 13.547  -24.178 1.00 84.86  ? 218 GLY L C   1 
ATOM   728  O O   . GLY L 1 4 ? -17.741 12.838  -25.149 1.00 84.86  ? 218 GLY L O   1 
ATOM   729  N N   . ASN L 1 5 ? -17.796 14.858  -24.191 1.00 85.12  ? 219 ASN L N   1 
ATOM   730  C CA  . ASN L 1 5 ? -17.232 15.516  -25.373 1.00 85.12  ? 219 ASN L CA  1 
ATOM   731  C C   . ASN L 1 5 ? -16.598 16.554  -24.461 1.00 85.12  ? 219 ASN L C   1 
ATOM   732  O O   . ASN L 1 5 ? -17.270 17.476  -23.999 1.00 85.12  ? 219 ASN L O   1 
ATOM   733  C CB  . ASN L 1 5 ? -18.113 16.266  -26.372 1.00 85.12  ? 219 ASN L CB  1 
ATOM   734  C CG  . ASN L 1 5 ? -18.974 15.333  -27.199 1.00 85.12  ? 219 ASN L CG  1 
ATOM   735  O OD1 . ASN L 1 5 ? -18.657 14.155  -27.358 1.00 85.12  ? 219 ASN L OD1 1 
ATOM   736  N ND2 . ASN L 1 5 ? -20.069 15.858  -27.735 1.00 85.12  ? 219 ASN L ND2 1 
ATOM   737  N N   . ASP L 1 6 ? -15.304 16.410  -24.202 1.00 86.49  ? 220 ASP L N   1 
ATOM   738  C CA  . ASP L 1 6 ? -14.600 17.382  -23.375 1.00 86.49  ? 220 ASP L CA  1 
ATOM   739  C C   . ASP L 1 6 ? -13.422 17.980  -24.115 1.00 86.49  ? 220 ASP L C   1 
ATOM   740  O O   . ASP L 1 6 ? -12.582 17.254  -24.644 1.00 86.49  ? 220 ASP L O   1 
ATOM   741  C CB  . ASP L 1 6 ? -14.128 16.702  -22.093 1.00 86.49  ? 220 ASP L CB  1 
ATOM   742  C CG  . ASP L 1 6 ? -15.275 16.353  -21.162 1.00 86.49  ? 220 ASP L CG  1 
ATOM   743  O OD1 . ASP L 1 6 ? -16.394 16.877  -21.358 1.00 86.49  ? 220 ASP L OD1 1 
ATOM   744  O OD2 . ASP L 1 6 ? -15.056 15.556  -20.228 1.00 86.49  ? 220 ASP L OD2 1 
ATOM   745  N N   . ASN L 1 7 ? -13.349 19.304  -24.152 1.00 87.25  ? 221 ASN L N   1 
ATOM   746  C CA  . ASN L 1 7 ? -12.281 19.959  -24.893 1.00 87.25  ? 221 ASN L CA  1 
ATOM   747  C C   . ASN L 1 7 ? -11.148 20.398  -23.988 1.00 87.25  ? 221 ASN L C   1 
ATOM   748  O O   . ASN L 1 7 ? -11.262 21.404  -23.290 1.00 87.25  ? 221 ASN L O   1 
ATOM   749  C CB  . ASN L 1 7 ? -12.832 21.158  -25.664 1.00 87.25  ? 221 ASN L CB  1 
ATOM   750  C CG  . ASN L 1 7 ? -13.926 20.770  -26.637 1.00 87.25  ? 221 ASN L CG  1 
ATOM   751  O OD1 . ASN L 1 7 ? -14.438 19.649  -26.602 1.00 87.25  ? 221 ASN L OD1 1 
ATOM   752  N ND2 . ASN L 1 7 ? -14.292 21.696  -27.515 1.00 87.25  ? 221 ASN L ND2 1 
HETATM 753  N N   . PHI L 1 8 ? -10.056 19.647  -23.994 1.00 93.30  ? 222 PHI L N   1 
HETATM 754  C CA  . PHI L 1 8 ? -8.911  20.011  -23.203 1.00 93.30  ? 222 PHI L CA  1 
HETATM 755  C CB  . PHI L 1 8 ? -8.133  18.775  -22.806 1.00 93.30  ? 222 PHI L CB  1 
HETATM 756  C CG  . PHI L 1 8 ? -9.021  17.964  -21.891 1.00 93.30  ? 222 PHI L CG  1 
HETATM 757  C CD1 . PHI L 1 8 ? -9.953  17.078  -22.421 1.00 93.30  ? 222 PHI L CD1 1 
HETATM 758  C CD2 . PHI L 1 8 ? -8.911  18.114  -20.516 1.00 93.30  ? 222 PHI L CD2 1 
HETATM 759  C CE1 . PHI L 1 8 ? -10.771 16.341  -21.576 1.00 93.30  ? 222 PHI L CE1 1 
HETATM 760  C CE2 . PHI L 1 8 ? -9.726  17.375  -19.669 1.00 93.30  ? 222 PHI L CE2 1 
HETATM 761  C CZ  . PHI L 1 8 ? -10.656 16.488  -20.200 1.00 93.30  ? 222 PHI L CZ  1 
HETATM 762  I I   . PHI L 1 8 ? -11.883 15.375  -18.926 1.00 93.30  ? 222 PHI L I   1 
HETATM 763  C C   . PHI L 1 8 ? -8.261  20.812  -24.255 1.00 93.30  ? 222 PHI L C   1 
HETATM 764  O O   . PHI L 1 8 ? -7.894  20.261  -25.316 1.00 93.30  ? 222 PHI L O   1 
ATOM   765  N N   . GLY L 1 9 ? -8.099  22.094  -24.017 1.00 89.66  ? 223 GLY L N   1 
ATOM   766  C CA  . GLY L 1 9 ? -7.617  22.985  -25.048 1.00 89.66  ? 223 GLY L CA  1 
ATOM   767  C C   . GLY L 1 9 ? -8.382  23.617  -26.191 1.00 89.66  ? 223 GLY L C   1 
ATOM   768  O O   . GLY L 1 9 ? -9.435  23.126  -26.597 1.00 89.66  ? 223 GLY L O   1 
ATOM   769  N N   . GLY M 1 1 ? -0.932  12.998  -10.685 1.00 80.71  ? 215 GLY N N   1 
ATOM   770  C CA  . GLY M 1 1 ? 0.268   12.432  -11.266 1.00 80.71  ? 215 GLY N CA  1 
ATOM   771  C C   . GLY M 1 1 ? 1.387   12.299  -10.260 1.00 80.71  ? 215 GLY N C   1 
ATOM   772  O O   . GLY M 1 1 ? 2.536   12.552  -10.589 1.00 80.71  ? 215 GLY N O   1 
HETATM 773  N N   . PHI M 1 2 ? 1.033   11.913  -9.039  1.00 83.51  ? 216 PHI N N   1 
HETATM 774  C CA  . PHI M 1 2 ? 1.949   11.753  -7.925  1.00 83.51  ? 216 PHI N CA  1 
HETATM 775  C CB  . PHI M 1 2 ? 1.398   10.717  -6.933  1.00 83.51  ? 216 PHI N CB  1 
HETATM 776  C CG  . PHI M 1 2 ? 0.710   9.657   -7.715  1.00 83.51  ? 216 PHI N CG  1 
HETATM 777  C CD1 . PHI M 1 2 ? -0.664  9.428   -7.601  1.00 83.51  ? 216 PHI N CD1 1 
HETATM 778  C CD2 . PHI M 1 2 ? 1.449   8.871   -8.601  1.00 83.51  ? 216 PHI N CD2 1 
HETATM 779  C CE1 . PHI M 1 2 ? -1.263  8.423   -8.356  1.00 83.51  ? 216 PHI N CE1 1 
HETATM 780  C CE2 . PHI M 1 2 ? 0.846   7.881   -9.357  1.00 83.51  ? 216 PHI N CE2 1 
HETATM 781  C CZ  . PHI M 1 2 ? -0.517  7.652   -9.237  1.00 83.51  ? 216 PHI N CZ  1 
HETATM 782  I I   . PHI M 1 2 ? -1.357  6.200   -10.357 1.00 83.51  ? 216 PHI N I   1 
HETATM 783  C C   . PHI M 1 2 ? 3.321   11.080  -7.923  1.00 83.51  ? 216 PHI N C   1 
HETATM 784  O O   . PHI M 1 2 ? 3.547   9.909   -8.227  1.00 83.51  ? 216 PHI N O   1 
ATOM   785  N N   . GLY M 1 3 ? 4.300   11.882  -7.535  1.00 78.12  ? 217 GLY N N   1 
ATOM   786  C CA  . GLY M 1 3 ? 5.662   11.401  -7.446  1.00 78.12  ? 217 GLY N CA  1 
ATOM   787  C C   . GLY M 1 3 ? 6.333   11.222  -6.105  1.00 78.12  ? 217 GLY N C   1 
ATOM   788  O O   . GLY M 1 3 ? 5.843   11.707  -5.093  1.00 78.12  ? 217 GLY N O   1 
ATOM   789  N N   . GLY M 1 4 ? 7.464   10.522  -6.089  1.00 77.55  ? 218 GLY N N   1 
ATOM   790  C CA  . GLY M 1 4 ? 8.078   10.201  -4.820  1.00 77.55  ? 218 GLY N CA  1 
ATOM   791  C C   . GLY M 1 4 ? 8.654   11.403  -4.117  1.00 77.55  ? 218 GLY N C   1 
ATOM   792  O O   . GLY M 1 4 ? 8.131   11.826  -3.085  1.00 77.55  ? 218 GLY N O   1 
ATOM   793  N N   . ASN M 1 5 ? 9.689   12.011  -4.687  1.00 78.52  ? 219 ASN N N   1 
ATOM   794  C CA  . ASN M 1 5 ? 10.332  13.135  -4.025  1.00 78.52  ? 219 ASN N CA  1 
ATOM   795  C C   . ASN M 1 5 ? 9.665   14.455  -4.346  1.00 78.52  ? 219 ASN N C   1 
ATOM   796  O O   . ASN M 1 5 ? 9.510   15.313  -3.474  1.00 78.52  ? 219 ASN N O   1 
ATOM   797  C CB  . ASN M 1 5 ? 11.794  13.241  -4.438  1.00 78.52  ? 219 ASN N CB  1 
ATOM   798  C CG  . ASN M 1 5 ? 12.547  14.238  -3.606  1.00 78.52  ? 219 ASN N CG  1 
ATOM   799  O OD1 . ASN M 1 5 ? 12.232  14.442  -2.440  1.00 78.52  ? 219 ASN N OD1 1 
ATOM   800  N ND2 . ASN M 1 5 ? 13.558  14.857  -4.190  1.00 78.52  ? 219 ASN N ND2 1 
ATOM   801  N N   . ASP M 1 6 ? 9.269   14.634  -5.596  1.00 79.76  ? 220 ASP N N   1 
ATOM   802  C CA  . ASP M 1 6 ? 8.583   15.842  -6.008  1.00 79.76  ? 220 ASP N CA  1 
ATOM   803  C C   . ASP M 1 6 ? 8.021   15.556  -7.384  1.00 79.76  ? 220 ASP N C   1 
ATOM   804  O O   . ASP M 1 6 ? 8.682   14.923  -8.205  1.00 79.76  ? 220 ASP N O   1 
ATOM   805  C CB  . ASP M 1 6 ? 9.482   17.061  -5.957  1.00 79.76  ? 220 ASP N CB  1 
ATOM   806  C CG  . ASP M 1 6 ? 10.808  16.797  -6.564  1.00 79.76  ? 220 ASP N CG  1 
ATOM   807  O OD1 . ASP M 1 6 ? 11.079  15.618  -6.849  1.00 79.76  ? 220 ASP N OD1 1 
ATOM   808  O OD2 . ASP M 1 6 ? 11.575  17.757  -6.764  1.00 79.76  ? 220 ASP N OD2 1 
ATOM   809  N N   . ASN M 1 7 ? 6.803   16.004  -7.614  1.00 79.71  ? 221 ASN N N   1 
ATOM   810  C CA  . ASN M 1 7 ? 6.095   15.735  -8.838  1.00 79.71  ? 221 ASN N CA  1 
ATOM   811  C C   . ASN M 1 7 ? 5.673   17.037  -9.468  1.00 79.71  ? 221 ASN N C   1 
ATOM   812  O O   . ASN M 1 7 ? 4.609   17.550  -9.170  1.00 79.71  ? 221 ASN N O   1 
ATOM   813  C CB  . ASN M 1 7 ? 4.877   14.866  -8.585  1.00 79.71  ? 221 ASN N CB  1 
ATOM   814  C CG  . ASN M 1 7 ? 3.894   14.908  -9.715  1.00 79.71  ? 221 ASN N CG  1 
ATOM   815  O OD1 . ASN M 1 7 ? 4.269   15.039  -10.870 1.00 79.71  ? 221 ASN N OD1 1 
ATOM   816  N ND2 . ASN M 1 7 ? 2.618   14.821  -9.389  1.00 79.71  ? 221 ASN N ND2 1 
HETATM 817  N N   . PHI M 1 8 ? 6.496   17.584  -10.343 1.00 86.97  ? 222 PHI N N   1 
HETATM 818  C CA  . PHI M 1 8 ? 6.086   18.743  -11.072 1.00 86.97  ? 222 PHI N CA  1 
HETATM 819  C CB  . PHI M 1 8 ? 7.178   19.399  -11.903 1.00 86.97  ? 222 PHI N CB  1 
HETATM 820  C CG  . PHI M 1 8 ? 8.292   19.709  -10.994 1.00 86.97  ? 222 PHI N CG  1 
HETATM 821  C CD1 . PHI M 1 8 ? 9.542   19.121  -11.163 1.00 86.97  ? 222 PHI N CD1 1 
HETATM 822  C CD2 . PHI M 1 8 ? 8.099   20.595  -9.947  1.00 86.97  ? 222 PHI N CD2 1 
HETATM 823  C CE1 . PHI M 1 8 ? 10.591  19.421  -10.303 1.00 86.97  ? 222 PHI N CE1 1 
HETATM 824  C CE2 . PHI M 1 8 ? 9.146   20.896  -9.086  1.00 86.97  ? 222 PHI N CE2 1 
HETATM 825  C CZ  . PHI M 1 8 ? 10.388  20.309  -9.264  1.00 86.97  ? 222 PHI N CZ  1 
HETATM 826  I I   . PHI M 1 8 ? 11.892  20.757  -8.015  1.00 86.97  ? 222 PHI N I   1 
HETATM 827  C C   . PHI M 1 8 ? 5.036   17.842  -11.651 1.00 86.97  ? 222 PHI N C   1 
HETATM 828  O O   . PHI M 1 8 ? 5.243   16.712  -12.060 1.00 86.97  ? 222 PHI N O   1 
ATOM   829  N N   . GLY M 1 9 ? 3.830   18.383  -11.661 1.00 81.01  ? 223 GLY N N   1 
ATOM   830  C CA  . GLY M 1 9 ? 2.654   17.631  -12.031 1.00 81.01  ? 223 GLY N CA  1 
ATOM   831  C C   . GLY M 1 9 ? 2.294   18.325  -13.317 1.00 81.01  ? 223 GLY N C   1 
ATOM   832  O O   . GLY M 1 9 ? 2.445   17.743  -14.380 1.00 81.01  ? 223 GLY N O   1 
ATOM   833  N N   . GLY N 1 1 ? 6.684   26.339  -18.042 1.00 108.59 ? 215 GLY O N   1 
ATOM   834  C CA  . GLY N 1 1 ? 7.568   26.080  -16.924 1.00 108.59 ? 215 GLY O CA  1 
ATOM   835  C C   . GLY N 1 1 ? 8.422   27.286  -16.624 1.00 108.59 ? 215 GLY O C   1 
ATOM   836  O O   . GLY N 1 1 ? 8.047   28.403  -16.973 1.00 108.59 ? 215 GLY O O   1 
HETATM 837  N N   . PHI N 1 2 ? 9.566   27.063  -15.984 1.00 116.13 ? 216 PHI O N   1 
HETATM 838  C CA  . PHI N 1 2 ? 10.446  28.147  -15.634 1.00 116.13 ? 216 PHI O CA  1 
HETATM 839  C CB  . PHI N 1 2 ? 11.806  27.762  -15.020 1.00 116.13 ? 216 PHI O CB  1 
HETATM 840  C CG  . PHI N 1 2 ? 11.771  26.533  -14.197 1.00 116.13 ? 216 PHI O CG  1 
HETATM 841  C CD1 . PHI N 1 2 ? 11.788  25.279  -14.799 1.00 116.13 ? 216 PHI O CD1 1 
HETATM 842  C CD2 . PHI N 1 2 ? 11.749  26.605  -12.808 1.00 116.13 ? 216 PHI O CD2 1 
HETATM 843  C CE1 . PHI N 1 2 ? 11.764  24.116  -14.034 1.00 116.13 ? 216 PHI O CE1 1 
HETATM 844  C CE2 . PHI N 1 2 ? 11.724  25.441  -12.043 1.00 116.13 ? 216 PHI O CE2 1 
HETATM 845  C CZ  . PHI N 1 2 ? 11.733  24.196  -12.655 1.00 116.13 ? 216 PHI O CZ  1 
HETATM 846  I I   . PHI N 1 2 ? 11.702  22.513  -11.557 1.00 116.13 ? 216 PHI O I   1 
HETATM 847  C C   . PHI N 1 2 ? 10.454  28.815  -16.981 1.00 116.13 ? 216 PHI O C   1 
HETATM 848  O O   . PHI N 1 2 ? 10.680  28.219  -18.030 1.00 116.13 ? 216 PHI O O   1 
ATOM   849  N N   . GLY N 1 3 ? 10.193  30.118  -16.949 1.00 115.27 ? 217 GLY O N   1 
ATOM   850  C CA  . GLY N 1 3 ? 10.205  30.958  -18.135 1.00 115.27 ? 217 GLY O CA  1 
ATOM   851  C C   . GLY N 1 3 ? 11.612  31.499  -18.226 1.00 115.27 ? 217 GLY O C   1 
ATOM   852  O O   . GLY N 1 3 ? 11.952  32.197  -19.167 1.00 115.27 ? 217 GLY O O   1 
ATOM   853  N N   . GLY N 1 4 ? 12.427  31.151  -17.235 1.00 117.72 ? 218 GLY O N   1 
ATOM   854  C CA  . GLY N 1 4 ? 13.842  31.451  -17.294 1.00 117.72 ? 218 GLY O CA  1 
ATOM   855  C C   . GLY N 1 4 ? 14.085  32.925  -17.465 1.00 117.72 ? 218 GLY O C   1 
ATOM   856  O O   . GLY N 1 4 ? 13.554  33.758  -16.724 1.00 117.72 ? 218 GLY O O   1 
ATOM   857  N N   . ASN N 1 5 ? 14.900  33.265  -18.449 1.00 120.58 ? 219 ASN O N   1 
ATOM   858  C CA  . ASN N 1 5 ? 15.248  34.645  -18.732 1.00 120.58 ? 219 ASN O CA  1 
ATOM   859  C C   . ASN N 1 5 ? 14.559  35.061  -20.025 1.00 120.58 ? 219 ASN O C   1 
ATOM   860  O O   . ASN N 1 5 ? 14.780  34.463  -21.082 1.00 120.58 ? 219 ASN O O   1 
ATOM   861  C CB  . ASN N 1 5 ? 16.765  34.807  -18.809 1.00 120.58 ? 219 ASN O CB  1 
ATOM   862  C CG  . ASN N 1 5 ? 17.439  34.616  -17.456 1.00 120.58 ? 219 ASN O CG  1 
ATOM   863  O OD1 . ASN N 1 5 ? 16.791  34.695  -16.414 1.00 120.58 ? 219 ASN O OD1 1 
ATOM   864  N ND2 . ASN N 1 5 ? 18.748  34.378  -17.468 1.00 120.58 ? 219 ASN O ND2 1 
ATOM   865  N N   . ASP N 1 6 ? 13.720  36.084  -19.928 1.00 120.88 ? 220 ASP O N   1 
ATOM   866  C CA  . ASP N 1 6 ? 13.007  36.665  -21.057 1.00 120.88 ? 220 ASP O CA  1 
ATOM   867  C C   . ASP N 1 6 ? 13.784  37.962  -21.224 1.00 120.88 ? 220 ASP O C   1 
ATOM   868  O O   . ASP N 1 6 ? 13.635  38.906  -20.450 1.00 120.88 ? 220 ASP O O   1 
ATOM   869  C CB  . ASP N 1 6 ? 11.517  36.866  -20.741 1.00 120.88 ? 220 ASP O CB  1 
ATOM   870  C CG  . ASP N 1 6 ? 10.684  35.632  -20.998 1.00 120.88 ? 220 ASP O CG  1 
ATOM   871  O OD1 . ASP N 1 6 ? 11.168  34.721  -21.701 1.00 120.88 ? 220 ASP O OD1 1 
ATOM   872  O OD2 . ASP N 1 6 ? 9.536   35.587  -20.505 1.00 120.88 ? 220 ASP O OD2 1 
ATOM   873  N N   . ASN N 1 7 ? 14.627  38.003  -22.241 1.00 124.14 ? 221 ASN O N   1 
ATOM   874  C CA  . ASN N 1 7 ? 15.536  39.121  -22.397 1.00 124.14 ? 221 ASN O CA  1 
ATOM   875  C C   . ASN N 1 7 ? 15.264  39.680  -23.781 1.00 124.14 ? 221 ASN O C   1 
ATOM   876  O O   . ASN N 1 7 ? 16.156  40.167  -24.462 1.00 124.14 ? 221 ASN O O   1 
ATOM   877  C CB  . ASN N 1 7 ? 17.001  38.748  -22.220 1.00 124.14 ? 221 ASN O CB  1 
ATOM   878  C CG  . ASN N 1 7 ? 17.288  38.214  -20.836 1.00 124.14 ? 221 ASN O CG  1 
ATOM   879  O OD1 . ASN N 1 7 ? 16.518  38.439  -19.908 1.00 124.14 ? 221 ASN O OD1 1 
ATOM   880  N ND2 . ASN N 1 7 ? 18.393  37.504  -20.689 1.00 124.14 ? 221 ASN O ND2 1 
HETATM 881  N N   . PHI N 1 8 ? 14.004  39.625  -24.179 1.00 130.66 ? 222 PHI O N   1 
HETATM 882  C CA  . PHI N 1 8 ? 13.659  39.808  -25.557 1.00 130.66 ? 222 PHI O CA  1 
HETATM 883  C CB  . PHI N 1 8 ? 13.377  38.454  -26.226 1.00 130.66 ? 222 PHI O CB  1 
HETATM 884  C CG  . PHI N 1 8 ? 11.947  38.062  -26.146 1.00 130.66 ? 222 PHI O CG  1 
HETATM 885  C CD1 . PHI N 1 8 ? 11.296  37.733  -27.333 1.00 130.66 ? 222 PHI O CD1 1 
HETATM 886  C CD2 . PHI N 1 8 ? 11.240  38.005  -24.937 1.00 130.66 ? 222 PHI O CD2 1 
HETATM 887  C CE1 . PHI N 1 8 ? 9.963   37.354  -27.329 1.00 130.66 ? 222 PHI O CE1 1 
HETATM 888  C CE2 . PHI N 1 8 ? 9.896   37.632  -24.940 1.00 130.66 ? 222 PHI O CE2 1 
HETATM 889  C CZ  . PHI N 1 8 ? 9.257   37.305  -26.138 1.00 130.66 ? 222 PHI O CZ  1 
HETATM 890  I I   . PHI N 1 8 ? 7.318   36.750  -26.190 1.00 130.66 ? 222 PHI O I   1 
HETATM 891  C C   . PHI N 1 8 ? 12.453  40.706  -25.745 1.00 130.66 ? 222 PHI O C   1 
HETATM 892  O O   . PHI N 1 8 ? 11.821  41.207  -24.815 1.00 130.66 ? 222 PHI O O   1 
ATOM   893  N N   . GLY N 1 9 ? 12.111  40.907  -27.014 1.00 131.57 ? 223 GLY O N   1 
ATOM   894  C CA  . GLY N 1 9 ? 10.970  41.723  -27.386 1.00 131.57 ? 223 GLY O CA  1 
ATOM   895  C C   . GLY N 1 9 ? 10.006  41.001  -28.302 1.00 131.57 ? 223 GLY O C   1 
ATOM   896  O O   . GLY N 1 9 ? 9.193   40.204  -27.848 1.00 131.57 ? 223 GLY O O   1 
ATOM   897  N N   . GLY O 1 1 ? -0.203  15.849  -12.909 1.00 83.97  ? 215 GLY P N   1 
ATOM   898  C CA  . GLY O 1 1 ? -0.931  16.120  -14.129 1.00 83.97  ? 215 GLY P CA  1 
ATOM   899  C C   . GLY O 1 1 ? -2.430  16.111  -13.956 1.00 83.97  ? 215 GLY P C   1 
ATOM   900  O O   . GLY O 1 1 ? -2.988  16.955  -13.268 1.00 83.97  ? 215 GLY P O   1 
HETATM 901  N N   . PHI O 1 2 ? -3.090  15.162  -14.598 1.00 91.40  ? 216 PHI P N   1 
HETATM 902  C CA  . PHI O 1 2 ? -4.509  15.006  -14.442 1.00 91.40  ? 216 PHI P CA  1 
HETATM 903  C CB  . PHI O 1 2 ? -5.350  15.034  -15.725 1.00 91.40  ? 216 PHI P CB  1 
HETATM 904  C CG  . PHI O 1 2 ? -5.258  16.218  -16.605 1.00 91.40  ? 216 PHI P CG  1 
HETATM 905  C CD1 . PHI O 1 2 ? -6.315  16.439  -17.483 1.00 91.40  ? 216 PHI P CD1 1 
HETATM 906  C CD2 . PHI O 1 2 ? -4.176  17.103  -16.615 1.00 91.40  ? 216 PHI P CD2 1 
HETATM 907  C CE1 . PHI O 1 2 ? -6.292  17.521  -18.349 1.00 91.40  ? 216 PHI P CE1 1 
HETATM 908  C CE2 . PHI O 1 2 ? -4.157  18.194  -17.491 1.00 91.40  ? 216 PHI P CE2 1 
HETATM 909  C CZ  . PHI O 1 2 ? -5.224  18.402  -18.362 1.00 91.40  ? 216 PHI P CZ  1 
HETATM 910  I I   . PHI O 1 2 ? -5.269  19.951  -19.644 1.00 91.40  ? 216 PHI P I   1 
HETATM 911  C C   . PHI O 1 2 ? -4.538  13.620  -13.860 1.00 91.40  ? 216 PHI P C   1 
HETATM 912  O O   . PHI O 1 2 ? -4.466  12.615  -14.553 1.00 91.40  ? 216 PHI P O   1 
ATOM   913  N N   . GLY O 1 3 ? -4.613  13.559  -12.538 1.00 85.10  ? 217 GLY P N   1 
ATOM   914  C CA  . GLY O 1 3 ? -4.647  12.292  -11.841 1.00 85.10  ? 217 GLY P CA  1 
ATOM   915  C C   . GLY O 1 3 ? -6.058  11.846  -12.162 1.00 85.10  ? 217 GLY P C   1 
ATOM   916  O O   . GLY O 1 3 ? -7.024  12.556  -11.907 1.00 85.10  ? 217 GLY P O   1 
ATOM   917  N N   . GLY O 1 4 ? -6.174  10.654  -12.735 1.00 84.70  ? 218 GLY P N   1 
ATOM   918  C CA  . GLY O 1 4 ? -7.463  10.060  -12.994 1.00 84.70  ? 218 GLY P CA  1 
ATOM   919  C C   . GLY O 1 4 ? -7.646  9.110   -11.836 1.00 84.70  ? 218 GLY P C   1 
ATOM   920  O O   . GLY O 1 4 ? -6.899  9.125   -10.863 1.00 84.70  ? 218 GLY P O   1 
ATOM   921  N N   . ASN O 1 5 ? -8.689  8.291   -11.927 1.00 85.67  ? 219 ASN P N   1 
ATOM   922  C CA  . ASN O 1 5 ? -8.898  7.266   -10.909 1.00 85.67  ? 219 ASN P CA  1 
ATOM   923  C C   . ASN O 1 5 ? -7.563  6.663   -10.513 1.00 85.67  ? 219 ASN P C   1 
ATOM   924  O O   . ASN O 1 5 ? -6.791  6.213   -11.364 1.00 85.67  ? 219 ASN P O   1 
ATOM   925  C CB  . ASN O 1 5 ? -9.963  6.262   -11.308 1.00 85.67  ? 219 ASN P CB  1 
ATOM   926  C CG  . ASN O 1 5 ? -10.277 5.309   -10.188 1.00 85.67  ? 219 ASN P CG  1 
ATOM   927  O OD1 . ASN O 1 5 ? -10.113 5.638   -9.018  1.00 85.67  ? 219 ASN P OD1 1 
ATOM   928  N ND2 . ASN O 1 5 ? -10.729 4.123   -10.538 1.00 85.67  ? 219 ASN P ND2 1 
ATOM   929  N N   . ASP O 1 6 ? -7.302  6.624   -9.215  1.00 84.86  ? 220 ASP P N   1 
ATOM   930  C CA  . ASP O 1 6 ? -6.039  6.133   -8.682  1.00 84.86  ? 220 ASP P CA  1 
ATOM   931  C C   . ASP O 1 6 ? -6.959  5.258   -7.851  1.00 84.86  ? 220 ASP P C   1 
ATOM   932  O O   . ASP O 1 6 ? -7.834  5.782   -7.155  1.00 84.86  ? 220 ASP P O   1 
ATOM   933  C CB  . ASP O 1 6 ? -5.158  7.199   -8.052  1.00 84.86  ? 220 ASP P CB  1 
ATOM   934  C CG  . ASP O 1 6 ? -4.377  7.964   -9.069  1.00 84.86  ? 220 ASP P CG  1 
ATOM   935  O OD1 . ASP O 1 6 ? -4.205  7.437   -10.181 1.00 84.86  ? 220 ASP P OD1 1 
ATOM   936  O OD2 . ASP O 1 6 ? -3.964  9.099   -8.770  1.00 84.86  ? 220 ASP P OD2 1 
ATOM   937  N N   . ASN O 1 7 ? -6.836  3.937   -7.947  1.00 88.25  ? 221 ASN P N   1 
ATOM   938  C CA  . ASN O 1 7 ? -7.602  3.063   -7.072  1.00 88.25  ? 221 ASN P CA  1 
ATOM   939  C C   . ASN O 1 7 ? -6.144  2.660   -6.991  1.00 88.25  ? 221 ASN P C   1 
ATOM   940  O O   . ASN O 1 7 ? -5.487  2.485   -8.009  1.00 88.25  ? 221 ASN P O   1 
ATOM   941  C CB  . ASN O 1 7 ? -8.602  2.106   -7.699  1.00 88.25  ? 221 ASN P CB  1 
ATOM   942  C CG  . ASN O 1 7 ? -9.965  2.718   -7.851  1.00 88.25  ? 221 ASN P CG  1 
ATOM   943  O OD1 . ASN O 1 7 ? -10.287 3.701   -7.194  1.00 88.25  ? 221 ASN P OD1 1 
ATOM   944  N ND2 . ASN O 1 7 ? -10.787 2.122   -8.703  1.00 88.25  ? 221 ASN P ND2 1 
HETATM 945  N N   . PHI O 1 8 ? -5.633  2.559   -5.770  1.00 95.60  ? 222 PHI P N   1 
HETATM 946  C CA  . PHI O 1 8 ? -4.231  2.306   -5.580  1.00 95.60  ? 222 PHI P CA  1 
HETATM 947  C CB  . PHI O 1 8 ? -3.127  3.165   -6.244  1.00 95.60  ? 222 PHI P CB  1 
HETATM 948  C CG  . PHI O 1 8 ? -2.406  4.186   -5.437  1.00 95.60  ? 222 PHI P CG  1 
HETATM 949  C CD1 . PHI O 1 8 ? -1.011  4.244   -5.529  1.00 95.60  ? 222 PHI P CD1 1 
HETATM 950  C CD2 . PHI O 1 8 ? -3.074  5.111   -4.624  1.00 95.60  ? 222 PHI P CD2 1 
HETATM 951  C CE1 . PHI O 1 8 ? -0.286  5.184   -4.808  1.00 95.60  ? 222 PHI P CE1 1 
HETATM 952  C CE2 . PHI O 1 8 ? -2.347  6.050   -3.894  1.00 95.60  ? 222 PHI P CE2 1 
HETATM 953  C CZ  . PHI O 1 8 ? -0.959  6.084   -3.991  1.00 95.60  ? 222 PHI P CZ  1 
HETATM 954  I I   . PHI O 1 8 ? 0.079   7.447   -2.937  1.00 95.60  ? 222 PHI P I   1 
HETATM 955  C C   . PHI O 1 8 ? -4.079  2.049   -4.093  1.00 95.60  ? 222 PHI P C   1 
HETATM 956  O O   . PHI O 1 8 ? -4.933  2.376   -3.277  1.00 95.60  ? 222 PHI P O   1 
ATOM   957  N N   . GLY O 1 9 ? -2.957  1.421   -3.753  1.00 91.23  ? 223 GLY P N   1 
ATOM   958  C CA  . GLY O 1 9 ? -2.533  1.197   -2.381  1.00 91.23  ? 223 GLY P CA  1 
ATOM   959  C C   . GLY O 1 9 ? -3.529  1.331   -1.244  1.00 91.23  ? 223 GLY P C   1 
ATOM   960  O O   . GLY O 1 9 ? -3.654  2.401   -0.640  1.00 91.23  ? 223 GLY P O   1 
ATOM   961  N N   . GLY P 1 1 ? 14.908  16.740  1.119   1.00 85.27  ? 215 GLY I N   1 
ATOM   962  C CA  . GLY P 1 1 ? 15.581  15.673  1.834   1.00 85.27  ? 215 GLY I CA  1 
ATOM   963  C C   . GLY P 1 1 ? 14.618  14.705  2.480   1.00 85.27  ? 215 GLY I C   1 
ATOM   964  O O   . GLY P 1 1 ? 14.265  14.842  3.649   1.00 85.27  ? 215 GLY I O   1 
HETATM 965  N N   . PHI P 1 2 ? 14.178  13.723  1.711   1.00 89.02  ? 216 PHI I N   1 
HETATM 966  C CA  . PHI P 1 2 ? 13.260  12.754  2.233   1.00 89.02  ? 216 PHI I CA  1 
HETATM 967  C CB  . PHI P 1 2 ? 12.342  12.138  1.151   1.00 89.02  ? 216 PHI I CB  1 
HETATM 968  C CG  . PHI P 1 2 ? 10.953  11.868  1.619   1.00 89.02  ? 216 PHI I CG  1 
HETATM 969  C CD1 . PHI P 1 2 ? 10.295  10.708  1.198   1.00 89.02  ? 216 PHI I CD1 1 
HETATM 970  C CD2 . PHI P 1 2 ? 10.278  12.741  2.476   1.00 89.02  ? 216 PHI I CD2 1 
HETATM 971  C CE1 . PHI P 1 2 ? 9.000   10.403  1.616   1.00 89.02  ? 216 PHI I CE1 1 
HETATM 972  C CE2 . PHI P 1 2 ? 8.979   12.441  2.892   1.00 89.02  ? 216 PHI I CE2 1 
HETATM 973  C CZ  . PHI P 1 2 ? 8.336   11.274  2.469   1.00 89.02  ? 216 PHI I CZ  1 
HETATM 974  I I   . PHI P 1 2 ? 6.461   10.842  3.071   1.00 89.02  ? 216 PHI I I   1 
HETATM 975  C C   . PHI P 1 2 ? 14.087  11.678  2.924   1.00 89.02  ? 216 PHI I C   1 
HETATM 976  O O   . PHI P 1 2 ? 15.106  11.184  2.450   1.00 89.02  ? 216 PHI I O   1 
ATOM   977  N N   . GLY P 1 3 ? 13.625  11.316  4.117   1.00 85.90  ? 217 GLY I N   1 
ATOM   978  C CA  . GLY P 1 3 ? 14.289  10.330  4.953   1.00 85.90  ? 217 GLY I CA  1 
ATOM   979  C C   . GLY P 1 3 ? 14.287  8.919   4.403   1.00 85.90  ? 217 GLY I C   1 
ATOM   980  O O   . GLY P 1 3 ? 13.238  8.330   4.159   1.00 85.90  ? 217 GLY I O   1 
ATOM   981  N N   . GLY P 1 4 ? 15.484  8.357   4.247   1.00 85.69  ? 218 GLY I N   1 
ATOM   982  C CA  . GLY P 1 4 ? 15.650  7.140   3.473   1.00 85.69  ? 218 GLY I CA  1 
ATOM   983  C C   . GLY P 1 4 ? 15.033  5.901   4.083   1.00 85.69  ? 218 GLY I C   1 
ATOM   984  O O   . GLY P 1 4 ? 14.987  4.858   3.420   1.00 85.69  ? 218 GLY I O   1 
ATOM   985  N N   . ASN P 1 5 ? 14.598  5.969   5.333   1.00 82.73  ? 219 ASN I N   1 
ATOM   986  C CA  . ASN P 1 5 ? 13.939  4.823   5.936   1.00 82.73  ? 219 ASN I CA  1 
ATOM   987  C C   . ASN P 1 5 ? 12.453  4.752   5.626   1.00 82.73  ? 219 ASN I C   1 
ATOM   988  O O   . ASN P 1 5 ? 11.774  3.864   6.143   1.00 82.73  ? 219 ASN I O   1 
ATOM   989  C CB  . ASN P 1 5 ? 14.169  4.826   7.443   1.00 82.73  ? 219 ASN I CB  1 
ATOM   990  C CG  . ASN P 1 5 ? 15.526  4.277   7.814   1.00 82.73  ? 219 ASN I CG  1 
ATOM   991  O OD1 . ASN P 1 5 ? 16.097  3.483   7.074   1.00 82.73  ? 219 ASN I OD1 1 
ATOM   992  N ND2 . ASN P 1 5 ? 16.055  4.698   8.952   1.00 82.73  ? 219 ASN I ND2 1 
ATOM   993  N N   . ASP P 1 6 ? 11.929  5.657   4.809   1.00 84.44  ? 220 ASP I N   1 
ATOM   994  C CA  . ASP P 1 6 ? 10.503  5.724   4.510   1.00 84.44  ? 220 ASP I CA  1 
ATOM   995  C C   . ASP P 1 6 ? 9.940   4.526   3.754   1.00 84.44  ? 220 ASP I C   1 
ATOM   996  O O   . ASP P 1 6 ? 10.543  4.046   2.792   1.00 84.44  ? 220 ASP I O   1 
ATOM   997  C CB  . ASP P 1 6 ? 10.206  6.974   3.699   1.00 84.44  ? 220 ASP I CB  1 
ATOM   998  C CG  . ASP P 1 6 ? 11.024  7.035   2.451   1.00 84.44  ? 220 ASP I CG  1 
ATOM   999  O OD1 . ASP P 1 6 ? 11.995  6.261   2.369   1.00 84.44  ? 220 ASP I OD1 1 
ATOM   1000 O OD2 . ASP P 1 6 ? 10.678  7.805   1.534   1.00 84.44  ? 220 ASP I OD2 1 
ATOM   1001 N N   . ASN P 1 7 ? 8.786   4.035   4.189   1.00 84.19  ? 221 ASN I N   1 
ATOM   1002 C CA  . ASN P 1 7 ? 7.979   3.132   3.381   1.00 84.19  ? 221 ASN I CA  1 
ATOM   1003 C C   . ASN P 1 7 ? 6.907   3.930   2.665   1.00 84.19  ? 221 ASN I C   1 
ATOM   1004 O O   . ASN P 1 7 ? 6.077   4.562   3.303   1.00 84.19  ? 221 ASN I O   1 
ATOM   1005 C CB  . ASN P 1 7 ? 7.328   2.061   4.243   1.00 84.19  ? 221 ASN I CB  1 
ATOM   1006 C CG  . ASN P 1 7 ? 8.331   1.112   4.830   1.00 84.19  ? 221 ASN I CG  1 
ATOM   1007 O OD1 . ASN P 1 7 ? 9.443   0.994   4.333   1.00 84.19  ? 221 ASN I OD1 1 
ATOM   1008 N ND2 . ASN P 1 7 ? 7.946   0.418   5.891   1.00 84.19  ? 221 ASN I ND2 1 
HETATM 1009 N N   . PHI P 1 8 ? 6.916   3.895   1.341   1.00 87.70  ? 222 PHI I N   1 
HETATM 1010 C CA  . PHI P 1 8 ? 6.033   4.727   0.553   1.00 87.70  ? 222 PHI I CA  1 
HETATM 1011 C CB  . PHI P 1 8 ? 6.794   5.612   -0.454  1.00 87.70  ? 222 PHI I CB  1 
HETATM 1012 C CG  . PHI P 1 8 ? 5.985   6.464   -1.361  1.00 87.70  ? 222 PHI I CG  1 
HETATM 1013 C CD1 . PHI P 1 8 ? 6.304   6.507   -2.716  1.00 87.70  ? 222 PHI I CD1 1 
HETATM 1014 C CD2 . PHI P 1 8 ? 4.931   7.251   -0.902  1.00 87.70  ? 222 PHI I CD2 1 
HETATM 1015 C CE1 . PHI P 1 8 ? 5.586   7.302   -3.602  1.00 87.70  ? 222 PHI I CE1 1 
HETATM 1016 C CE2 . PHI P 1 8 ? 4.211   8.050   -1.790  1.00 87.70  ? 222 PHI I CE2 1 
HETATM 1017 C CZ  . PHI P 1 8 ? 4.535   8.077   -3.141  1.00 87.70  ? 222 PHI I CZ  1 
HETATM 1018 I I   . PHI P 1 8 ? 3.496   9.222   -4.428  1.00 87.70  ? 222 PHI I I   1 
HETATM 1019 C C   . PHI P 1 8 ? 5.057   3.872   -0.209  1.00 87.70  ? 222 PHI I C   1 
HETATM 1020 O O   . PHI P 1 8 ? 5.244   3.456   -1.341  1.00 87.70  ? 222 PHI I O   1 
ATOM   1021 N N   . GLY P 1 9 ? 3.949   3.597   0.460   1.00 84.64  ? 223 GLY I N   1 
ATOM   1022 C CA  . GLY P 1 9 ? 2.963   2.670   -0.057  1.00 84.64  ? 223 GLY I CA  1 
ATOM   1023 C C   . GLY P 1 9 ? 1.997   3.257   -1.057  1.00 84.64  ? 223 GLY I C   1 
ATOM   1024 O O   . GLY P 1 9 ? 2.370   4.125   -1.832  1.00 84.64  ? 223 GLY I O   1 
# 
